data_9E9M
# 
_entry.id   9E9M 
# 
_audit_conform.dict_name       mmcif_pdbx.dic 
_audit_conform.dict_version    5.409 
_audit_conform.dict_location   http://mmcif.pdb.org/dictionaries/ascii/mmcif_pdbx.dic 
# 
loop_
_database_2.database_id 
_database_2.database_code 
_database_2.pdbx_database_accession 
_database_2.pdbx_DOI 
PDB   9E9M         pdb_00009e9m 10.2210/pdb9e9m/pdb 
WWPDB D_1000289841 ?            ?                   
# 
loop_
_pdbx_audit_revision_history.ordinal 
_pdbx_audit_revision_history.data_content_type 
_pdbx_audit_revision_history.major_revision 
_pdbx_audit_revision_history.minor_revision 
_pdbx_audit_revision_history.revision_date 
_pdbx_audit_revision_history.part_number 
1 'Structure model' 1 0 2024-12-11 ? 
2 'Structure model' 1 1 2025-12-24 ? 
3 'Structure model' 1 2 2025-12-31 ? 
# 
_pdbx_audit_revision_details.ordinal             1 
_pdbx_audit_revision_details.revision_ordinal    1 
_pdbx_audit_revision_details.data_content_type   'Structure model' 
_pdbx_audit_revision_details.provider            repository 
_pdbx_audit_revision_details.type                'Initial release' 
_pdbx_audit_revision_details.description         ? 
_pdbx_audit_revision_details.details             ? 
# 
loop_
_pdbx_audit_revision_group.ordinal 
_pdbx_audit_revision_group.revision_ordinal 
_pdbx_audit_revision_group.data_content_type 
_pdbx_audit_revision_group.group 
1 2 'Structure model' 'Database references' 
2 3 'Structure model' 'Database references' 
# 
loop_
_pdbx_audit_revision_category.ordinal 
_pdbx_audit_revision_category.revision_ordinal 
_pdbx_audit_revision_category.data_content_type 
_pdbx_audit_revision_category.category 
1 2 'Structure model' citation        
2 2 'Structure model' citation_author 
3 3 'Structure model' citation        
4 3 'Structure model' citation_author 
# 
loop_
_pdbx_audit_revision_item.ordinal 
_pdbx_audit_revision_item.revision_ordinal 
_pdbx_audit_revision_item.data_content_type 
_pdbx_audit_revision_item.item 
1 2 'Structure model' '_citation.country'              
2 2 'Structure model' '_citation.journal_abbrev'       
3 2 'Structure model' '_citation.journal_id_CSD'       
4 2 'Structure model' '_citation.journal_id_ISSN'      
5 2 'Structure model' '_citation.pdbx_database_id_DOI' 
6 2 'Structure model' '_citation.title'                
7 2 'Structure model' '_citation.year'                 
# 
_pdbx_database_status.status_code                     REL 
_pdbx_database_status.status_code_sf                  REL 
_pdbx_database_status.status_code_mr                  ? 
_pdbx_database_status.entry_id                        9E9M 
_pdbx_database_status.recvd_initial_deposition_date   2024-11-08 
_pdbx_database_status.SG_entry                        N 
_pdbx_database_status.deposit_site                    RCSB 
_pdbx_database_status.process_site                    RCSB 
_pdbx_database_status.status_code_cs                  ? 
_pdbx_database_status.status_code_nmr_data            ? 
_pdbx_database_status.methods_development_category    ? 
_pdbx_database_status.pdb_format_compatible           Y 
# 
_pdbx_contact_author.id                 3 
_pdbx_contact_author.email              sean.johnson@usu.edu 
_pdbx_contact_author.name_first         Sean 
_pdbx_contact_author.name_last          Johnson 
_pdbx_contact_author.name_mi            J 
_pdbx_contact_author.role               'principal investigator/group leader' 
_pdbx_contact_author.identifier_ORCID   0000-0001-7992-2494 
# 
loop_
_audit_author.name 
_audit_author.pdbx_ordinal 
_audit_author.identifier_ORCID 
'Denson, J.M.'  1 0000-0001-9616-6969 
'Shen, R.'      2 0000-0003-2670-1035 
'Hengge, A.C.'  3 0000-0002-5696-2087 
'Johnson, S.J.' 4 0000-0001-7992-2494 
# 
loop_
_citation.abstract 
_citation.abstract_id_CAS 
_citation.book_id_ISBN 
_citation.book_publisher 
_citation.book_publisher_city 
_citation.book_title 
_citation.coordinate_linkage 
_citation.country 
_citation.database_id_Medline 
_citation.details 
_citation.id 
_citation.journal_abbrev 
_citation.journal_id_ASTM 
_citation.journal_id_CSD 
_citation.journal_id_ISSN 
_citation.journal_full 
_citation.journal_issue 
_citation.journal_volume 
_citation.language 
_citation.page_first 
_citation.page_last 
_citation.title 
_citation.year 
_citation.database_id_CSD 
_citation.pdbx_database_id_DOI 
_citation.pdbx_database_id_PubMed 
_citation.pdbx_database_id_patent 
_citation.unpublished_flag 
? ? ? ? ? ? ? US ? ? primary Biorxiv   ? ? 2692-8205 ? ? ? ? ? ? 
'Conformational Dynamics and Catalytic Backups in a Hyper-Thermostable Engineered Archaeal Protein Tyrosine Phosphatase.' 2025 ? 
10.1101/2025.03.26.645524 40196513 ? ? 
? ? ? ? ? ? ? US ? ? 1       'Jacs Au' ? ? 2691-3704 ? ? ? ? ? ? 
'Conformational Dynamics and Catalytic Backups in a Hyper-thermostable Engineered Archaeal Protein Tyrosine Phosphatase'  2025 ? 
10.1021/jacsau.5c00756    ?        ? ? 
# 
loop_
_citation_author.citation_id 
_citation_author.name 
_citation_author.ordinal 
_citation_author.identifier_ORCID 
primary 'Yehorova, D.'       1  0000-0002-4091-4945 
primary 'Alansson, N.'       2  0000-0002-7815-9527 
primary 'Shen, R.'           3  0000-0003-2670-1035 
primary 'Denson, J.M.'       4  0000-0001-9616-6969 
primary 'Robinson, M.'       5  0000-0003-3092-3650 
primary 'Risso, V.A.'        6  0000-0001-8262-8843 
primary 'Molina, N.R.'       7  0000-0002-6775-0725 
primary 'Loria, J.P.'        8  ?                   
primary 'Gaucher, E.A.'      9  0000-0001-6836-0828 
primary 'Sanchez-Ruiz, J.M.' 10 0000-0002-8989-0024 
primary 'Hengge, A.C.'       11 0000-0002-5696-2087 
primary 'Johnson, S.J.'      12 0000-0001-7992-2494 
primary 'Kamerlin, S.C.L.'   13 0000-0002-3190-1173 
1       'Yehorova, D.'       14 ?                   
1       'Alansson, N.'       15 ?                   
1       'Shen, R.'           16 ?                   
1       'Denson, J.M.'       17 ?                   
1       'Robinson, M.'       18 ?                   
1       'Risso, V.A.'        19 ?                   
1       'Ramirez Molina, N.' 20 ?                   
1       'Loria, J.P.'        21 ?                   
1       'Gaucher, E.A.'      22 ?                   
1       'Sanchez-Ruiz, J.M.' 23 ?                   
1       'Hengge, A.C.'       24 ?                   
1       'Johnson, S.J.'      25 ?                   
1       'Kamerlin, S.C.L.'   26 ?                   
# 
loop_
_entity.id 
_entity.type 
_entity.src_method 
_entity.pdbx_description 
_entity.formula_weight 
_entity.pdbx_number_of_molecules 
_entity.pdbx_ec 
_entity.pdbx_mutation 
_entity.pdbx_fragment 
_entity.details 
1 polymer     man ShufPTP       17429.184 1   ? ? ? ? 
2 non-polymer syn 'SULFATE ION' 96.063    2   ? ? ? ? 
3 water       nat water         18.015    129 ? ? ? ? 
# 
_entity_poly.entity_id                      1 
_entity_poly.type                           'polypeptide(L)' 
_entity_poly.nstd_linkage                   no 
_entity_poly.nstd_monomer                   yes 
_entity_poly.pdbx_seq_one_letter_code       
;MWPSARFVDDNVAFSRMPTERELDEVAKDFDAVVVLVEEYELPYSLEEWKKRGVEVLHSPIPDFTAPSLEQLLEILRWIE
ARVREGKKVLIH(CSO)MGGLGRSGTVAVAWLMYSKGLPLREALRRVRSLRPGAVETYEQMEVLKELEKFLRSR
;
_entity_poly.pdbx_seq_one_letter_code_can   
;MWPSARFVDDNVAFSRMPTERELDEVAKDFDAVVVLVEEYELPYSLEEWKKRGVEVLHSPIPDFTAPSLEQLLEILRWIE
ARVREGKKVLIHCMGGLGRSGTVAVAWLMYSKGLPLREALRRVRSLRPGAVETYEQMEVLKELEKFLRSR
;
_entity_poly.pdbx_strand_id                 A 
_entity_poly.pdbx_target_identifier         ? 
# 
loop_
_pdbx_entity_nonpoly.entity_id 
_pdbx_entity_nonpoly.name 
_pdbx_entity_nonpoly.comp_id 
2 'SULFATE ION' SO4 
3 water         HOH 
# 
loop_
_entity_poly_seq.entity_id 
_entity_poly_seq.num 
_entity_poly_seq.mon_id 
_entity_poly_seq.hetero 
1 1   MET n 
1 2   TRP n 
1 3   PRO n 
1 4   SER n 
1 5   ALA n 
1 6   ARG n 
1 7   PHE n 
1 8   VAL n 
1 9   ASP n 
1 10  ASP n 
1 11  ASN n 
1 12  VAL n 
1 13  ALA n 
1 14  PHE n 
1 15  SER n 
1 16  ARG n 
1 17  MET n 
1 18  PRO n 
1 19  THR n 
1 20  GLU n 
1 21  ARG n 
1 22  GLU n 
1 23  LEU n 
1 24  ASP n 
1 25  GLU n 
1 26  VAL n 
1 27  ALA n 
1 28  LYS n 
1 29  ASP n 
1 30  PHE n 
1 31  ASP n 
1 32  ALA n 
1 33  VAL n 
1 34  VAL n 
1 35  VAL n 
1 36  LEU n 
1 37  VAL n 
1 38  GLU n 
1 39  GLU n 
1 40  TYR n 
1 41  GLU n 
1 42  LEU n 
1 43  PRO n 
1 44  TYR n 
1 45  SER n 
1 46  LEU n 
1 47  GLU n 
1 48  GLU n 
1 49  TRP n 
1 50  LYS n 
1 51  LYS n 
1 52  ARG n 
1 53  GLY n 
1 54  VAL n 
1 55  GLU n 
1 56  VAL n 
1 57  LEU n 
1 58  HIS n 
1 59  SER n 
1 60  PRO n 
1 61  ILE n 
1 62  PRO n 
1 63  ASP n 
1 64  PHE n 
1 65  THR n 
1 66  ALA n 
1 67  PRO n 
1 68  SER n 
1 69  LEU n 
1 70  GLU n 
1 71  GLN n 
1 72  LEU n 
1 73  LEU n 
1 74  GLU n 
1 75  ILE n 
1 76  LEU n 
1 77  ARG n 
1 78  TRP n 
1 79  ILE n 
1 80  GLU n 
1 81  ALA n 
1 82  ARG n 
1 83  VAL n 
1 84  ARG n 
1 85  GLU n 
1 86  GLY n 
1 87  LYS n 
1 88  LYS n 
1 89  VAL n 
1 90  LEU n 
1 91  ILE n 
1 92  HIS n 
1 93  CSO n 
1 94  MET n 
1 95  GLY n 
1 96  GLY n 
1 97  LEU n 
1 98  GLY n 
1 99  ARG n 
1 100 SER n 
1 101 GLY n 
1 102 THR n 
1 103 VAL n 
1 104 ALA n 
1 105 VAL n 
1 106 ALA n 
1 107 TRP n 
1 108 LEU n 
1 109 MET n 
1 110 TYR n 
1 111 SER n 
1 112 LYS n 
1 113 GLY n 
1 114 LEU n 
1 115 PRO n 
1 116 LEU n 
1 117 ARG n 
1 118 GLU n 
1 119 ALA n 
1 120 LEU n 
1 121 ARG n 
1 122 ARG n 
1 123 VAL n 
1 124 ARG n 
1 125 SER n 
1 126 LEU n 
1 127 ARG n 
1 128 PRO n 
1 129 GLY n 
1 130 ALA n 
1 131 VAL n 
1 132 GLU n 
1 133 THR n 
1 134 TYR n 
1 135 GLU n 
1 136 GLN n 
1 137 MET n 
1 138 GLU n 
1 139 VAL n 
1 140 LEU n 
1 141 LYS n 
1 142 GLU n 
1 143 LEU n 
1 144 GLU n 
1 145 LYS n 
1 146 PHE n 
1 147 LEU n 
1 148 ARG n 
1 149 SER n 
1 150 ARG n 
# 
_entity_src_gen.entity_id                          1 
_entity_src_gen.pdbx_src_id                        1 
_entity_src_gen.pdbx_alt_source_flag               sample 
_entity_src_gen.pdbx_seq_type                      'Biological sequence' 
_entity_src_gen.pdbx_beg_seq_num                   1 
_entity_src_gen.pdbx_end_seq_num                   150 
_entity_src_gen.gene_src_common_name               ? 
_entity_src_gen.gene_src_genus                     ? 
_entity_src_gen.pdbx_gene_src_gene                 ? 
_entity_src_gen.gene_src_species                   ? 
_entity_src_gen.gene_src_strain                    ? 
_entity_src_gen.gene_src_tissue                    ? 
_entity_src_gen.gene_src_tissue_fraction           ? 
_entity_src_gen.gene_src_details                   ? 
_entity_src_gen.pdbx_gene_src_fragment             ? 
_entity_src_gen.pdbx_gene_src_scientific_name      'synthetic construct' 
_entity_src_gen.pdbx_gene_src_ncbi_taxonomy_id     32630 
_entity_src_gen.pdbx_gene_src_variant              ? 
_entity_src_gen.pdbx_gene_src_cell_line            ? 
_entity_src_gen.pdbx_gene_src_atcc                 ? 
_entity_src_gen.pdbx_gene_src_organ                ? 
_entity_src_gen.pdbx_gene_src_organelle            ? 
_entity_src_gen.pdbx_gene_src_cell                 ? 
_entity_src_gen.pdbx_gene_src_cellular_location    ? 
_entity_src_gen.host_org_common_name               ? 
_entity_src_gen.pdbx_host_org_scientific_name      'Escherichia coli' 
_entity_src_gen.pdbx_host_org_ncbi_taxonomy_id     562 
_entity_src_gen.host_org_genus                     ? 
_entity_src_gen.pdbx_host_org_gene                 ? 
_entity_src_gen.pdbx_host_org_organ                ? 
_entity_src_gen.host_org_species                   ? 
_entity_src_gen.pdbx_host_org_tissue               ? 
_entity_src_gen.pdbx_host_org_tissue_fraction      ? 
_entity_src_gen.pdbx_host_org_strain               ? 
_entity_src_gen.pdbx_host_org_variant              ? 
_entity_src_gen.pdbx_host_org_cell_line            ? 
_entity_src_gen.pdbx_host_org_atcc                 ? 
_entity_src_gen.pdbx_host_org_culture_collection   ? 
_entity_src_gen.pdbx_host_org_cell                 ? 
_entity_src_gen.pdbx_host_org_organelle            ? 
_entity_src_gen.pdbx_host_org_cellular_location    ? 
_entity_src_gen.pdbx_host_org_vector_type          ? 
_entity_src_gen.pdbx_host_org_vector               ? 
_entity_src_gen.host_org_details                   ? 
_entity_src_gen.expression_system_id               ? 
_entity_src_gen.plasmid_name                       ? 
_entity_src_gen.plasmid_details                    ? 
_entity_src_gen.pdbx_description                   ? 
# 
loop_
_chem_comp.id 
_chem_comp.type 
_chem_comp.mon_nstd_flag 
_chem_comp.name 
_chem_comp.pdbx_synonyms 
_chem_comp.formula 
_chem_comp.formula_weight 
ALA 'L-peptide linking' y ALANINE           ? 'C3 H7 N O2'     89.093  
ARG 'L-peptide linking' y ARGININE          ? 'C6 H15 N4 O2 1' 175.209 
ASN 'L-peptide linking' y ASPARAGINE        ? 'C4 H8 N2 O3'    132.118 
ASP 'L-peptide linking' y 'ASPARTIC ACID'   ? 'C4 H7 N O4'     133.103 
CSO 'L-peptide linking' n S-HYDROXYCYSTEINE ? 'C3 H7 N O3 S'   137.158 
GLN 'L-peptide linking' y GLUTAMINE         ? 'C5 H10 N2 O3'   146.144 
GLU 'L-peptide linking' y 'GLUTAMIC ACID'   ? 'C5 H9 N O4'     147.129 
GLY 'peptide linking'   y GLYCINE           ? 'C2 H5 N O2'     75.067  
HIS 'L-peptide linking' y HISTIDINE         ? 'C6 H10 N3 O2 1' 156.162 
HOH non-polymer         . WATER             ? 'H2 O'           18.015  
ILE 'L-peptide linking' y ISOLEUCINE        ? 'C6 H13 N O2'    131.173 
LEU 'L-peptide linking' y LEUCINE           ? 'C6 H13 N O2'    131.173 
LYS 'L-peptide linking' y LYSINE            ? 'C6 H15 N2 O2 1' 147.195 
MET 'L-peptide linking' y METHIONINE        ? 'C5 H11 N O2 S'  149.211 
PHE 'L-peptide linking' y PHENYLALANINE     ? 'C9 H11 N O2'    165.189 
PRO 'L-peptide linking' y PROLINE           ? 'C5 H9 N O2'     115.130 
SER 'L-peptide linking' y SERINE            ? 'C3 H7 N O3'     105.093 
SO4 non-polymer         . 'SULFATE ION'     ? 'O4 S -2'        96.063  
THR 'L-peptide linking' y THREONINE         ? 'C4 H9 N O3'     119.119 
TRP 'L-peptide linking' y TRYPTOPHAN        ? 'C11 H12 N2 O2'  204.225 
TYR 'L-peptide linking' y TYROSINE          ? 'C9 H11 N O3'    181.189 
VAL 'L-peptide linking' y VALINE            ? 'C5 H11 N O2'    117.146 
# 
loop_
_pdbx_poly_seq_scheme.asym_id 
_pdbx_poly_seq_scheme.entity_id 
_pdbx_poly_seq_scheme.seq_id 
_pdbx_poly_seq_scheme.mon_id 
_pdbx_poly_seq_scheme.ndb_seq_num 
_pdbx_poly_seq_scheme.pdb_seq_num 
_pdbx_poly_seq_scheme.auth_seq_num 
_pdbx_poly_seq_scheme.pdb_mon_id 
_pdbx_poly_seq_scheme.auth_mon_id 
_pdbx_poly_seq_scheme.pdb_strand_id 
_pdbx_poly_seq_scheme.pdb_ins_code 
_pdbx_poly_seq_scheme.hetero 
A 1 1   MET 1   1   1   MET MET A . n 
A 1 2   TRP 2   2   2   TRP TRP A . n 
A 1 3   PRO 3   3   3   PRO PRO A . n 
A 1 4   SER 4   4   4   SER SER A . n 
A 1 5   ALA 5   5   5   ALA ALA A . n 
A 1 6   ARG 6   6   6   ARG ARG A . n 
A 1 7   PHE 7   7   7   PHE PHE A . n 
A 1 8   VAL 8   8   8   VAL VAL A . n 
A 1 9   ASP 9   9   9   ASP ASP A . n 
A 1 10  ASP 10  10  10  ASP ASP A . n 
A 1 11  ASN 11  11  11  ASN ASN A . n 
A 1 12  VAL 12  12  12  VAL VAL A . n 
A 1 13  ALA 13  13  13  ALA ALA A . n 
A 1 14  PHE 14  14  14  PHE PHE A . n 
A 1 15  SER 15  15  15  SER SER A . n 
A 1 16  ARG 16  16  16  ARG ARG A . n 
A 1 17  MET 17  17  17  MET MET A . n 
A 1 18  PRO 18  18  18  PRO PRO A . n 
A 1 19  THR 19  19  19  THR THR A . n 
A 1 20  GLU 20  20  20  GLU GLU A . n 
A 1 21  ARG 21  21  21  ARG ARG A . n 
A 1 22  GLU 22  22  22  GLU GLU A . n 
A 1 23  LEU 23  23  23  LEU LEU A . n 
A 1 24  ASP 24  24  24  ASP ASP A . n 
A 1 25  GLU 25  25  25  GLU GLU A . n 
A 1 26  VAL 26  26  26  VAL VAL A . n 
A 1 27  ALA 27  27  27  ALA ALA A . n 
A 1 28  LYS 28  28  28  LYS LYS A . n 
A 1 29  ASP 29  29  29  ASP ASP A . n 
A 1 30  PHE 30  30  30  PHE PHE A . n 
A 1 31  ASP 31  31  31  ASP ASP A . n 
A 1 32  ALA 32  32  32  ALA ALA A . n 
A 1 33  VAL 33  33  33  VAL VAL A . n 
A 1 34  VAL 34  34  34  VAL VAL A . n 
A 1 35  VAL 35  35  35  VAL VAL A . n 
A 1 36  LEU 36  36  36  LEU LEU A . n 
A 1 37  VAL 37  37  37  VAL VAL A . n 
A 1 38  GLU 38  38  38  GLU GLU A . n 
A 1 39  GLU 39  39  39  GLU GLU A . n 
A 1 40  TYR 40  40  40  TYR TYR A . n 
A 1 41  GLU 41  41  41  GLU GLU A . n 
A 1 42  LEU 42  42  42  LEU LEU A . n 
A 1 43  PRO 43  43  43  PRO PRO A . n 
A 1 44  TYR 44  44  44  TYR TYR A . n 
A 1 45  SER 45  45  45  SER SER A . n 
A 1 46  LEU 46  46  46  LEU LEU A . n 
A 1 47  GLU 47  47  47  GLU GLU A . n 
A 1 48  GLU 48  48  48  GLU GLU A . n 
A 1 49  TRP 49  49  49  TRP TRP A . n 
A 1 50  LYS 50  50  50  LYS LYS A . n 
A 1 51  LYS 51  51  51  LYS LYS A . n 
A 1 52  ARG 52  52  52  ARG ARG A . n 
A 1 53  GLY 53  53  53  GLY GLY A . n 
A 1 54  VAL 54  54  54  VAL VAL A . n 
A 1 55  GLU 55  55  55  GLU GLU A . n 
A 1 56  VAL 56  56  56  VAL VAL A . n 
A 1 57  LEU 57  57  57  LEU LEU A . n 
A 1 58  HIS 58  58  58  HIS HIS A . n 
A 1 59  SER 59  59  59  SER SER A . n 
A 1 60  PRO 60  60  60  PRO PRO A . n 
A 1 61  ILE 61  61  61  ILE ILE A . n 
A 1 62  PRO 62  62  62  PRO PRO A . n 
A 1 63  ASP 63  63  63  ASP ASP A . n 
A 1 64  PHE 64  64  64  PHE PHE A . n 
A 1 65  THR 65  65  65  THR THR A . n 
A 1 66  ALA 66  66  66  ALA ALA A . n 
A 1 67  PRO 67  67  67  PRO PRO A . n 
A 1 68  SER 68  68  68  SER SER A . n 
A 1 69  LEU 69  69  69  LEU LEU A . n 
A 1 70  GLU 70  70  70  GLU GLU A . n 
A 1 71  GLN 71  71  71  GLN GLN A . n 
A 1 72  LEU 72  72  72  LEU LEU A . n 
A 1 73  LEU 73  73  73  LEU LEU A . n 
A 1 74  GLU 74  74  74  GLU GLU A . n 
A 1 75  ILE 75  75  75  ILE ILE A . n 
A 1 76  LEU 76  76  76  LEU LEU A . n 
A 1 77  ARG 77  77  77  ARG ARG A . n 
A 1 78  TRP 78  78  78  TRP TRP A . n 
A 1 79  ILE 79  79  79  ILE ILE A . n 
A 1 80  GLU 80  80  80  GLU GLU A . n 
A 1 81  ALA 81  81  81  ALA ALA A . n 
A 1 82  ARG 82  82  82  ARG ARG A . n 
A 1 83  VAL 83  83  83  VAL VAL A . n 
A 1 84  ARG 84  84  84  ARG ARG A . n 
A 1 85  GLU 85  85  85  GLU GLU A . n 
A 1 86  GLY 86  86  86  GLY GLY A . n 
A 1 87  LYS 87  87  87  LYS LYS A . n 
A 1 88  LYS 88  88  88  LYS LYS A . n 
A 1 89  VAL 89  89  89  VAL VAL A . n 
A 1 90  LEU 90  90  90  LEU LEU A . n 
A 1 91  ILE 91  91  91  ILE ILE A . n 
A 1 92  HIS 92  92  92  HIS HIS A . n 
A 1 93  CSO 93  93  93  CSO CSO A . n 
A 1 94  MET 94  94  94  MET MET A . n 
A 1 95  GLY 95  95  95  GLY GLY A . n 
A 1 96  GLY 96  96  96  GLY GLY A . n 
A 1 97  LEU 97  97  97  LEU LEU A . n 
A 1 98  GLY 98  98  98  GLY GLY A . n 
A 1 99  ARG 99  99  99  ARG ARG A . n 
A 1 100 SER 100 100 100 SER SER A . n 
A 1 101 GLY 101 101 101 GLY GLY A . n 
A 1 102 THR 102 102 102 THR THR A . n 
A 1 103 VAL 103 103 103 VAL VAL A . n 
A 1 104 ALA 104 104 104 ALA ALA A . n 
A 1 105 VAL 105 105 105 VAL VAL A . n 
A 1 106 ALA 106 106 106 ALA ALA A . n 
A 1 107 TRP 107 107 107 TRP TRP A . n 
A 1 108 LEU 108 108 108 LEU LEU A . n 
A 1 109 MET 109 109 109 MET MET A . n 
A 1 110 TYR 110 110 110 TYR TYR A . n 
A 1 111 SER 111 111 111 SER SER A . n 
A 1 112 LYS 112 112 112 LYS LYS A . n 
A 1 113 GLY 113 113 113 GLY GLY A . n 
A 1 114 LEU 114 114 114 LEU LEU A . n 
A 1 115 PRO 115 115 115 PRO PRO A . n 
A 1 116 LEU 116 116 116 LEU LEU A . n 
A 1 117 ARG 117 117 117 ARG ARG A . n 
A 1 118 GLU 118 118 118 GLU GLU A . n 
A 1 119 ALA 119 119 119 ALA ALA A . n 
A 1 120 LEU 120 120 120 LEU LEU A . n 
A 1 121 ARG 121 121 121 ARG ARG A . n 
A 1 122 ARG 122 122 122 ARG ARG A . n 
A 1 123 VAL 123 123 123 VAL VAL A . n 
A 1 124 ARG 124 124 124 ARG ARG A . n 
A 1 125 SER 125 125 125 SER SER A . n 
A 1 126 LEU 126 126 126 LEU LEU A . n 
A 1 127 ARG 127 127 127 ARG ARG A . n 
A 1 128 PRO 128 128 128 PRO PRO A . n 
A 1 129 GLY 129 129 129 GLY GLY A . n 
A 1 130 ALA 130 130 130 ALA ALA A . n 
A 1 131 VAL 131 131 131 VAL VAL A . n 
A 1 132 GLU 132 132 132 GLU GLU A . n 
A 1 133 THR 133 133 133 THR THR A . n 
A 1 134 TYR 134 134 134 TYR TYR A . n 
A 1 135 GLU 135 135 135 GLU GLU A . n 
A 1 136 GLN 136 136 136 GLN GLN A . n 
A 1 137 MET 137 137 137 MET MET A . n 
A 1 138 GLU 138 138 138 GLU GLU A . n 
A 1 139 VAL 139 139 139 VAL VAL A . n 
A 1 140 LEU 140 140 140 LEU LEU A . n 
A 1 141 LYS 141 141 141 LYS LYS A . n 
A 1 142 GLU 142 142 142 GLU GLU A . n 
A 1 143 LEU 143 143 143 LEU LEU A . n 
A 1 144 GLU 144 144 144 GLU GLU A . n 
A 1 145 LYS 145 145 145 LYS LYS A . n 
A 1 146 PHE 146 146 146 PHE PHE A . n 
A 1 147 LEU 147 147 147 LEU LEU A . n 
A 1 148 ARG 148 148 148 ARG ARG A . n 
A 1 149 SER 149 149 ?   ?   ?   A . n 
A 1 150 ARG 150 150 ?   ?   ?   A . n 
# 
loop_
_pdbx_nonpoly_scheme.asym_id 
_pdbx_nonpoly_scheme.entity_id 
_pdbx_nonpoly_scheme.mon_id 
_pdbx_nonpoly_scheme.ndb_seq_num 
_pdbx_nonpoly_scheme.pdb_seq_num 
_pdbx_nonpoly_scheme.auth_seq_num 
_pdbx_nonpoly_scheme.pdb_mon_id 
_pdbx_nonpoly_scheme.auth_mon_id 
_pdbx_nonpoly_scheme.pdb_strand_id 
_pdbx_nonpoly_scheme.pdb_ins_code 
B 2 SO4 1   201 201 SO4 SO4 A . 
C 2 SO4 1   202 201 SO4 SO4 A . 
D 3 HOH 1   301 115 HOH HOH A . 
D 3 HOH 2   302 114 HOH HOH A . 
D 3 HOH 3   303 127 HOH HOH A . 
D 3 HOH 4   304 116 HOH HOH A . 
D 3 HOH 5   305 119 HOH HOH A . 
D 3 HOH 6   306 58  HOH HOH A . 
D 3 HOH 7   307 85  HOH HOH A . 
D 3 HOH 8   308 50  HOH HOH A . 
D 3 HOH 9   309 61  HOH HOH A . 
D 3 HOH 10  310 100 HOH HOH A . 
D 3 HOH 11  311 51  HOH HOH A . 
D 3 HOH 12  312 25  HOH HOH A . 
D 3 HOH 13  313 32  HOH HOH A . 
D 3 HOH 14  314 1   HOH HOH A . 
D 3 HOH 15  315 29  HOH HOH A . 
D 3 HOH 16  316 3   HOH HOH A . 
D 3 HOH 17  317 71  HOH HOH A . 
D 3 HOH 18  318 36  HOH HOH A . 
D 3 HOH 19  319 92  HOH HOH A . 
D 3 HOH 20  320 52  HOH HOH A . 
D 3 HOH 21  321 43  HOH HOH A . 
D 3 HOH 22  322 120 HOH HOH A . 
D 3 HOH 23  323 66  HOH HOH A . 
D 3 HOH 24  324 12  HOH HOH A . 
D 3 HOH 25  325 101 HOH HOH A . 
D 3 HOH 26  326 8   HOH HOH A . 
D 3 HOH 27  327 6   HOH HOH A . 
D 3 HOH 28  328 88  HOH HOH A . 
D 3 HOH 29  329 34  HOH HOH A . 
D 3 HOH 30  330 72  HOH HOH A . 
D 3 HOH 31  331 106 HOH HOH A . 
D 3 HOH 32  332 22  HOH HOH A . 
D 3 HOH 33  333 42  HOH HOH A . 
D 3 HOH 34  334 13  HOH HOH A . 
D 3 HOH 35  335 28  HOH HOH A . 
D 3 HOH 36  336 19  HOH HOH A . 
D 3 HOH 37  337 38  HOH HOH A . 
D 3 HOH 38  338 53  HOH HOH A . 
D 3 HOH 39  339 7   HOH HOH A . 
D 3 HOH 40  340 91  HOH HOH A . 
D 3 HOH 41  341 79  HOH HOH A . 
D 3 HOH 42  342 48  HOH HOH A . 
D 3 HOH 43  343 14  HOH HOH A . 
D 3 HOH 44  344 64  HOH HOH A . 
D 3 HOH 45  345 15  HOH HOH A . 
D 3 HOH 46  346 21  HOH HOH A . 
D 3 HOH 47  347 54  HOH HOH A . 
D 3 HOH 48  348 11  HOH HOH A . 
D 3 HOH 49  349 69  HOH HOH A . 
D 3 HOH 50  350 2   HOH HOH A . 
D 3 HOH 51  351 55  HOH HOH A . 
D 3 HOH 52  352 74  HOH HOH A . 
D 3 HOH 53  353 30  HOH HOH A . 
D 3 HOH 54  354 128 HOH HOH A . 
D 3 HOH 55  355 37  HOH HOH A . 
D 3 HOH 56  356 24  HOH HOH A . 
D 3 HOH 57  357 9   HOH HOH A . 
D 3 HOH 58  358 57  HOH HOH A . 
D 3 HOH 59  359 39  HOH HOH A . 
D 3 HOH 60  360 5   HOH HOH A . 
D 3 HOH 61  361 31  HOH HOH A . 
D 3 HOH 62  362 56  HOH HOH A . 
D 3 HOH 63  363 47  HOH HOH A . 
D 3 HOH 64  364 45  HOH HOH A . 
D 3 HOH 65  365 104 HOH HOH A . 
D 3 HOH 66  366 75  HOH HOH A . 
D 3 HOH 67  367 96  HOH HOH A . 
D 3 HOH 68  368 41  HOH HOH A . 
D 3 HOH 69  369 46  HOH HOH A . 
D 3 HOH 70  370 60  HOH HOH A . 
D 3 HOH 71  371 23  HOH HOH A . 
D 3 HOH 72  372 20  HOH HOH A . 
D 3 HOH 73  373 83  HOH HOH A . 
D 3 HOH 74  374 27  HOH HOH A . 
D 3 HOH 75  375 76  HOH HOH A . 
D 3 HOH 76  376 26  HOH HOH A . 
D 3 HOH 77  377 10  HOH HOH A . 
D 3 HOH 78  378 17  HOH HOH A . 
D 3 HOH 79  379 33  HOH HOH A . 
D 3 HOH 80  380 105 HOH HOH A . 
D 3 HOH 81  381 4   HOH HOH A . 
D 3 HOH 82  382 16  HOH HOH A . 
D 3 HOH 83  383 18  HOH HOH A . 
D 3 HOH 84  384 35  HOH HOH A . 
D 3 HOH 85  385 95  HOH HOH A . 
D 3 HOH 86  386 103 HOH HOH A . 
D 3 HOH 87  387 59  HOH HOH A . 
D 3 HOH 88  388 93  HOH HOH A . 
D 3 HOH 89  389 98  HOH HOH A . 
D 3 HOH 90  390 44  HOH HOH A . 
D 3 HOH 91  391 125 HOH HOH A . 
D 3 HOH 92  392 97  HOH HOH A . 
D 3 HOH 93  393 94  HOH HOH A . 
D 3 HOH 94  394 112 HOH HOH A . 
D 3 HOH 95  395 122 HOH HOH A . 
D 3 HOH 96  396 109 HOH HOH A . 
D 3 HOH 97  397 90  HOH HOH A . 
D 3 HOH 98  398 68  HOH HOH A . 
D 3 HOH 99  399 81  HOH HOH A . 
D 3 HOH 100 400 62  HOH HOH A . 
D 3 HOH 101 401 78  HOH HOH A . 
D 3 HOH 102 402 117 HOH HOH A . 
D 3 HOH 103 403 102 HOH HOH A . 
D 3 HOH 104 404 86  HOH HOH A . 
D 3 HOH 105 405 49  HOH HOH A . 
D 3 HOH 106 406 123 HOH HOH A . 
D 3 HOH 107 407 63  HOH HOH A . 
D 3 HOH 108 408 77  HOH HOH A . 
D 3 HOH 109 409 40  HOH HOH A . 
D 3 HOH 110 410 124 HOH HOH A . 
D 3 HOH 111 411 113 HOH HOH A . 
D 3 HOH 112 412 73  HOH HOH A . 
D 3 HOH 113 413 82  HOH HOH A . 
D 3 HOH 114 414 84  HOH HOH A . 
D 3 HOH 115 415 126 HOH HOH A . 
D 3 HOH 116 416 80  HOH HOH A . 
D 3 HOH 117 417 89  HOH HOH A . 
D 3 HOH 118 418 99  HOH HOH A . 
D 3 HOH 119 419 108 HOH HOH A . 
D 3 HOH 120 420 110 HOH HOH A . 
D 3 HOH 121 421 118 HOH HOH A . 
D 3 HOH 122 422 87  HOH HOH A . 
D 3 HOH 123 423 111 HOH HOH A . 
D 3 HOH 124 424 65  HOH HOH A . 
D 3 HOH 125 425 129 HOH HOH A . 
D 3 HOH 126 426 70  HOH HOH A . 
D 3 HOH 127 427 67  HOH HOH A . 
D 3 HOH 128 428 107 HOH HOH A . 
D 3 HOH 129 429 121 HOH HOH A . 
# 
loop_
_software.citation_id 
_software.classification 
_software.compiler_name 
_software.compiler_version 
_software.contact_author 
_software.contact_author_email 
_software.date 
_software.description 
_software.dependencies 
_software.hardware 
_software.language 
_software.location 
_software.mods 
_software.name 
_software.os 
_software.os_version 
_software.type 
_software.version 
_software.pdbx_ordinal 
? 'data extraction' ? ? ? ? ? ? ? ? ? ? ? PDB_EXTRACT ? ? ? .           1 
? refinement        ? ? ? ? ? ? ? ? ? ? ? PHENIX      ? ? ? 1.20.1_4487 2 
? 'data scaling'    ? ? ? ? ? ? ? ? ? ? ? HKL-3000    ? ? ? .           3 
? 'data reduction'  ? ? ? ? ? ? ? ? ? ? ? HKL-3000    ? ? ? .           4 
? phasing           ? ? ? ? ? ? ? ? ? ? ? PHASER      ? ? ? .           5 
# 
_cell.angle_alpha                  90.000 
_cell.angle_alpha_esd              ? 
_cell.angle_beta                   90.000 
_cell.angle_beta_esd               ? 
_cell.angle_gamma                  120.000 
_cell.angle_gamma_esd              ? 
_cell.entry_id                     9E9M 
_cell.details                      ? 
_cell.formula_units_Z              ? 
_cell.length_a                     86.032 
_cell.length_a_esd                 ? 
_cell.length_b                     86.032 
_cell.length_b_esd                 ? 
_cell.length_c                     32.198 
_cell.length_c_esd                 ? 
_cell.volume                       206385.683 
_cell.volume_esd                   ? 
_cell.Z_PDB                        6 
_cell.reciprocal_angle_alpha       ? 
_cell.reciprocal_angle_beta        ? 
_cell.reciprocal_angle_gamma       ? 
_cell.reciprocal_angle_alpha_esd   ? 
_cell.reciprocal_angle_beta_esd    ? 
_cell.reciprocal_angle_gamma_esd   ? 
_cell.reciprocal_length_a          ? 
_cell.reciprocal_length_b          ? 
_cell.reciprocal_length_c          ? 
_cell.reciprocal_length_a_esd      ? 
_cell.reciprocal_length_b_esd      ? 
_cell.reciprocal_length_c_esd      ? 
_cell.pdbx_unique_axis             ? 
_cell.pdbx_esd_method              ? 
# 
_symmetry.entry_id                         9E9M 
_symmetry.cell_setting                     ? 
_symmetry.Int_Tables_number                169 
_symmetry.space_group_name_Hall            'P 61' 
_symmetry.space_group_name_H-M             'P 61' 
_symmetry.pdbx_full_space_group_name_H-M   ? 
# 
_exptl.absorpt_coefficient_mu     ? 
_exptl.absorpt_correction_T_max   ? 
_exptl.absorpt_correction_T_min   ? 
_exptl.absorpt_correction_type    ? 
_exptl.absorpt_process_details    ? 
_exptl.entry_id                   9E9M 
_exptl.crystals_number            1 
_exptl.details                    ? 
_exptl.method                     'X-RAY DIFFRACTION' 
_exptl.method_details             ? 
# 
_exptl_crystal.colour                       ? 
_exptl_crystal.density_diffrn               ? 
_exptl_crystal.density_Matthews             2.04 
_exptl_crystal.density_method               ? 
_exptl_crystal.density_percent_sol          39.7 
_exptl_crystal.description                  ? 
_exptl_crystal.F_000                        ? 
_exptl_crystal.id                           1 
_exptl_crystal.preparation                  ? 
_exptl_crystal.size_max                     ? 
_exptl_crystal.size_mid                     ? 
_exptl_crystal.size_min                     ? 
_exptl_crystal.size_rad                     ? 
_exptl_crystal.colour_lustre                ? 
_exptl_crystal.colour_modifier              ? 
_exptl_crystal.colour_primary               ? 
_exptl_crystal.density_meas                 ? 
_exptl_crystal.density_meas_esd             ? 
_exptl_crystal.density_meas_gt              ? 
_exptl_crystal.density_meas_lt              ? 
_exptl_crystal.density_meas_temp            ? 
_exptl_crystal.density_meas_temp_esd        ? 
_exptl_crystal.density_meas_temp_gt         ? 
_exptl_crystal.density_meas_temp_lt         ? 
_exptl_crystal.pdbx_crystal_image_url       ? 
_exptl_crystal.pdbx_crystal_image_format    ? 
_exptl_crystal.pdbx_mosaicity               ? 
_exptl_crystal.pdbx_mosaicity_esd           ? 
_exptl_crystal.pdbx_mosaic_method           ? 
_exptl_crystal.pdbx_mosaic_block_size       ? 
_exptl_crystal.pdbx_mosaic_block_size_esd   ? 
# 
_exptl_crystal_grow.apparatus       ? 
_exptl_crystal_grow.atmosphere      ? 
_exptl_crystal_grow.crystal_id      1 
_exptl_crystal_grow.details         ? 
_exptl_crystal_grow.method          'VAPOR DIFFUSION, HANGING DROP' 
_exptl_crystal_grow.method_ref      ? 
_exptl_crystal_grow.pH              10.5 
_exptl_crystal_grow.pressure        ? 
_exptl_crystal_grow.pressure_esd    ? 
_exptl_crystal_grow.seeding         ? 
_exptl_crystal_grow.seeding_ref     ? 
_exptl_crystal_grow.temp_details    ? 
_exptl_crystal_grow.temp_esd        ? 
_exptl_crystal_grow.time            ? 
_exptl_crystal_grow.pdbx_details    
;8 mg/mL protein, 0.1 M CAPS, 30% PEG 400 at a 1:1:0.2 protein/well/additive screen. The additive screen contains 0.2 M (NH4)2SO4, 20-30% PEG 4000, and 10-35% glycerol.
;
_exptl_crystal_grow.pdbx_pH_range   ? 
_exptl_crystal_grow.temp            298.15 
# 
_diffrn.ambient_environment              ? 
_diffrn.ambient_temp                     100 
_diffrn.ambient_temp_details             ? 
_diffrn.ambient_temp_esd                 ? 
_diffrn.crystal_id                       1 
_diffrn.crystal_support                  ? 
_diffrn.crystal_treatment                ? 
_diffrn.details                          ? 
_diffrn.id                               1 
_diffrn.ambient_pressure                 ? 
_diffrn.ambient_pressure_esd             ? 
_diffrn.ambient_pressure_gt              ? 
_diffrn.ambient_pressure_lt              ? 
_diffrn.ambient_temp_gt                  ? 
_diffrn.ambient_temp_lt                  ? 
_diffrn.pdbx_serial_crystal_experiment   N 
# 
_diffrn_detector.details                      ? 
_diffrn_detector.detector                     'IMAGE PLATE' 
_diffrn_detector.diffrn_id                    1 
_diffrn_detector.type                         'RIGAKU RAXIS IV' 
_diffrn_detector.area_resol_mean              ? 
_diffrn_detector.dtime                        ? 
_diffrn_detector.pdbx_frames_total            ? 
_diffrn_detector.pdbx_collection_time_total   ? 
_diffrn_detector.pdbx_collection_date         2021-03-19 
_diffrn_detector.pdbx_frequency               ? 
_diffrn_detector.id                           ? 
_diffrn_detector.number_of_axes               ? 
# 
_diffrn_radiation.collimation                      ? 
_diffrn_radiation.diffrn_id                        1 
_diffrn_radiation.filter_edge                      ? 
_diffrn_radiation.inhomogeneity                    ? 
_diffrn_radiation.monochromator                    M 
_diffrn_radiation.polarisn_norm                    ? 
_diffrn_radiation.polarisn_ratio                   ? 
_diffrn_radiation.probe                            ? 
_diffrn_radiation.type                             ? 
_diffrn_radiation.xray_symbol                      ? 
_diffrn_radiation.wavelength_id                    1 
_diffrn_radiation.pdbx_monochromatic_or_laue_m_l   M 
_diffrn_radiation.pdbx_wavelength_list             ? 
_diffrn_radiation.pdbx_wavelength                  ? 
_diffrn_radiation.pdbx_diffrn_protocol             'SINGLE WAVELENGTH' 
_diffrn_radiation.pdbx_analyzer                    ? 
_diffrn_radiation.pdbx_scattering_type             x-ray 
# 
_diffrn_radiation_wavelength.id           1 
_diffrn_radiation_wavelength.wavelength   1.5418 
_diffrn_radiation_wavelength.wt           1.0 
# 
_diffrn_source.current                     ? 
_diffrn_source.details                     ? 
_diffrn_source.diffrn_id                   1 
_diffrn_source.power                       ? 
_diffrn_source.size                        ? 
_diffrn_source.source                      'ROTATING ANODE' 
_diffrn_source.target                      ? 
_diffrn_source.type                        'RIGAKU RU200' 
_diffrn_source.voltage                     ? 
_diffrn_source.take-off_angle              ? 
_diffrn_source.pdbx_wavelength_list        1.5418 
_diffrn_source.pdbx_wavelength             ? 
_diffrn_source.pdbx_synchrotron_beamline   ? 
_diffrn_source.pdbx_synchrotron_site       ? 
# 
_reflns.B_iso_Wilson_estimate                          20.76 
_reflns.entry_id                                       9E9M 
_reflns.data_reduction_details                         ? 
_reflns.data_reduction_method                          ? 
_reflns.d_resolution_high                              1.55 
_reflns.d_resolution_low                               50.00 
_reflns.details                                        ? 
_reflns.limit_h_max                                    ? 
_reflns.limit_h_min                                    ? 
_reflns.limit_k_max                                    ? 
_reflns.limit_k_min                                    ? 
_reflns.limit_l_max                                    ? 
_reflns.limit_l_min                                    ? 
_reflns.number_all                                     ? 
_reflns.number_obs                                     19702 
_reflns.observed_criterion                             ? 
_reflns.observed_criterion_F_max                       ? 
_reflns.observed_criterion_F_min                       ? 
_reflns.observed_criterion_I_max                       ? 
_reflns.observed_criterion_I_min                       ? 
_reflns.observed_criterion_sigma_F                     ? 
_reflns.observed_criterion_sigma_I                     ? 
_reflns.percent_possible_obs                           98.2 
_reflns.R_free_details                                 ? 
_reflns.Rmerge_F_all                                   ? 
_reflns.Rmerge_F_obs                                   ? 
_reflns.Friedel_coverage                               ? 
_reflns.number_gt                                      ? 
_reflns.threshold_expression                           ? 
_reflns.pdbx_redundancy                                19.6 
_reflns.pdbx_netI_over_av_sigmaI                       ? 
_reflns.pdbx_netI_over_sigmaI                          23.4 
_reflns.pdbx_res_netI_over_av_sigmaI_2                 ? 
_reflns.pdbx_res_netI_over_sigmaI_2                    ? 
_reflns.pdbx_chi_squared                               1.045 
_reflns.pdbx_scaling_rejects                           ? 
_reflns.pdbx_d_res_high_opt                            ? 
_reflns.pdbx_d_res_low_opt                             ? 
_reflns.pdbx_d_res_opt_method                          ? 
_reflns.phase_calculation_details                      ? 
_reflns.pdbx_Rrim_I_all                                0.063 
_reflns.pdbx_Rpim_I_all                                0.014 
_reflns.pdbx_d_opt                                     ? 
_reflns.pdbx_number_measured_all                       385923 
_reflns.pdbx_diffrn_id                                 1 
_reflns.pdbx_ordinal                                   1 
_reflns.pdbx_CC_half                                   ? 
_reflns.pdbx_CC_star                                   ? 
_reflns.pdbx_R_split                                   ? 
_reflns.pdbx_Rmerge_I_obs                              0.062 
_reflns.pdbx_Rmerge_I_all                              ? 
_reflns.pdbx_Rsym_value                                ? 
_reflns.pdbx_CC_split_method                           ? 
_reflns.pdbx_aniso_diffraction_limit_axis_1_ortho[1]   ? 
_reflns.pdbx_aniso_diffraction_limit_axis_1_ortho[2]   ? 
_reflns.pdbx_aniso_diffraction_limit_axis_1_ortho[3]   ? 
_reflns.pdbx_aniso_diffraction_limit_axis_2_ortho[1]   ? 
_reflns.pdbx_aniso_diffraction_limit_axis_2_ortho[2]   ? 
_reflns.pdbx_aniso_diffraction_limit_axis_2_ortho[3]   ? 
_reflns.pdbx_aniso_diffraction_limit_axis_3_ortho[1]   ? 
_reflns.pdbx_aniso_diffraction_limit_axis_3_ortho[2]   ? 
_reflns.pdbx_aniso_diffraction_limit_axis_3_ortho[3]   ? 
_reflns.pdbx_aniso_diffraction_limit_1                 ? 
_reflns.pdbx_aniso_diffraction_limit_2                 ? 
_reflns.pdbx_aniso_diffraction_limit_3                 ? 
_reflns.pdbx_aniso_B_tensor_eigenvector_1_ortho[1]     ? 
_reflns.pdbx_aniso_B_tensor_eigenvector_1_ortho[2]     ? 
_reflns.pdbx_aniso_B_tensor_eigenvector_1_ortho[3]     ? 
_reflns.pdbx_aniso_B_tensor_eigenvector_2_ortho[1]     ? 
_reflns.pdbx_aniso_B_tensor_eigenvector_2_ortho[2]     ? 
_reflns.pdbx_aniso_B_tensor_eigenvector_2_ortho[3]     ? 
_reflns.pdbx_aniso_B_tensor_eigenvector_3_ortho[1]     ? 
_reflns.pdbx_aniso_B_tensor_eigenvector_3_ortho[2]     ? 
_reflns.pdbx_aniso_B_tensor_eigenvector_3_ortho[3]     ? 
_reflns.pdbx_aniso_B_tensor_eigenvalue_1               ? 
_reflns.pdbx_aniso_B_tensor_eigenvalue_2               ? 
_reflns.pdbx_aniso_B_tensor_eigenvalue_3               ? 
_reflns.pdbx_orthogonalization_convention              ? 
_reflns.pdbx_percent_possible_ellipsoidal              ? 
_reflns.pdbx_percent_possible_spherical                ? 
_reflns.pdbx_percent_possible_ellipsoidal_anomalous    ? 
_reflns.pdbx_percent_possible_spherical_anomalous      ? 
_reflns.pdbx_redundancy_anomalous                      ? 
_reflns.pdbx_CC_half_anomalous                         ? 
_reflns.pdbx_absDiff_over_sigma_anomalous              ? 
_reflns.pdbx_percent_possible_anomalous                ? 
_reflns.pdbx_observed_signal_threshold                 ? 
_reflns.pdbx_signal_type                               ? 
_reflns.pdbx_signal_details                            ? 
_reflns.pdbx_signal_software_id                        ? 
# 
loop_
_reflns_shell.d_res_high 
_reflns_shell.d_res_low 
_reflns_shell.meanI_over_sigI_all 
_reflns_shell.meanI_over_sigI_obs 
_reflns_shell.number_measured_all 
_reflns_shell.number_measured_obs 
_reflns_shell.number_possible 
_reflns_shell.number_unique_all 
_reflns_shell.number_unique_obs 
_reflns_shell.percent_possible_obs 
_reflns_shell.Rmerge_F_all 
_reflns_shell.Rmerge_F_obs 
_reflns_shell.meanI_over_sigI_gt 
_reflns_shell.meanI_over_uI_all 
_reflns_shell.meanI_over_uI_gt 
_reflns_shell.number_measured_gt 
_reflns_shell.number_unique_gt 
_reflns_shell.percent_possible_gt 
_reflns_shell.Rmerge_F_gt 
_reflns_shell.Rmerge_I_gt 
_reflns_shell.pdbx_redundancy 
_reflns_shell.pdbx_chi_squared 
_reflns_shell.pdbx_netI_over_sigmaI_all 
_reflns_shell.pdbx_netI_over_sigmaI_obs 
_reflns_shell.pdbx_Rrim_I_all 
_reflns_shell.pdbx_Rpim_I_all 
_reflns_shell.pdbx_rejects 
_reflns_shell.pdbx_ordinal 
_reflns_shell.pdbx_diffrn_id 
_reflns_shell.pdbx_CC_half 
_reflns_shell.pdbx_CC_star 
_reflns_shell.pdbx_R_split 
_reflns_shell.percent_possible_all 
_reflns_shell.Rmerge_I_all 
_reflns_shell.Rmerge_I_obs 
_reflns_shell.pdbx_Rsym_value 
_reflns_shell.pdbx_percent_possible_ellipsoidal 
_reflns_shell.pdbx_percent_possible_spherical 
_reflns_shell.pdbx_percent_possible_ellipsoidal_anomalous 
_reflns_shell.pdbx_percent_possible_spherical_anomalous 
_reflns_shell.pdbx_redundancy_anomalous 
_reflns_shell.pdbx_CC_half_anomalous 
_reflns_shell.pdbx_absDiff_over_sigma_anomalous 
_reflns_shell.pdbx_percent_possible_anomalous 
1.55 1.61  ? ? ? ? ? ? 1908 ? ? ? ? ? ? ? ? ? ? ? 16.5 1.060 ? ? 0.551 0.133 ? 1  1 ? ? ? 95.3  ? 0.534 ? ? ? ? ? ? ? ? ? 
1.61 1.67  ? ? ? ? ? ? 1910 ? ? ? ? ? ? ? ? ? ? ? 18.2 1.085 ? ? 0.393 0.091 ? 2  1 ? ? ? 97.0  ? 0.383 ? ? ? ? ? ? ? ? ? 
1.67 1.75  ? ? ? ? ? ? 1921 ? ? ? ? ? ? ? ? ? ? ? 18.1 1.046 ? ? 0.277 0.064 ? 3  1 ? ? ? 97.8  ? 0.269 ? ? ? ? ? ? ? ? ? 
1.75 1.84  ? ? ? ? ? ? 1956 ? ? ? ? ? ? ? ? ? ? ? 18.5 1.055 ? ? 0.204 0.047 ? 4  1 ? ? ? 97.4  ? 0.199 ? ? ? ? ? ? ? ? ? 
1.84 1.95  ? ? ? ? ? ? 1959 ? ? ? ? ? ? ? ? ? ? ? 19.1 1.034 ? ? 0.152 0.034 ? 5  1 ? ? ? 98.0  ? 0.148 ? ? ? ? ? ? ? ? ? 
1.95 2.10  ? ? ? ? ? ? 1951 ? ? ? ? ? ? ? ? ? ? ? 20.0 1.034 ? ? 0.119 0.026 ? 6  1 ? ? ? 98.7  ? 0.116 ? ? ? ? ? ? ? ? ? 
2.10 2.32  ? ? ? ? ? ? 1984 ? ? ? ? ? ? ? ? ? ? ? 21.0 1.083 ? ? 0.093 0.020 ? 7  1 ? ? ? 98.7  ? 0.091 ? ? ? ? ? ? ? ? ? 
2.32 2.65  ? ? ? ? ? ? 2000 ? ? ? ? ? ? ? ? ? ? ? 21.6 1.034 ? ? 0.074 0.016 ? 8  1 ? ? ? 99.7  ? 0.073 ? ? ? ? ? ? ? ? ? 
2.65 3.34  ? ? ? ? ? ? 2018 ? ? ? ? ? ? ? ? ? ? ? 21.7 0.969 ? ? 0.056 0.012 ? 9  1 ? ? ? 99.8  ? 0.055 ? ? ? ? ? ? ? ? ? 
3.34 50.00 ? ? ? ? ? ? 2095 ? ? ? ? ? ? ? ? ? ? ? 20.8 1.067 ? ? 0.043 0.009 ? 10 1 ? ? ? 100.0 ? 0.042 ? ? ? ? ? ? ? ? ? 
# 
_refine.aniso_B[1][1]                            ? 
_refine.aniso_B[1][2]                            ? 
_refine.aniso_B[1][3]                            ? 
_refine.aniso_B[2][2]                            ? 
_refine.aniso_B[2][3]                            ? 
_refine.aniso_B[3][3]                            ? 
_refine.B_iso_max                                ? 
_refine.B_iso_mean                               23.59 
_refine.B_iso_min                                ? 
_refine.correlation_coeff_Fo_to_Fc               ? 
_refine.correlation_coeff_Fo_to_Fc_free          ? 
_refine.details                                  ? 
_refine.diff_density_max                         ? 
_refine.diff_density_max_esd                     ? 
_refine.diff_density_min                         ? 
_refine.diff_density_min_esd                     ? 
_refine.diff_density_rms                         ? 
_refine.diff_density_rms_esd                     ? 
_refine.entry_id                                 9E9M 
_refine.pdbx_refine_id                           'X-RAY DIFFRACTION' 
_refine.ls_abs_structure_details                 ? 
_refine.ls_abs_structure_Flack                   ? 
_refine.ls_abs_structure_Flack_esd               ? 
_refine.ls_abs_structure_Rogers                  ? 
_refine.ls_abs_structure_Rogers_esd              ? 
_refine.ls_d_res_high                            1.55 
_refine.ls_d_res_low                             29.56 
_refine.ls_extinction_coef                       ? 
_refine.ls_extinction_coef_esd                   ? 
_refine.ls_extinction_expression                 ? 
_refine.ls_extinction_method                     ? 
_refine.ls_goodness_of_fit_all                   ? 
_refine.ls_goodness_of_fit_all_esd               ? 
_refine.ls_goodness_of_fit_obs                   ? 
_refine.ls_goodness_of_fit_obs_esd               ? 
_refine.ls_hydrogen_treatment                    ? 
_refine.ls_matrix_type                           ? 
_refine.ls_number_constraints                    ? 
_refine.ls_number_parameters                     ? 
_refine.ls_number_reflns_all                     ? 
_refine.ls_number_reflns_obs                     19687 
_refine.ls_number_reflns_R_free                  992 
_refine.ls_number_reflns_R_work                  18695 
_refine.ls_number_restraints                     ? 
_refine.ls_percent_reflns_obs                    98.25 
_refine.ls_percent_reflns_R_free                 5.04 
_refine.ls_R_factor_all                          ? 
_refine.ls_R_factor_obs                          0.1867 
_refine.ls_R_factor_R_free                       0.2119 
_refine.ls_R_factor_R_free_error                 ? 
_refine.ls_R_factor_R_free_error_details         ? 
_refine.ls_R_factor_R_work                       0.1853 
_refine.ls_R_Fsqd_factor_obs                     ? 
_refine.ls_R_I_factor_obs                        ? 
_refine.ls_redundancy_reflns_all                 ? 
_refine.ls_redundancy_reflns_obs                 ? 
_refine.ls_restrained_S_all                      ? 
_refine.ls_restrained_S_obs                      ? 
_refine.ls_shift_over_esd_max                    ? 
_refine.ls_shift_over_esd_mean                   ? 
_refine.ls_structure_factor_coef                 ? 
_refine.ls_weighting_details                     ? 
_refine.ls_weighting_scheme                      ? 
_refine.ls_wR_factor_all                         ? 
_refine.ls_wR_factor_obs                         ? 
_refine.ls_wR_factor_R_free                      ? 
_refine.ls_wR_factor_R_work                      ? 
_refine.occupancy_max                            ? 
_refine.occupancy_min                            ? 
_refine.solvent_model_details                    'FLAT BULK SOLVENT MODEL' 
_refine.solvent_model_param_bsol                 ? 
_refine.solvent_model_param_ksol                 ? 
_refine.pdbx_R_complete                          ? 
_refine.ls_R_factor_gt                           ? 
_refine.ls_goodness_of_fit_gt                    ? 
_refine.ls_goodness_of_fit_ref                   ? 
_refine.ls_shift_over_su_max                     ? 
_refine.ls_shift_over_su_max_lt                  ? 
_refine.ls_shift_over_su_mean                    ? 
_refine.ls_shift_over_su_mean_lt                 ? 
_refine.pdbx_ls_sigma_I                          ? 
_refine.pdbx_ls_sigma_F                          1.35 
_refine.pdbx_ls_sigma_Fsqd                       ? 
_refine.pdbx_data_cutoff_high_absF               ? 
_refine.pdbx_data_cutoff_high_rms_absF           ? 
_refine.pdbx_data_cutoff_low_absF                ? 
_refine.pdbx_isotropic_thermal_model             ? 
_refine.pdbx_ls_cross_valid_method               'FREE R-VALUE' 
_refine.pdbx_method_to_determine_struct          'MOLECULAR REPLACEMENT' 
_refine.pdbx_starting_model                      ? 
_refine.pdbx_stereochemistry_target_values       'GeoStd + Monomer Library + CDL v1.2' 
_refine.pdbx_R_Free_selection_details            ? 
_refine.pdbx_stereochem_target_val_spec_case     ? 
_refine.pdbx_overall_ESU_R                       ? 
_refine.pdbx_overall_ESU_R_Free                  ? 
_refine.pdbx_solvent_vdw_probe_radii             1.1000 
_refine.pdbx_solvent_ion_probe_radii             ? 
_refine.pdbx_solvent_shrinkage_radii             0.9000 
_refine.pdbx_real_space_R                        ? 
_refine.pdbx_density_correlation                 ? 
_refine.pdbx_pd_number_of_powder_patterns        ? 
_refine.pdbx_pd_number_of_points                 ? 
_refine.pdbx_pd_meas_number_of_points            ? 
_refine.pdbx_pd_proc_ls_prof_R_factor            ? 
_refine.pdbx_pd_proc_ls_prof_wR_factor           ? 
_refine.pdbx_pd_Marquardt_correlation_coeff      ? 
_refine.pdbx_pd_Fsqrd_R_factor                   ? 
_refine.pdbx_pd_ls_matrix_band_width             ? 
_refine.pdbx_overall_phase_error                 24.4925 
_refine.pdbx_overall_SU_R_free_Cruickshank_DPI   ? 
_refine.pdbx_overall_SU_R_free_Blow_DPI          ? 
_refine.pdbx_overall_SU_R_Blow_DPI               ? 
_refine.pdbx_TLS_residual_ADP_flag               ? 
_refine.pdbx_diffrn_id                           1 
_refine.overall_SU_B                             ? 
_refine.overall_SU_ML                            0.1642 
_refine.overall_SU_R_Cruickshank_DPI             ? 
_refine.overall_SU_R_free                        ? 
_refine.overall_FOM_free_R_set                   ? 
_refine.overall_FOM_work_R_set                   ? 
_refine.pdbx_average_fsc_overall                 ? 
_refine.pdbx_average_fsc_work                    ? 
_refine.pdbx_average_fsc_free                    ? 
# 
_refine_hist.pdbx_refine_id                   'X-RAY DIFFRACTION' 
_refine_hist.cycle_id                         LAST 
_refine_hist.details                          ? 
_refine_hist.d_res_high                       1.55 
_refine_hist.d_res_low                        29.56 
_refine_hist.number_atoms_solvent             129 
_refine_hist.number_atoms_total               1346 
_refine_hist.number_reflns_all                ? 
_refine_hist.number_reflns_obs                ? 
_refine_hist.number_reflns_R_free             ? 
_refine_hist.number_reflns_R_work             ? 
_refine_hist.R_factor_all                     ? 
_refine_hist.R_factor_obs                     ? 
_refine_hist.R_factor_R_free                  ? 
_refine_hist.R_factor_R_work                  ? 
_refine_hist.pdbx_number_residues_total       ? 
_refine_hist.pdbx_B_iso_mean_ligand           ? 
_refine_hist.pdbx_B_iso_mean_solvent          ? 
_refine_hist.pdbx_number_atoms_protein        1207 
_refine_hist.pdbx_number_atoms_nucleic_acid   0 
_refine_hist.pdbx_number_atoms_ligand         10 
_refine_hist.pdbx_number_atoms_lipid          ? 
_refine_hist.pdbx_number_atoms_carb           ? 
_refine_hist.pdbx_pseudo_atom_details         ? 
# 
loop_
_refine_ls_restr.pdbx_refine_id 
_refine_ls_restr.criterion 
_refine_ls_restr.dev_ideal 
_refine_ls_restr.dev_ideal_target 
_refine_ls_restr.number 
_refine_ls_restr.rejects 
_refine_ls_restr.type 
_refine_ls_restr.weight 
_refine_ls_restr.pdbx_restraint_function 
'X-RAY DIFFRACTION' ? 0.0066 ? 1255 ? f_bond_d           ? ? 
'X-RAY DIFFRACTION' ? 0.9819 ? 1700 ? f_angle_d          ? ? 
'X-RAY DIFFRACTION' ? 0.0568 ? 185  ? f_chiral_restr     ? ? 
'X-RAY DIFFRACTION' ? 0.0082 ? 216  ? f_plane_restr      ? ? 
'X-RAY DIFFRACTION' ? 8.8501 ? 172  ? f_dihedral_angle_d ? ? 
# 
loop_
_refine_ls_shell.pdbx_refine_id 
_refine_ls_shell.d_res_high 
_refine_ls_shell.d_res_low 
_refine_ls_shell.number_reflns_all 
_refine_ls_shell.number_reflns_obs 
_refine_ls_shell.number_reflns_R_free 
_refine_ls_shell.number_reflns_R_work 
_refine_ls_shell.percent_reflns_obs 
_refine_ls_shell.percent_reflns_R_free 
_refine_ls_shell.R_factor_all 
_refine_ls_shell.R_factor_obs 
_refine_ls_shell.R_factor_R_free_error 
_refine_ls_shell.R_factor_R_work 
_refine_ls_shell.redundancy_reflns_all 
_refine_ls_shell.redundancy_reflns_obs 
_refine_ls_shell.wR_factor_all 
_refine_ls_shell.wR_factor_obs 
_refine_ls_shell.wR_factor_R_free 
_refine_ls_shell.wR_factor_R_work 
_refine_ls_shell.pdbx_R_complete 
_refine_ls_shell.pdbx_total_number_of_bins_used 
_refine_ls_shell.pdbx_phase_error 
_refine_ls_shell.pdbx_fsc_work 
_refine_ls_shell.pdbx_fsc_free 
_refine_ls_shell.R_factor_R_free 
'X-RAY DIFFRACTION' 1.55 1.63  . . 136 2596 96.43  . . . . 0.2308 . . . . . . . . . . . 0.3153 
'X-RAY DIFFRACTION' 1.63 1.73  . . 140 2605 96.89  . . . . 0.1918 . . . . . . . . . . . 0.2246 
'X-RAY DIFFRACTION' 1.73 1.87  . . 141 2628 97.33  . . . . 0.2115 . . . . . . . . . . . 0.2466 
'X-RAY DIFFRACTION' 1.87 2.06  . . 143 2649 98.17  . . . . 0.1862 . . . . . . . . . . . 0.2340 
'X-RAY DIFFRACTION' 2.06 2.35  . . 142 2688 99.16  . . . . 0.1887 . . . . . . . . . . . 0.2066 
'X-RAY DIFFRACTION' 2.35 2.96  . . 143 2732 99.72  . . . . 0.1920 . . . . . . . . . . . 0.1996 
'X-RAY DIFFRACTION' 2.97 29.56 . . 147 2797 100.00 . . . . 0.1716 . . . . . . . . . . . 0.2004 
# 
_struct.entry_id                     9E9M 
_struct.title                        
'Ligand Free Putative Ancestral Protein Tyrosine Phosphatase ShufPTP - C93-Cyclic Sulfenamide - Intermediate p-loop Conformation' 
_struct.pdbx_model_details           ? 
_struct.pdbx_formula_weight          ? 
_struct.pdbx_formula_weight_method   ? 
_struct.pdbx_model_type_details      ? 
_struct.pdbx_CASP_flag               N 
# 
_struct_keywords.entry_id        9E9M 
_struct_keywords.text            'phosphatase, inhibitor, ASR, CSO, Oxidized Cystine, Cyclic Sulfenamide, HYDROLASE' 
_struct_keywords.pdbx_keywords   HYDROLASE 
# 
loop_
_struct_asym.id 
_struct_asym.pdbx_blank_PDB_chainid_flag 
_struct_asym.pdbx_modified 
_struct_asym.entity_id 
_struct_asym.details 
A N N 1 ? 
B N N 2 ? 
C N N 2 ? 
D N N 3 ? 
# 
_struct_ref.id                         1 
_struct_ref.db_name                    PDB 
_struct_ref.db_code                    9E9M 
_struct_ref.pdbx_db_accession          9E9M 
_struct_ref.pdbx_db_isoform            ? 
_struct_ref.entity_id                  1 
_struct_ref.pdbx_seq_one_letter_code   ? 
_struct_ref.pdbx_align_begin           1 
# 
_struct_ref_seq.align_id                      1 
_struct_ref_seq.ref_id                        1 
_struct_ref_seq.pdbx_PDB_id_code              9E9M 
_struct_ref_seq.pdbx_strand_id                A 
_struct_ref_seq.seq_align_beg                 1 
_struct_ref_seq.pdbx_seq_align_beg_ins_code   ? 
_struct_ref_seq.seq_align_end                 150 
_struct_ref_seq.pdbx_seq_align_end_ins_code   ? 
_struct_ref_seq.pdbx_db_accession             9E9M 
_struct_ref_seq.db_align_beg                  1 
_struct_ref_seq.pdbx_db_align_beg_ins_code    ? 
_struct_ref_seq.db_align_end                  150 
_struct_ref_seq.pdbx_db_align_end_ins_code    ? 
_struct_ref_seq.pdbx_auth_seq_align_beg       1 
_struct_ref_seq.pdbx_auth_seq_align_end       150 
# 
_pdbx_struct_assembly.id                   1 
_pdbx_struct_assembly.details              author_defined_assembly 
_pdbx_struct_assembly.method_details       ? 
_pdbx_struct_assembly.oligomeric_details   monomeric 
_pdbx_struct_assembly.oligomeric_count     1 
# 
_pdbx_struct_assembly_gen.assembly_id       1 
_pdbx_struct_assembly_gen.oper_expression   1 
_pdbx_struct_assembly_gen.asym_id_list      A,B,C,D 
# 
_pdbx_struct_assembly_auth_evidence.id                     1 
_pdbx_struct_assembly_auth_evidence.assembly_id            1 
_pdbx_struct_assembly_auth_evidence.experimental_support   'gel filtration' 
_pdbx_struct_assembly_auth_evidence.details                ? 
# 
_pdbx_struct_oper_list.id                   1 
_pdbx_struct_oper_list.type                 'identity operation' 
_pdbx_struct_oper_list.name                 1_555 
_pdbx_struct_oper_list.symmetry_operation   x,y,z 
_pdbx_struct_oper_list.matrix[1][1]         1.0000000000 
_pdbx_struct_oper_list.matrix[1][2]         0.0000000000 
_pdbx_struct_oper_list.matrix[1][3]         0.0000000000 
_pdbx_struct_oper_list.vector[1]            0.0000000000 
_pdbx_struct_oper_list.matrix[2][1]         0.0000000000 
_pdbx_struct_oper_list.matrix[2][2]         1.0000000000 
_pdbx_struct_oper_list.matrix[2][3]         0.0000000000 
_pdbx_struct_oper_list.vector[2]            0.0000000000 
_pdbx_struct_oper_list.matrix[3][1]         0.0000000000 
_pdbx_struct_oper_list.matrix[3][2]         0.0000000000 
_pdbx_struct_oper_list.matrix[3][3]         1.0000000000 
_pdbx_struct_oper_list.vector[3]            0.0000000000 
# 
loop_
_struct_conf.conf_type_id 
_struct_conf.id 
_struct_conf.pdbx_PDB_helix_id 
_struct_conf.beg_label_comp_id 
_struct_conf.beg_label_asym_id 
_struct_conf.beg_label_seq_id 
_struct_conf.pdbx_beg_PDB_ins_code 
_struct_conf.end_label_comp_id 
_struct_conf.end_label_asym_id 
_struct_conf.end_label_seq_id 
_struct_conf.pdbx_end_PDB_ins_code 
_struct_conf.beg_auth_comp_id 
_struct_conf.beg_auth_asym_id 
_struct_conf.beg_auth_seq_id 
_struct_conf.end_auth_comp_id 
_struct_conf.end_auth_asym_id 
_struct_conf.end_auth_seq_id 
_struct_conf.pdbx_PDB_helix_class 
_struct_conf.details 
_struct_conf.pdbx_PDB_helix_length 
HELX_P HELX_P1 AA1 THR A 19  ? ARG A 21  ? THR A 19  ARG A 21  5 ? 3  
HELX_P HELX_P2 AA2 GLU A 22  ? PHE A 30  ? GLU A 22  PHE A 30  1 ? 9  
HELX_P HELX_P3 AA3 GLU A 38  ? LEU A 42  ? GLU A 38  LEU A 42  5 ? 5  
HELX_P HELX_P4 AA4 LEU A 46  ? LYS A 51  ? LEU A 46  LYS A 51  1 ? 6  
HELX_P HELX_P5 AA5 SER A 68  ? GLU A 85  ? SER A 68  GLU A 85  1 ? 18 
HELX_P HELX_P6 AA6 LEU A 97  ? GLY A 113 ? LEU A 97  GLY A 113 1 ? 17 
HELX_P HELX_P7 AA7 PRO A 115 ? ARG A 127 ? PRO A 115 ARG A 127 1 ? 13 
HELX_P HELX_P8 AA8 THR A 133 ? ARG A 148 ? THR A 133 ARG A 148 1 ? 16 
# 
_struct_conf_type.id          HELX_P 
_struct_conf_type.criteria    ? 
_struct_conf_type.reference   ? 
# 
loop_
_struct_conn.id 
_struct_conn.conn_type_id 
_struct_conn.pdbx_leaving_atom_flag 
_struct_conn.pdbx_PDB_id 
_struct_conn.ptnr1_label_asym_id 
_struct_conn.ptnr1_label_comp_id 
_struct_conn.ptnr1_label_seq_id 
_struct_conn.ptnr1_label_atom_id 
_struct_conn.pdbx_ptnr1_label_alt_id 
_struct_conn.pdbx_ptnr1_PDB_ins_code 
_struct_conn.pdbx_ptnr1_standard_comp_id 
_struct_conn.ptnr1_symmetry 
_struct_conn.ptnr2_label_asym_id 
_struct_conn.ptnr2_label_comp_id 
_struct_conn.ptnr2_label_seq_id 
_struct_conn.ptnr2_label_atom_id 
_struct_conn.pdbx_ptnr2_label_alt_id 
_struct_conn.pdbx_ptnr2_PDB_ins_code 
_struct_conn.ptnr1_auth_asym_id 
_struct_conn.ptnr1_auth_comp_id 
_struct_conn.ptnr1_auth_seq_id 
_struct_conn.ptnr2_auth_asym_id 
_struct_conn.ptnr2_auth_comp_id 
_struct_conn.ptnr2_auth_seq_id 
_struct_conn.ptnr2_symmetry 
_struct_conn.pdbx_ptnr3_label_atom_id 
_struct_conn.pdbx_ptnr3_label_seq_id 
_struct_conn.pdbx_ptnr3_label_comp_id 
_struct_conn.pdbx_ptnr3_label_asym_id 
_struct_conn.pdbx_ptnr3_label_alt_id 
_struct_conn.pdbx_ptnr3_PDB_ins_code 
_struct_conn.details 
_struct_conn.pdbx_dist_value 
_struct_conn.pdbx_value_order 
_struct_conn.pdbx_role 
covale1 covale both ? A HIS 92 C  ? ? ? 1_555 A CSO 93 N A ? A HIS 92 A CSO 93 1_555 ? ? ? ? ? ? ? 1.333 ? ? 
covale2 covale both ? A HIS 92 C  ? ? ? 1_555 A CSO 93 N B ? A HIS 92 A CSO 93 1_555 ? ? ? ? ? ? ? 1.327 ? ? 
covale3 covale one  ? A CSO 93 SG A ? ? 1_555 A MET 94 N ? ? A CSO 93 A MET 94 1_555 ? ? ? ? ? ? ? 1.724 ? ? 
covale4 covale both ? A CSO 93 C  A ? ? 1_555 A MET 94 N ? ? A CSO 93 A MET 94 1_555 ? ? ? ? ? ? ? 1.337 ? ? 
covale5 covale both ? A CSO 93 C  B ? ? 1_555 A MET 94 N ? ? A CSO 93 A MET 94 1_555 ? ? ? ? ? ? ? 1.320 ? ? 
# 
_struct_conn_type.id          covale 
_struct_conn_type.criteria    ? 
_struct_conn_type.reference   ? 
# 
loop_
_pdbx_modification_feature.ordinal 
_pdbx_modification_feature.label_comp_id 
_pdbx_modification_feature.label_asym_id 
_pdbx_modification_feature.label_seq_id 
_pdbx_modification_feature.label_alt_id 
_pdbx_modification_feature.modified_residue_label_comp_id 
_pdbx_modification_feature.modified_residue_label_asym_id 
_pdbx_modification_feature.modified_residue_label_seq_id 
_pdbx_modification_feature.modified_residue_label_alt_id 
_pdbx_modification_feature.auth_comp_id 
_pdbx_modification_feature.auth_asym_id 
_pdbx_modification_feature.auth_seq_id 
_pdbx_modification_feature.PDB_ins_code 
_pdbx_modification_feature.symmetry 
_pdbx_modification_feature.modified_residue_auth_comp_id 
_pdbx_modification_feature.modified_residue_auth_asym_id 
_pdbx_modification_feature.modified_residue_auth_seq_id 
_pdbx_modification_feature.modified_residue_PDB_ins_code 
_pdbx_modification_feature.modified_residue_symmetry 
_pdbx_modification_feature.comp_id_linking_atom 
_pdbx_modification_feature.modified_residue_id_linking_atom 
_pdbx_modification_feature.modified_residue_id 
_pdbx_modification_feature.ref_pcm_id 
_pdbx_modification_feature.ref_comp_id 
_pdbx_modification_feature.type 
_pdbx_modification_feature.category 
1 CSO A 93 A .   . .  . CSO A 93 ? 1_555 .   . .  . .     .  . CYS 1 CSO Hydroxylation 'Named protein modification' 
2 CSO A 93 B .   . .  . CSO A 93 ? 1_555 .   . .  . .     .  . CYS 1 CSO Hydroxylation 'Named protein modification' 
3 CSO A 93 A MET A 94 ? CSO A 93 ? 1_555 MET A 94 ? 1_555 SG N .   . .   None          'Non-standard linkage'       
# 
_struct_sheet.id               AA1 
_struct_sheet.type             ? 
_struct_sheet.number_strands   5 
_struct_sheet.details          ? 
# 
loop_
_struct_sheet_order.sheet_id 
_struct_sheet_order.range_id_1 
_struct_sheet_order.range_id_2 
_struct_sheet_order.offset 
_struct_sheet_order.sense 
AA1 1 2 ? anti-parallel 
AA1 2 3 ? parallel      
AA1 3 4 ? parallel      
AA1 4 5 ? parallel      
# 
loop_
_struct_sheet_range.sheet_id 
_struct_sheet_range.id 
_struct_sheet_range.beg_label_comp_id 
_struct_sheet_range.beg_label_asym_id 
_struct_sheet_range.beg_label_seq_id 
_struct_sheet_range.pdbx_beg_PDB_ins_code 
_struct_sheet_range.end_label_comp_id 
_struct_sheet_range.end_label_asym_id 
_struct_sheet_range.end_label_seq_id 
_struct_sheet_range.pdbx_end_PDB_ins_code 
_struct_sheet_range.beg_auth_comp_id 
_struct_sheet_range.beg_auth_asym_id 
_struct_sheet_range.beg_auth_seq_id 
_struct_sheet_range.end_auth_comp_id 
_struct_sheet_range.end_auth_asym_id 
_struct_sheet_range.end_auth_seq_id 
AA1 1 ARG A 6  ? PHE A 7  ? ARG A 6  PHE A 7  
AA1 2 VAL A 12 ? SER A 15 ? VAL A 12 SER A 15 
AA1 3 VAL A 89 ? HIS A 92 ? VAL A 89 HIS A 92 
AA1 4 ALA A 32 ? VAL A 35 ? ALA A 32 VAL A 35 
AA1 5 GLU A 55 ? HIS A 58 ? GLU A 55 HIS A 58 
# 
loop_
_pdbx_struct_sheet_hbond.sheet_id 
_pdbx_struct_sheet_hbond.range_id_1 
_pdbx_struct_sheet_hbond.range_id_2 
_pdbx_struct_sheet_hbond.range_1_label_atom_id 
_pdbx_struct_sheet_hbond.range_1_label_comp_id 
_pdbx_struct_sheet_hbond.range_1_label_asym_id 
_pdbx_struct_sheet_hbond.range_1_label_seq_id 
_pdbx_struct_sheet_hbond.range_1_PDB_ins_code 
_pdbx_struct_sheet_hbond.range_1_auth_atom_id 
_pdbx_struct_sheet_hbond.range_1_auth_comp_id 
_pdbx_struct_sheet_hbond.range_1_auth_asym_id 
_pdbx_struct_sheet_hbond.range_1_auth_seq_id 
_pdbx_struct_sheet_hbond.range_2_label_atom_id 
_pdbx_struct_sheet_hbond.range_2_label_comp_id 
_pdbx_struct_sheet_hbond.range_2_label_asym_id 
_pdbx_struct_sheet_hbond.range_2_label_seq_id 
_pdbx_struct_sheet_hbond.range_2_PDB_ins_code 
_pdbx_struct_sheet_hbond.range_2_auth_atom_id 
_pdbx_struct_sheet_hbond.range_2_auth_comp_id 
_pdbx_struct_sheet_hbond.range_2_auth_asym_id 
_pdbx_struct_sheet_hbond.range_2_auth_seq_id 
AA1 1 2 N ARG A 6  ? N ARG A 6  O PHE A 14 ? O PHE A 14 
AA1 2 3 N ALA A 13 ? N ALA A 13 O ILE A 91 ? O ILE A 91 
AA1 3 4 O LEU A 90 ? O LEU A 90 N VAL A 34 ? N VAL A 34 
AA1 4 5 N VAL A 35 ? N VAL A 35 O LEU A 57 ? O LEU A 57 
# 
_pdbx_entry_details.entry_id                   9E9M 
_pdbx_entry_details.nonpolymer_details         ? 
_pdbx_entry_details.sequence_details           ? 
_pdbx_entry_details.compound_details           ? 
_pdbx_entry_details.source_details             ? 
_pdbx_entry_details.has_ligand_of_interest     N 
_pdbx_entry_details.has_protein_modification   Y 
# 
loop_
_pdbx_validate_close_contact.id 
_pdbx_validate_close_contact.PDB_model_num 
_pdbx_validate_close_contact.auth_atom_id_1 
_pdbx_validate_close_contact.auth_asym_id_1 
_pdbx_validate_close_contact.auth_comp_id_1 
_pdbx_validate_close_contact.auth_seq_id_1 
_pdbx_validate_close_contact.PDB_ins_code_1 
_pdbx_validate_close_contact.label_alt_id_1 
_pdbx_validate_close_contact.auth_atom_id_2 
_pdbx_validate_close_contact.auth_asym_id_2 
_pdbx_validate_close_contact.auth_comp_id_2 
_pdbx_validate_close_contact.auth_seq_id_2 
_pdbx_validate_close_contact.PDB_ins_code_2 
_pdbx_validate_close_contact.label_alt_id_2 
_pdbx_validate_close_contact.dist 
1 1 O   A HOH 301 ? ? O A HOH 390 ? ? 2.12 
2 1 O3  A SO4 202 ? ? O A HOH 301 ? ? 2.12 
3 1 O   A ARG 148 ? ? O A HOH 302 ? ? 2.14 
4 1 OE2 A GLU 144 ? ? O A HOH 303 ? ? 2.19 
# 
loop_
_pdbx_validate_torsion.id 
_pdbx_validate_torsion.PDB_model_num 
_pdbx_validate_torsion.auth_comp_id 
_pdbx_validate_torsion.auth_asym_id 
_pdbx_validate_torsion.auth_seq_id 
_pdbx_validate_torsion.PDB_ins_code 
_pdbx_validate_torsion.label_alt_id 
_pdbx_validate_torsion.phi 
_pdbx_validate_torsion.psi 
1 1 CSO A 93  ? A -119.02 -111.14 
2 1 CSO A 93  ? B -114.34 -130.81 
3 1 MET A 94  ? ? -102.43 -136.95 
4 1 MET A 94  ? ? -86.57  -136.95 
5 1 VAL A 131 ? ? 67.21   91.70   
# 
loop_
_space_group_symop.id 
_space_group_symop.operation_xyz 
1 x,y,z         
2 x-y,x,z+1/6   
3 y,-x+y,z+5/6  
4 -y,x-y,z+1/3  
5 -x+y,-x,z+2/3 
6 -x,-y,z+1/2   
# 
loop_
_pdbx_unobs_or_zero_occ_residues.id 
_pdbx_unobs_or_zero_occ_residues.PDB_model_num 
_pdbx_unobs_or_zero_occ_residues.polymer_flag 
_pdbx_unobs_or_zero_occ_residues.occupancy_flag 
_pdbx_unobs_or_zero_occ_residues.auth_asym_id 
_pdbx_unobs_or_zero_occ_residues.auth_comp_id 
_pdbx_unobs_or_zero_occ_residues.auth_seq_id 
_pdbx_unobs_or_zero_occ_residues.PDB_ins_code 
_pdbx_unobs_or_zero_occ_residues.label_asym_id 
_pdbx_unobs_or_zero_occ_residues.label_comp_id 
_pdbx_unobs_or_zero_occ_residues.label_seq_id 
1 1 Y 1 A SER 149 ? A SER 149 
2 1 Y 1 A ARG 150 ? A ARG 150 
# 
loop_
_chem_comp_atom.comp_id 
_chem_comp_atom.atom_id 
_chem_comp_atom.type_symbol 
_chem_comp_atom.pdbx_aromatic_flag 
_chem_comp_atom.pdbx_stereo_config 
_chem_comp_atom.pdbx_ordinal 
ALA N    N N N 1   
ALA CA   C N S 2   
ALA C    C N N 3   
ALA O    O N N 4   
ALA CB   C N N 5   
ALA OXT  O N N 6   
ALA H    H N N 7   
ALA H2   H N N 8   
ALA HA   H N N 9   
ALA HB1  H N N 10  
ALA HB2  H N N 11  
ALA HB3  H N N 12  
ALA HXT  H N N 13  
ARG N    N N N 14  
ARG CA   C N S 15  
ARG C    C N N 16  
ARG O    O N N 17  
ARG CB   C N N 18  
ARG CG   C N N 19  
ARG CD   C N N 20  
ARG NE   N N N 21  
ARG CZ   C N N 22  
ARG NH1  N N N 23  
ARG NH2  N N N 24  
ARG OXT  O N N 25  
ARG H    H N N 26  
ARG H2   H N N 27  
ARG HA   H N N 28  
ARG HB2  H N N 29  
ARG HB3  H N N 30  
ARG HG2  H N N 31  
ARG HG3  H N N 32  
ARG HD2  H N N 33  
ARG HD3  H N N 34  
ARG HE   H N N 35  
ARG HH11 H N N 36  
ARG HH12 H N N 37  
ARG HH21 H N N 38  
ARG HH22 H N N 39  
ARG HXT  H N N 40  
ASN N    N N N 41  
ASN CA   C N S 42  
ASN C    C N N 43  
ASN O    O N N 44  
ASN CB   C N N 45  
ASN CG   C N N 46  
ASN OD1  O N N 47  
ASN ND2  N N N 48  
ASN OXT  O N N 49  
ASN H    H N N 50  
ASN H2   H N N 51  
ASN HA   H N N 52  
ASN HB2  H N N 53  
ASN HB3  H N N 54  
ASN HD21 H N N 55  
ASN HD22 H N N 56  
ASN HXT  H N N 57  
ASP N    N N N 58  
ASP CA   C N S 59  
ASP C    C N N 60  
ASP O    O N N 61  
ASP CB   C N N 62  
ASP CG   C N N 63  
ASP OD1  O N N 64  
ASP OD2  O N N 65  
ASP OXT  O N N 66  
ASP H    H N N 67  
ASP H2   H N N 68  
ASP HA   H N N 69  
ASP HB2  H N N 70  
ASP HB3  H N N 71  
ASP HD2  H N N 72  
ASP HXT  H N N 73  
CSO N    N N N 74  
CSO CA   C N R 75  
CSO CB   C N N 76  
CSO SG   S N N 77  
CSO C    C N N 78  
CSO O    O N N 79  
CSO OXT  O N N 80  
CSO OD   O N N 81  
CSO H    H N N 82  
CSO H2   H N N 83  
CSO HA   H N N 84  
CSO HB2  H N N 85  
CSO HB3  H N N 86  
CSO HXT  H N N 87  
CSO HD   H N N 88  
GLN N    N N N 89  
GLN CA   C N S 90  
GLN C    C N N 91  
GLN O    O N N 92  
GLN CB   C N N 93  
GLN CG   C N N 94  
GLN CD   C N N 95  
GLN OE1  O N N 96  
GLN NE2  N N N 97  
GLN OXT  O N N 98  
GLN H    H N N 99  
GLN H2   H N N 100 
GLN HA   H N N 101 
GLN HB2  H N N 102 
GLN HB3  H N N 103 
GLN HG2  H N N 104 
GLN HG3  H N N 105 
GLN HE21 H N N 106 
GLN HE22 H N N 107 
GLN HXT  H N N 108 
GLU N    N N N 109 
GLU CA   C N S 110 
GLU C    C N N 111 
GLU O    O N N 112 
GLU CB   C N N 113 
GLU CG   C N N 114 
GLU CD   C N N 115 
GLU OE1  O N N 116 
GLU OE2  O N N 117 
GLU OXT  O N N 118 
GLU H    H N N 119 
GLU H2   H N N 120 
GLU HA   H N N 121 
GLU HB2  H N N 122 
GLU HB3  H N N 123 
GLU HG2  H N N 124 
GLU HG3  H N N 125 
GLU HE2  H N N 126 
GLU HXT  H N N 127 
GLY N    N N N 128 
GLY CA   C N N 129 
GLY C    C N N 130 
GLY O    O N N 131 
GLY OXT  O N N 132 
GLY H    H N N 133 
GLY H2   H N N 134 
GLY HA2  H N N 135 
GLY HA3  H N N 136 
GLY HXT  H N N 137 
HIS N    N N N 138 
HIS CA   C N S 139 
HIS C    C N N 140 
HIS O    O N N 141 
HIS CB   C N N 142 
HIS CG   C Y N 143 
HIS ND1  N Y N 144 
HIS CD2  C Y N 145 
HIS CE1  C Y N 146 
HIS NE2  N Y N 147 
HIS OXT  O N N 148 
HIS H    H N N 149 
HIS H2   H N N 150 
HIS HA   H N N 151 
HIS HB2  H N N 152 
HIS HB3  H N N 153 
HIS HD1  H N N 154 
HIS HD2  H N N 155 
HIS HE1  H N N 156 
HIS HE2  H N N 157 
HIS HXT  H N N 158 
HOH O    O N N 159 
HOH H1   H N N 160 
HOH H2   H N N 161 
ILE N    N N N 162 
ILE CA   C N S 163 
ILE C    C N N 164 
ILE O    O N N 165 
ILE CB   C N S 166 
ILE CG1  C N N 167 
ILE CG2  C N N 168 
ILE CD1  C N N 169 
ILE OXT  O N N 170 
ILE H    H N N 171 
ILE H2   H N N 172 
ILE HA   H N N 173 
ILE HB   H N N 174 
ILE HG12 H N N 175 
ILE HG13 H N N 176 
ILE HG21 H N N 177 
ILE HG22 H N N 178 
ILE HG23 H N N 179 
ILE HD11 H N N 180 
ILE HD12 H N N 181 
ILE HD13 H N N 182 
ILE HXT  H N N 183 
LEU N    N N N 184 
LEU CA   C N S 185 
LEU C    C N N 186 
LEU O    O N N 187 
LEU CB   C N N 188 
LEU CG   C N N 189 
LEU CD1  C N N 190 
LEU CD2  C N N 191 
LEU OXT  O N N 192 
LEU H    H N N 193 
LEU H2   H N N 194 
LEU HA   H N N 195 
LEU HB2  H N N 196 
LEU HB3  H N N 197 
LEU HG   H N N 198 
LEU HD11 H N N 199 
LEU HD12 H N N 200 
LEU HD13 H N N 201 
LEU HD21 H N N 202 
LEU HD22 H N N 203 
LEU HD23 H N N 204 
LEU HXT  H N N 205 
LYS N    N N N 206 
LYS CA   C N S 207 
LYS C    C N N 208 
LYS O    O N N 209 
LYS CB   C N N 210 
LYS CG   C N N 211 
LYS CD   C N N 212 
LYS CE   C N N 213 
LYS NZ   N N N 214 
LYS OXT  O N N 215 
LYS H    H N N 216 
LYS H2   H N N 217 
LYS HA   H N N 218 
LYS HB2  H N N 219 
LYS HB3  H N N 220 
LYS HG2  H N N 221 
LYS HG3  H N N 222 
LYS HD2  H N N 223 
LYS HD3  H N N 224 
LYS HE2  H N N 225 
LYS HE3  H N N 226 
LYS HZ1  H N N 227 
LYS HZ2  H N N 228 
LYS HZ3  H N N 229 
LYS HXT  H N N 230 
MET N    N N N 231 
MET CA   C N S 232 
MET C    C N N 233 
MET O    O N N 234 
MET CB   C N N 235 
MET CG   C N N 236 
MET SD   S N N 237 
MET CE   C N N 238 
MET OXT  O N N 239 
MET H    H N N 240 
MET H2   H N N 241 
MET HA   H N N 242 
MET HB2  H N N 243 
MET HB3  H N N 244 
MET HG2  H N N 245 
MET HG3  H N N 246 
MET HE1  H N N 247 
MET HE2  H N N 248 
MET HE3  H N N 249 
MET HXT  H N N 250 
PHE N    N N N 251 
PHE CA   C N S 252 
PHE C    C N N 253 
PHE O    O N N 254 
PHE CB   C N N 255 
PHE CG   C Y N 256 
PHE CD1  C Y N 257 
PHE CD2  C Y N 258 
PHE CE1  C Y N 259 
PHE CE2  C Y N 260 
PHE CZ   C Y N 261 
PHE OXT  O N N 262 
PHE H    H N N 263 
PHE H2   H N N 264 
PHE HA   H N N 265 
PHE HB2  H N N 266 
PHE HB3  H N N 267 
PHE HD1  H N N 268 
PHE HD2  H N N 269 
PHE HE1  H N N 270 
PHE HE2  H N N 271 
PHE HZ   H N N 272 
PHE HXT  H N N 273 
PRO N    N N N 274 
PRO CA   C N S 275 
PRO C    C N N 276 
PRO O    O N N 277 
PRO CB   C N N 278 
PRO CG   C N N 279 
PRO CD   C N N 280 
PRO OXT  O N N 281 
PRO H    H N N 282 
PRO HA   H N N 283 
PRO HB2  H N N 284 
PRO HB3  H N N 285 
PRO HG2  H N N 286 
PRO HG3  H N N 287 
PRO HD2  H N N 288 
PRO HD3  H N N 289 
PRO HXT  H N N 290 
SER N    N N N 291 
SER CA   C N S 292 
SER C    C N N 293 
SER O    O N N 294 
SER CB   C N N 295 
SER OG   O N N 296 
SER OXT  O N N 297 
SER H    H N N 298 
SER H2   H N N 299 
SER HA   H N N 300 
SER HB2  H N N 301 
SER HB3  H N N 302 
SER HG   H N N 303 
SER HXT  H N N 304 
SO4 S    S N N 305 
SO4 O1   O N N 306 
SO4 O2   O N N 307 
SO4 O3   O N N 308 
SO4 O4   O N N 309 
THR N    N N N 310 
THR CA   C N S 311 
THR C    C N N 312 
THR O    O N N 313 
THR CB   C N R 314 
THR OG1  O N N 315 
THR CG2  C N N 316 
THR OXT  O N N 317 
THR H    H N N 318 
THR H2   H N N 319 
THR HA   H N N 320 
THR HB   H N N 321 
THR HG1  H N N 322 
THR HG21 H N N 323 
THR HG22 H N N 324 
THR HG23 H N N 325 
THR HXT  H N N 326 
TRP N    N N N 327 
TRP CA   C N S 328 
TRP C    C N N 329 
TRP O    O N N 330 
TRP CB   C N N 331 
TRP CG   C Y N 332 
TRP CD1  C Y N 333 
TRP CD2  C Y N 334 
TRP NE1  N Y N 335 
TRP CE2  C Y N 336 
TRP CE3  C Y N 337 
TRP CZ2  C Y N 338 
TRP CZ3  C Y N 339 
TRP CH2  C Y N 340 
TRP OXT  O N N 341 
TRP H    H N N 342 
TRP H2   H N N 343 
TRP HA   H N N 344 
TRP HB2  H N N 345 
TRP HB3  H N N 346 
TRP HD1  H N N 347 
TRP HE1  H N N 348 
TRP HE3  H N N 349 
TRP HZ2  H N N 350 
TRP HZ3  H N N 351 
TRP HH2  H N N 352 
TRP HXT  H N N 353 
TYR N    N N N 354 
TYR CA   C N S 355 
TYR C    C N N 356 
TYR O    O N N 357 
TYR CB   C N N 358 
TYR CG   C Y N 359 
TYR CD1  C Y N 360 
TYR CD2  C Y N 361 
TYR CE1  C Y N 362 
TYR CE2  C Y N 363 
TYR CZ   C Y N 364 
TYR OH   O N N 365 
TYR OXT  O N N 366 
TYR H    H N N 367 
TYR H2   H N N 368 
TYR HA   H N N 369 
TYR HB2  H N N 370 
TYR HB3  H N N 371 
TYR HD1  H N N 372 
TYR HD2  H N N 373 
TYR HE1  H N N 374 
TYR HE2  H N N 375 
TYR HH   H N N 376 
TYR HXT  H N N 377 
VAL N    N N N 378 
VAL CA   C N S 379 
VAL C    C N N 380 
VAL O    O N N 381 
VAL CB   C N N 382 
VAL CG1  C N N 383 
VAL CG2  C N N 384 
VAL OXT  O N N 385 
VAL H    H N N 386 
VAL H2   H N N 387 
VAL HA   H N N 388 
VAL HB   H N N 389 
VAL HG11 H N N 390 
VAL HG12 H N N 391 
VAL HG13 H N N 392 
VAL HG21 H N N 393 
VAL HG22 H N N 394 
VAL HG23 H N N 395 
VAL HXT  H N N 396 
# 
loop_
_chem_comp_bond.comp_id 
_chem_comp_bond.atom_id_1 
_chem_comp_bond.atom_id_2 
_chem_comp_bond.value_order 
_chem_comp_bond.pdbx_aromatic_flag 
_chem_comp_bond.pdbx_stereo_config 
_chem_comp_bond.pdbx_ordinal 
ALA N   CA   sing N N 1   
ALA N   H    sing N N 2   
ALA N   H2   sing N N 3   
ALA CA  C    sing N N 4   
ALA CA  CB   sing N N 5   
ALA CA  HA   sing N N 6   
ALA C   O    doub N N 7   
ALA C   OXT  sing N N 8   
ALA CB  HB1  sing N N 9   
ALA CB  HB2  sing N N 10  
ALA CB  HB3  sing N N 11  
ALA OXT HXT  sing N N 12  
ARG N   CA   sing N N 13  
ARG N   H    sing N N 14  
ARG N   H2   sing N N 15  
ARG CA  C    sing N N 16  
ARG CA  CB   sing N N 17  
ARG CA  HA   sing N N 18  
ARG C   O    doub N N 19  
ARG C   OXT  sing N N 20  
ARG CB  CG   sing N N 21  
ARG CB  HB2  sing N N 22  
ARG CB  HB3  sing N N 23  
ARG CG  CD   sing N N 24  
ARG CG  HG2  sing N N 25  
ARG CG  HG3  sing N N 26  
ARG CD  NE   sing N N 27  
ARG CD  HD2  sing N N 28  
ARG CD  HD3  sing N N 29  
ARG NE  CZ   sing N N 30  
ARG NE  HE   sing N N 31  
ARG CZ  NH1  sing N N 32  
ARG CZ  NH2  doub N N 33  
ARG NH1 HH11 sing N N 34  
ARG NH1 HH12 sing N N 35  
ARG NH2 HH21 sing N N 36  
ARG NH2 HH22 sing N N 37  
ARG OXT HXT  sing N N 38  
ASN N   CA   sing N N 39  
ASN N   H    sing N N 40  
ASN N   H2   sing N N 41  
ASN CA  C    sing N N 42  
ASN CA  CB   sing N N 43  
ASN CA  HA   sing N N 44  
ASN C   O    doub N N 45  
ASN C   OXT  sing N N 46  
ASN CB  CG   sing N N 47  
ASN CB  HB2  sing N N 48  
ASN CB  HB3  sing N N 49  
ASN CG  OD1  doub N N 50  
ASN CG  ND2  sing N N 51  
ASN ND2 HD21 sing N N 52  
ASN ND2 HD22 sing N N 53  
ASN OXT HXT  sing N N 54  
ASP N   CA   sing N N 55  
ASP N   H    sing N N 56  
ASP N   H2   sing N N 57  
ASP CA  C    sing N N 58  
ASP CA  CB   sing N N 59  
ASP CA  HA   sing N N 60  
ASP C   O    doub N N 61  
ASP C   OXT  sing N N 62  
ASP CB  CG   sing N N 63  
ASP CB  HB2  sing N N 64  
ASP CB  HB3  sing N N 65  
ASP CG  OD1  doub N N 66  
ASP CG  OD2  sing N N 67  
ASP OD2 HD2  sing N N 68  
ASP OXT HXT  sing N N 69  
CSO N   CA   sing N N 70  
CSO N   H    sing N N 71  
CSO N   H2   sing N N 72  
CSO CA  CB   sing N N 73  
CSO CA  C    sing N N 74  
CSO CA  HA   sing N N 75  
CSO CB  SG   sing N N 76  
CSO CB  HB2  sing N N 77  
CSO CB  HB3  sing N N 78  
CSO SG  OD   sing N N 79  
CSO C   O    doub N N 80  
CSO C   OXT  sing N N 81  
CSO OXT HXT  sing N N 82  
CSO OD  HD   sing N N 83  
GLN N   CA   sing N N 84  
GLN N   H    sing N N 85  
GLN N   H2   sing N N 86  
GLN CA  C    sing N N 87  
GLN CA  CB   sing N N 88  
GLN CA  HA   sing N N 89  
GLN C   O    doub N N 90  
GLN C   OXT  sing N N 91  
GLN CB  CG   sing N N 92  
GLN CB  HB2  sing N N 93  
GLN CB  HB3  sing N N 94  
GLN CG  CD   sing N N 95  
GLN CG  HG2  sing N N 96  
GLN CG  HG3  sing N N 97  
GLN CD  OE1  doub N N 98  
GLN CD  NE2  sing N N 99  
GLN NE2 HE21 sing N N 100 
GLN NE2 HE22 sing N N 101 
GLN OXT HXT  sing N N 102 
GLU N   CA   sing N N 103 
GLU N   H    sing N N 104 
GLU N   H2   sing N N 105 
GLU CA  C    sing N N 106 
GLU CA  CB   sing N N 107 
GLU CA  HA   sing N N 108 
GLU C   O    doub N N 109 
GLU C   OXT  sing N N 110 
GLU CB  CG   sing N N 111 
GLU CB  HB2  sing N N 112 
GLU CB  HB3  sing N N 113 
GLU CG  CD   sing N N 114 
GLU CG  HG2  sing N N 115 
GLU CG  HG3  sing N N 116 
GLU CD  OE1  doub N N 117 
GLU CD  OE2  sing N N 118 
GLU OE2 HE2  sing N N 119 
GLU OXT HXT  sing N N 120 
GLY N   CA   sing N N 121 
GLY N   H    sing N N 122 
GLY N   H2   sing N N 123 
GLY CA  C    sing N N 124 
GLY CA  HA2  sing N N 125 
GLY CA  HA3  sing N N 126 
GLY C   O    doub N N 127 
GLY C   OXT  sing N N 128 
GLY OXT HXT  sing N N 129 
HIS N   CA   sing N N 130 
HIS N   H    sing N N 131 
HIS N   H2   sing N N 132 
HIS CA  C    sing N N 133 
HIS CA  CB   sing N N 134 
HIS CA  HA   sing N N 135 
HIS C   O    doub N N 136 
HIS C   OXT  sing N N 137 
HIS CB  CG   sing N N 138 
HIS CB  HB2  sing N N 139 
HIS CB  HB3  sing N N 140 
HIS CG  ND1  sing Y N 141 
HIS CG  CD2  doub Y N 142 
HIS ND1 CE1  doub Y N 143 
HIS ND1 HD1  sing N N 144 
HIS CD2 NE2  sing Y N 145 
HIS CD2 HD2  sing N N 146 
HIS CE1 NE2  sing Y N 147 
HIS CE1 HE1  sing N N 148 
HIS NE2 HE2  sing N N 149 
HIS OXT HXT  sing N N 150 
HOH O   H1   sing N N 151 
HOH O   H2   sing N N 152 
ILE N   CA   sing N N 153 
ILE N   H    sing N N 154 
ILE N   H2   sing N N 155 
ILE CA  C    sing N N 156 
ILE CA  CB   sing N N 157 
ILE CA  HA   sing N N 158 
ILE C   O    doub N N 159 
ILE C   OXT  sing N N 160 
ILE CB  CG1  sing N N 161 
ILE CB  CG2  sing N N 162 
ILE CB  HB   sing N N 163 
ILE CG1 CD1  sing N N 164 
ILE CG1 HG12 sing N N 165 
ILE CG1 HG13 sing N N 166 
ILE CG2 HG21 sing N N 167 
ILE CG2 HG22 sing N N 168 
ILE CG2 HG23 sing N N 169 
ILE CD1 HD11 sing N N 170 
ILE CD1 HD12 sing N N 171 
ILE CD1 HD13 sing N N 172 
ILE OXT HXT  sing N N 173 
LEU N   CA   sing N N 174 
LEU N   H    sing N N 175 
LEU N   H2   sing N N 176 
LEU CA  C    sing N N 177 
LEU CA  CB   sing N N 178 
LEU CA  HA   sing N N 179 
LEU C   O    doub N N 180 
LEU C   OXT  sing N N 181 
LEU CB  CG   sing N N 182 
LEU CB  HB2  sing N N 183 
LEU CB  HB3  sing N N 184 
LEU CG  CD1  sing N N 185 
LEU CG  CD2  sing N N 186 
LEU CG  HG   sing N N 187 
LEU CD1 HD11 sing N N 188 
LEU CD1 HD12 sing N N 189 
LEU CD1 HD13 sing N N 190 
LEU CD2 HD21 sing N N 191 
LEU CD2 HD22 sing N N 192 
LEU CD2 HD23 sing N N 193 
LEU OXT HXT  sing N N 194 
LYS N   CA   sing N N 195 
LYS N   H    sing N N 196 
LYS N   H2   sing N N 197 
LYS CA  C    sing N N 198 
LYS CA  CB   sing N N 199 
LYS CA  HA   sing N N 200 
LYS C   O    doub N N 201 
LYS C   OXT  sing N N 202 
LYS CB  CG   sing N N 203 
LYS CB  HB2  sing N N 204 
LYS CB  HB3  sing N N 205 
LYS CG  CD   sing N N 206 
LYS CG  HG2  sing N N 207 
LYS CG  HG3  sing N N 208 
LYS CD  CE   sing N N 209 
LYS CD  HD2  sing N N 210 
LYS CD  HD3  sing N N 211 
LYS CE  NZ   sing N N 212 
LYS CE  HE2  sing N N 213 
LYS CE  HE3  sing N N 214 
LYS NZ  HZ1  sing N N 215 
LYS NZ  HZ2  sing N N 216 
LYS NZ  HZ3  sing N N 217 
LYS OXT HXT  sing N N 218 
MET N   CA   sing N N 219 
MET N   H    sing N N 220 
MET N   H2   sing N N 221 
MET CA  C    sing N N 222 
MET CA  CB   sing N N 223 
MET CA  HA   sing N N 224 
MET C   O    doub N N 225 
MET C   OXT  sing N N 226 
MET CB  CG   sing N N 227 
MET CB  HB2  sing N N 228 
MET CB  HB3  sing N N 229 
MET CG  SD   sing N N 230 
MET CG  HG2  sing N N 231 
MET CG  HG3  sing N N 232 
MET SD  CE   sing N N 233 
MET CE  HE1  sing N N 234 
MET CE  HE2  sing N N 235 
MET CE  HE3  sing N N 236 
MET OXT HXT  sing N N 237 
PHE N   CA   sing N N 238 
PHE N   H    sing N N 239 
PHE N   H2   sing N N 240 
PHE CA  C    sing N N 241 
PHE CA  CB   sing N N 242 
PHE CA  HA   sing N N 243 
PHE C   O    doub N N 244 
PHE C   OXT  sing N N 245 
PHE CB  CG   sing N N 246 
PHE CB  HB2  sing N N 247 
PHE CB  HB3  sing N N 248 
PHE CG  CD1  doub Y N 249 
PHE CG  CD2  sing Y N 250 
PHE CD1 CE1  sing Y N 251 
PHE CD1 HD1  sing N N 252 
PHE CD2 CE2  doub Y N 253 
PHE CD2 HD2  sing N N 254 
PHE CE1 CZ   doub Y N 255 
PHE CE1 HE1  sing N N 256 
PHE CE2 CZ   sing Y N 257 
PHE CE2 HE2  sing N N 258 
PHE CZ  HZ   sing N N 259 
PHE OXT HXT  sing N N 260 
PRO N   CA   sing N N 261 
PRO N   CD   sing N N 262 
PRO N   H    sing N N 263 
PRO CA  C    sing N N 264 
PRO CA  CB   sing N N 265 
PRO CA  HA   sing N N 266 
PRO C   O    doub N N 267 
PRO C   OXT  sing N N 268 
PRO CB  CG   sing N N 269 
PRO CB  HB2  sing N N 270 
PRO CB  HB3  sing N N 271 
PRO CG  CD   sing N N 272 
PRO CG  HG2  sing N N 273 
PRO CG  HG3  sing N N 274 
PRO CD  HD2  sing N N 275 
PRO CD  HD3  sing N N 276 
PRO OXT HXT  sing N N 277 
SER N   CA   sing N N 278 
SER N   H    sing N N 279 
SER N   H2   sing N N 280 
SER CA  C    sing N N 281 
SER CA  CB   sing N N 282 
SER CA  HA   sing N N 283 
SER C   O    doub N N 284 
SER C   OXT  sing N N 285 
SER CB  OG   sing N N 286 
SER CB  HB2  sing N N 287 
SER CB  HB3  sing N N 288 
SER OG  HG   sing N N 289 
SER OXT HXT  sing N N 290 
SO4 S   O1   doub N N 291 
SO4 S   O2   doub N N 292 
SO4 S   O3   sing N N 293 
SO4 S   O4   sing N N 294 
THR N   CA   sing N N 295 
THR N   H    sing N N 296 
THR N   H2   sing N N 297 
THR CA  C    sing N N 298 
THR CA  CB   sing N N 299 
THR CA  HA   sing N N 300 
THR C   O    doub N N 301 
THR C   OXT  sing N N 302 
THR CB  OG1  sing N N 303 
THR CB  CG2  sing N N 304 
THR CB  HB   sing N N 305 
THR OG1 HG1  sing N N 306 
THR CG2 HG21 sing N N 307 
THR CG2 HG22 sing N N 308 
THR CG2 HG23 sing N N 309 
THR OXT HXT  sing N N 310 
TRP N   CA   sing N N 311 
TRP N   H    sing N N 312 
TRP N   H2   sing N N 313 
TRP CA  C    sing N N 314 
TRP CA  CB   sing N N 315 
TRP CA  HA   sing N N 316 
TRP C   O    doub N N 317 
TRP C   OXT  sing N N 318 
TRP CB  CG   sing N N 319 
TRP CB  HB2  sing N N 320 
TRP CB  HB3  sing N N 321 
TRP CG  CD1  doub Y N 322 
TRP CG  CD2  sing Y N 323 
TRP CD1 NE1  sing Y N 324 
TRP CD1 HD1  sing N N 325 
TRP CD2 CE2  doub Y N 326 
TRP CD2 CE3  sing Y N 327 
TRP NE1 CE2  sing Y N 328 
TRP NE1 HE1  sing N N 329 
TRP CE2 CZ2  sing Y N 330 
TRP CE3 CZ3  doub Y N 331 
TRP CE3 HE3  sing N N 332 
TRP CZ2 CH2  doub Y N 333 
TRP CZ2 HZ2  sing N N 334 
TRP CZ3 CH2  sing Y N 335 
TRP CZ3 HZ3  sing N N 336 
TRP CH2 HH2  sing N N 337 
TRP OXT HXT  sing N N 338 
TYR N   CA   sing N N 339 
TYR N   H    sing N N 340 
TYR N   H2   sing N N 341 
TYR CA  C    sing N N 342 
TYR CA  CB   sing N N 343 
TYR CA  HA   sing N N 344 
TYR C   O    doub N N 345 
TYR C   OXT  sing N N 346 
TYR CB  CG   sing N N 347 
TYR CB  HB2  sing N N 348 
TYR CB  HB3  sing N N 349 
TYR CG  CD1  doub Y N 350 
TYR CG  CD2  sing Y N 351 
TYR CD1 CE1  sing Y N 352 
TYR CD1 HD1  sing N N 353 
TYR CD2 CE2  doub Y N 354 
TYR CD2 HD2  sing N N 355 
TYR CE1 CZ   doub Y N 356 
TYR CE1 HE1  sing N N 357 
TYR CE2 CZ   sing Y N 358 
TYR CE2 HE2  sing N N 359 
TYR CZ  OH   sing N N 360 
TYR OH  HH   sing N N 361 
TYR OXT HXT  sing N N 362 
VAL N   CA   sing N N 363 
VAL N   H    sing N N 364 
VAL N   H2   sing N N 365 
VAL CA  C    sing N N 366 
VAL CA  CB   sing N N 367 
VAL CA  HA   sing N N 368 
VAL C   O    doub N N 369 
VAL C   OXT  sing N N 370 
VAL CB  CG1  sing N N 371 
VAL CB  CG2  sing N N 372 
VAL CB  HB   sing N N 373 
VAL CG1 HG11 sing N N 374 
VAL CG1 HG12 sing N N 375 
VAL CG1 HG13 sing N N 376 
VAL CG2 HG21 sing N N 377 
VAL CG2 HG22 sing N N 378 
VAL CG2 HG23 sing N N 379 
VAL OXT HXT  sing N N 380 
# 
_pdbx_audit_support.funding_organization   'Other government' 
_pdbx_audit_support.country                ? 
_pdbx_audit_support.grant_number           ? 
_pdbx_audit_support.ordinal                1 
# 
_pdbx_initial_refinement_model.id               1 
_pdbx_initial_refinement_model.entity_id_list   ? 
_pdbx_initial_refinement_model.type             'experimental model' 
_pdbx_initial_refinement_model.source_name      PDB 
_pdbx_initial_refinement_model.accession_code   5z5a 
_pdbx_initial_refinement_model.details          ? 
# 
_space_group.name_H-M_alt     'P 61' 
_space_group.name_Hall        'P 61' 
_space_group.IT_number        169 
_space_group.crystal_system   hexagonal 
_space_group.id               1 
# 
_atom_sites.entry_id                    9E9M 
_atom_sites.Cartn_transf_matrix[1][1]   ? 
_atom_sites.Cartn_transf_matrix[1][2]   ? 
_atom_sites.Cartn_transf_matrix[1][3]   ? 
_atom_sites.Cartn_transf_matrix[2][1]   ? 
_atom_sites.Cartn_transf_matrix[2][2]   ? 
_atom_sites.Cartn_transf_matrix[2][3]   ? 
_atom_sites.Cartn_transf_matrix[3][1]   ? 
_atom_sites.Cartn_transf_matrix[3][2]   ? 
_atom_sites.Cartn_transf_matrix[3][3]   ? 
_atom_sites.Cartn_transf_vector[1]      ? 
_atom_sites.Cartn_transf_vector[2]      ? 
_atom_sites.Cartn_transf_vector[3]      ? 
_atom_sites.Cartn_transform_axes        ? 
_atom_sites.fract_transf_matrix[1][1]   -0.00270052 
_atom_sites.fract_transf_matrix[1][2]   0.00708362 
_atom_sites.fract_transf_matrix[1][3]   -0.01107630 
_atom_sites.fract_transf_matrix[2][1]   0.00362507 
_atom_sites.fract_transf_matrix[2][2]   -0.00471589 
_atom_sites.fract_transf_matrix[2][3]   -0.01203201 
_atom_sites.fract_transf_matrix[3][1]   -0.02736479 
_atom_sites.fract_transf_matrix[3][2]   -0.01446128 
_atom_sites.fract_transf_matrix[3][3]   -0.00257657 
_atom_sites.fract_transf_vector[1]      0.111350 
_atom_sites.fract_transf_vector[2]      0.449679 
_atom_sites.fract_transf_vector[3]      -0.021840 
_atom_sites.solution_primary            ? 
_atom_sites.solution_secondary          ? 
_atom_sites.solution_hydrogens          ? 
_atom_sites.special_details             ? 
# 
loop_
_atom_type.symbol 
_atom_type.scat_dispersion_real 
_atom_type.scat_dispersion_imag 
_atom_type.scat_Cromer_Mann_a1 
_atom_type.scat_Cromer_Mann_a2 
_atom_type.scat_Cromer_Mann_a3 
_atom_type.scat_Cromer_Mann_a4 
_atom_type.scat_Cromer_Mann_b1 
_atom_type.scat_Cromer_Mann_b2 
_atom_type.scat_Cromer_Mann_b3 
_atom_type.scat_Cromer_Mann_b4 
_atom_type.scat_Cromer_Mann_c 
_atom_type.scat_source 
_atom_type.scat_dispersion_source 
C ? ? 3.54356 2.42580 ? ? 25.62398 1.50364  ? ? 0.0 
;2-Gaussian fit: Grosse-Kunstleve RW, Sauter NK, Adams PD: Newsletter of the IUCr Commission on Crystallographic Computing 2004, 3, 22-31.
;
? 
N ? ? 4.01032 2.96436 ? ? 19.97189 1.75589  ? ? 0.0 
;2-Gaussian fit: Grosse-Kunstleve RW, Sauter NK, Adams PD: Newsletter of the IUCr Commission on Crystallographic Computing 2004, 3, 22-31.
;
? 
O ? ? 4.49882 3.47563 ? ? 15.80542 1.70748  ? ? 0.0 
;2-Gaussian fit: Grosse-Kunstleve RW, Sauter NK, Adams PD: Newsletter of the IUCr Commission on Crystallographic Computing 2004, 3, 22-31.
;
? 
S ? ? 9.55732 6.39887 ? ? 1.23737  29.19336 ? ? 0.0 
;2-Gaussian fit: Grosse-Kunstleve RW, Sauter NK, Adams PD: Newsletter of the IUCr Commission on Crystallographic Computing 2004, 3, 22-31.
;
? 
# 
loop_
_atom_site.group_PDB 
_atom_site.id 
_atom_site.type_symbol 
_atom_site.label_atom_id 
_atom_site.label_alt_id 
_atom_site.label_comp_id 
_atom_site.label_asym_id 
_atom_site.label_entity_id 
_atom_site.label_seq_id 
_atom_site.pdbx_PDB_ins_code 
_atom_site.Cartn_x 
_atom_site.Cartn_y 
_atom_site.Cartn_z 
_atom_site.occupancy 
_atom_site.B_iso_or_equiv 
_atom_site.pdbx_formal_charge 
_atom_site.auth_seq_id 
_atom_site.auth_comp_id 
_atom_site.auth_asym_id 
_atom_site.auth_atom_id 
_atom_site.pdbx_PDB_model_num 
ATOM   1    N N   . MET A 1 1   ? -7.29674  1.27537   -17.46495 1.000 29.96859 ? 1   MET A N   1 
ATOM   2    C CA  . MET A 1 1   ? -6.79986  1.20108   -16.09051 1.000 25.69481 ? 1   MET A CA  1 
ATOM   3    C C   . MET A 1 1   ? -7.26891  -0.10733  -15.46081 1.000 26.20509 ? 1   MET A C   1 
ATOM   4    O O   . MET A 1 1   ? -8.39246  -0.54408  -15.69645 1.000 33.17981 ? 1   MET A O   1 
ATOM   5    C CB  . MET A 1 1   ? -7.28783  2.39975   -15.26888 1.000 28.07951 ? 1   MET A CB  1 
ATOM   6    C CG  . MET A 1 1   ? -6.84230  2.42784   -13.79279 1.000 30.88137 ? 1   MET A CG  1 
ATOM   7    S SD  . MET A 1 1   ? -5.05674  2.47635   -13.44641 1.000 40.88785 ? 1   MET A SD  1 
ATOM   8    C CE  . MET A 1 1   ? -4.65483  4.01011   -14.29428 1.000 33.60961 ? 1   MET A CE  1 
ATOM   9    N N   . TRP A 1 2   ? -6.41187  -0.74390  -14.67546 1.000 24.44421 ? 2   TRP A N   1 
ATOM   10   C CA  . TRP A 1 2   ? -6.79924  -1.94946  -13.96014 1.000 25.49701 ? 2   TRP A CA  1 
ATOM   11   C C   . TRP A 1 2   ? -7.85757  -1.60236  -12.92102 1.000 24.86563 ? 2   TRP A C   1 
ATOM   12   O O   . TRP A 1 2   ? -7.54588  -0.90148  -11.94863 1.000 23.91786 ? 2   TRP A O   1 
ATOM   13   C CB  . TRP A 1 2   ? -5.57184  -2.56695  -13.30537 1.000 23.91266 ? 2   TRP A CB  1 
ATOM   14   C CG  . TRP A 1 2   ? -5.82722  -3.87654  -12.64090 1.000 22.91525 ? 2   TRP A CG  1 
ATOM   15   C CD1 . TRP A 1 2   ? -6.38361  -4.98403  -13.20569 1.000 24.13538 ? 2   TRP A CD1 1 
ATOM   16   C CD2 . TRP A 1 2   ? -5.52418  -4.22973  -11.28216 1.000 20.80166 ? 2   TRP A CD2 1 
ATOM   17   N NE1 . TRP A 1 2   ? -6.44829  -5.99660  -12.29256 1.000 24.89365 ? 2   TRP A NE1 1 
ATOM   18   C CE2 . TRP A 1 2   ? -5.92445  -5.56244  -11.10195 1.000 21.20771 ? 2   TRP A CE2 1 
ATOM   19   C CE3 . TRP A 1 2   ? -4.94133  -3.55147  -10.21080 1.000 21.71649 ? 2   TRP A CE3 1 
ATOM   20   C CZ2 . TRP A 1 2   ? -5.77729  -6.23033  -9.88954  1.000 24.69436 ? 2   TRP A CZ2 1 
ATOM   21   C CZ3 . TRP A 1 2   ? -4.78936  -4.22243  -9.00918  1.000 17.70801 ? 2   TRP A CZ3 1 
ATOM   22   C CH2 . TRP A 1 2   ? -5.20158  -5.54593  -8.86185  1.000 20.36256 ? 2   TRP A CH2 1 
ATOM   23   N N   . PRO A 1 3   ? -9.10539  -2.05998  -13.06900 1.000 27.09351 ? 3   PRO A N   1 
ATOM   24   C CA  . PRO A 1 3   ? -10.20573 -1.43719  -12.31584 1.000 28.02609 ? 3   PRO A CA  1 
ATOM   25   C C   . PRO A 1 3   ? -10.27257 -1.79291  -10.83435 1.000 28.14919 ? 3   PRO A C   1 
ATOM   26   O O   . PRO A 1 3   ? -11.10080 -1.21124  -10.12458 1.000 26.97306 ? 3   PRO A O   1 
ATOM   27   C CB  . PRO A 1 3   ? -11.46209 -1.92387  -13.05682 1.000 26.60077 ? 3   PRO A CB  1 
ATOM   28   C CG  . PRO A 1 3   ? -11.04528 -3.12489  -13.84381 1.000 32.03902 ? 3   PRO A CG  1 
ATOM   29   C CD  . PRO A 1 3   ? -9.54800  -3.15858  -13.94887 1.000 31.03920 ? 3   PRO A CD  1 
ATOM   30   N N   . SER A 1 4   ? -9.43320  -2.71067  -10.34580 1.000 25.01702 ? 4   SER A N   1 
ATOM   31   C CA  . SER A 1 4   ? -9.38267  -3.02790  -8.92051  1.000 24.06163 ? 4   SER A CA  1 
ATOM   32   C C   . SER A 1 4   ? -8.59603  -2.00633  -8.11313  1.000 22.48669 ? 4   SER A C   1 
ATOM   33   O O   . SER A 1 4   ? -8.68574  -2.00492  -6.88027  1.000 22.53775 ? 4   SER A O   1 
ATOM   34   C CB  . SER A 1 4   ? -8.74608  -4.40467  -8.70581  1.000 25.09305 ? 4   SER A CB  1 
ATOM   35   O OG  . SER A 1 4   ? -9.37026  -5.40719  -9.49148  1.000 29.27834 ? 4   SER A OG  1 
ATOM   36   N N   . ALA A 1 5   ? -7.81295  -1.15893  -8.76742  1.000 21.69054 ? 5   ALA A N   1 
ATOM   37   C CA  . ALA A 1 5   ? -7.03972  -0.15267  -8.05598  1.000 20.06964 ? 5   ALA A CA  1 
ATOM   38   C C   . ALA A 1 5   ? -7.91690  1.02256   -7.64673  1.000 20.83638 ? 5   ALA A C   1 
ATOM   39   O O   . ALA A 1 5   ? -8.77429  1.48074   -8.40919  1.000 22.18255 ? 5   ALA A O   1 
ATOM   40   C CB  . ALA A 1 5   ? -5.89000  0.35400   -8.92414  1.000 20.16818 ? 5   ALA A CB  1 
ATOM   41   N N   . ARG A 1 6   ? -7.69901  1.51253   -6.43299  1.000 17.53489 ? 6   ARG A N   1 
ATOM   42   C CA  . ARG A 1 6   ? -8.34857  2.73412   -5.97608  1.000 18.45749 ? 6   ARG A CA  1 
ATOM   43   C C   . ARG A 1 6   ? -7.26640  3.71854   -5.57015  1.000 20.08155 ? 6   ARG A C   1 
ATOM   44   O O   . ARG A 1 6   ? -6.41704  3.41394   -4.71949  1.000 18.21121 ? 6   ARG A O   1 
ATOM   45   C CB  . ARG A 1 6   ? -9.32608  2.47807   -4.82867  1.000 24.45199 ? 6   ARG A CB  1 
ATOM   46   C CG  . ARG A 1 6   ? -10.64594 1.85669   -5.29235  1.000 24.84793 ? 6   ARG A CG  1 
ATOM   47   C CD  . ARG A 1 6   ? -11.52148 2.85511   -6.06942  1.000 25.99765 ? 6   ARG A CD  1 
ATOM   48   N NE  . ARG A 1 6   ? -12.75923 2.24610   -6.55398  1.000 24.94958 ? 6   ARG A NE  1 
ATOM   49   C CZ  . ARG A 1 6   ? -12.85558 1.48862   -7.63951  1.000 24.29295 ? 6   ARG A CZ  1 
ATOM   50   N NH1 . ARG A 1 6   ? -11.80342 1.23652   -8.40472  1.000 24.59738 ? 6   ARG A NH1 1 
ATOM   51   N NH2 . ARG A 1 6   ? -14.03671 0.96515   -7.96259  1.000 26.12616 ? 6   ARG A NH2 1 
ATOM   52   N N   . PHE A 1 7   ? -7.29914  4.89403   -6.18799  1.000 18.84439 ? 7   PHE A N   1 
ATOM   53   C CA  . PHE A 1 7   ? -6.27061  5.90371   -6.02511  1.000 18.18484 ? 7   PHE A CA  1 
ATOM   54   C C   . PHE A 1 7   ? -6.60363  6.81603   -4.85530  1.000 21.40637 ? 7   PHE A C   1 
ATOM   55   O O   . PHE A 1 7   ? -7.73569  7.29936   -4.74183  1.000 23.29744 ? 7   PHE A O   1 
ATOM   56   C CB  . PHE A 1 7   ? -6.14814  6.72314   -7.31522  1.000 17.17315 ? 7   PHE A CB  1 
ATOM   57   C CG  . PHE A 1 7   ? -5.36805  6.03204   -8.39652  1.000 17.46984 ? 7   PHE A CG  1 
ATOM   58   C CD1 . PHE A 1 7   ? -5.93670  5.02763   -9.16884  1.000 19.58135 ? 7   PHE A CD1 1 
ATOM   59   C CD2 . PHE A 1 7   ? -4.04402  6.37035   -8.62857  1.000 21.16981 ? 7   PHE A CD2 1 
ATOM   60   C CE1 . PHE A 1 7   ? -5.20265  4.38517   -10.15823 1.000 19.54219 ? 7   PHE A CE1 1 
ATOM   61   C CE2 . PHE A 1 7   ? -3.30945  5.74213   -9.62038  1.000 18.46241 ? 7   PHE A CE2 1 
ATOM   62   C CZ  . PHE A 1 7   ? -3.88452  4.74760   -10.38682 1.000 17.29487 ? 7   PHE A CZ  1 
ATOM   63   N N   . VAL A 1 8   ? -5.61422  7.06604   -3.99359  1.000 19.45337 ? 8   VAL A N   1 
ATOM   64   C CA  . VAL A 1 8   ? -5.78104  8.07380   -2.95152  1.000 20.10147 ? 8   VAL A CA  1 
ATOM   65   C C   . VAL A 1 8   ? -5.22810  9.42903   -3.37069  1.000 19.38855 ? 8   VAL A C   1 
ATOM   66   O O   . VAL A 1 8   ? -5.55915  10.44418  -2.73561  1.000 23.73209 ? 8   VAL A O   1 
ATOM   67   C CB  . VAL A 1 8   ? -5.16472  7.61172   -1.61444  1.000 21.46526 ? 8   VAL A CB  1 
ATOM   68   C CG1 . VAL A 1 8   ? -5.94276  6.41841   -1.07567  1.000 23.29661 ? 8   VAL A CG1 1 
ATOM   69   C CG2 . VAL A 1 8   ? -3.69307  7.26823   -1.76501  1.000 21.11442 ? 8   VAL A CG2 1 
ATOM   70   N N   . ASP A 1 9   ? -4.40538  9.46874   -4.41576  1.000 24.34152 ? 9   ASP A N   1 
ATOM   71   C CA  . ASP A 1 9   ? -4.00974  10.69725  -5.08607  1.000 24.70578 ? 9   ASP A CA  1 
ATOM   72   C C   . ASP A 1 9   ? -3.68562  10.33403  -6.53244  1.000 22.75062 ? 9   ASP A C   1 
ATOM   73   O O   . ASP A 1 9   ? -4.00537  9.23568   -6.99825  1.000 22.48229 ? 9   ASP A O   1 
ATOM   74   C CB  . ASP A 1 9   ? -2.87528  11.40603  -4.32002  1.000 25.61450 ? 9   ASP A CB  1 
ATOM   75   C CG  . ASP A 1 9   ? -1.55479  10.63185  -4.31557  1.000 22.79837 ? 9   ASP A CG  1 
ATOM   76   O OD1 . ASP A 1 9   ? -1.36521  9.70331   -5.12365  1.000 24.41726 ? 9   ASP A OD1 1 
ATOM   77   O OD2 . ASP A 1 9   ? -0.69113  10.96831  -3.47158  1.000 25.28259 ? 9   ASP A OD2 1 
ATOM   78   N N   . ASP A 1 10  ? -3.02712  11.24887  -7.24964  1.000 24.46872 ? 10  ASP A N   1 
ATOM   79   C CA  . ASP A 1 10  ? -2.76449  10.99895  -8.66048  1.000 26.24279 ? 10  ASP A CA  1 
ATOM   80   C C   . ASP A 1 10  ? -1.85361  9.80055   -8.88940  1.000 23.50824 ? 10  ASP A C   1 
ATOM   81   O O   . ASP A 1 10  ? -1.90877  9.18491   -9.96069  1.000 24.97208 ? 10  ASP A O   1 
ATOM   82   C CB  . ASP A 1 10  ? -2.14314  12.23783  -9.29940  1.000 27.96682 ? 10  ASP A CB  1 
ATOM   83   C CG  . ASP A 1 10  ? -3.17761  13.20540  -9.82157  1.000 35.90167 ? 10  ASP A CG  1 
ATOM   84   O OD1 . ASP A 1 10  ? -4.38896  12.95165  -9.63323  1.000 34.92831 ? 10  ASP A OD1 1 
ATOM   85   O OD2 . ASP A 1 10  ? -2.76839  14.22668  -10.41767 1.000 40.29434 ? 10  ASP A OD2 1 
ATOM   86   N N   . ASN A 1 11  ? -1.03039  9.44228   -7.90836  1.000 22.88889 ? 11  ASN A N   1 
ATOM   87   C CA  . ASN A 1 11  ? 0.09136   8.56568   -8.16546  1.000 22.75717 ? 11  ASN A CA  1 
ATOM   88   C C   . ASN A 1 11  ? 0.13231   7.30653   -7.31619  1.000 19.54190 ? 11  ASN A C   1 
ATOM   89   O O   . ASN A 1 11  ? 0.96464   6.44252   -7.59702  1.000 21.19496 ? 11  ASN A O   1 
ATOM   90   C CB  . ASN A 1 11  ? 1.40626   9.33285   -7.97541  1.000 24.51378 ? 11  ASN A CB  1 
ATOM   91   C CG  . ASN A 1 11  ? 1.41193   10.64549  -8.73093  1.000 25.25318 ? 11  ASN A CG  1 
ATOM   92   O OD1 . ASN A 1 11  ? 1.29927   10.65595  -9.95803  1.000 31.72529 ? 11  ASN A OD1 1 
ATOM   93   N ND2 . ASN A 1 11  ? 1.53331   11.75157  -8.01026  1.000 29.15844 ? 11  ASN A ND2 1 
ATOM   94   N N   . VAL A 1 12  ? -0.72095  7.17860   -6.30074  1.000 19.42633 ? 12  VAL A N   1 
ATOM   95   C CA  . VAL A 1 12  ? -0.64972  6.07996   -5.33593  1.000 17.55244 ? 12  VAL A CA  1 
ATOM   96   C C   . VAL A 1 12  ? -2.02907  5.45086   -5.20966  1.000 17.56109 ? 12  VAL A C   1 
ATOM   97   O O   . VAL A 1 12  ? -3.00947  6.15536   -4.94044  1.000 17.82730 ? 12  VAL A O   1 
ATOM   98   C CB  . VAL A 1 12  ? -0.15853  6.56883   -3.96058  1.000 17.08181 ? 12  VAL A CB  1 
ATOM   99   C CG1 . VAL A 1 12  ? -0.11194  5.41280   -2.97512  1.000 16.51241 ? 12  VAL A CG1 1 
ATOM   100  C CG2 . VAL A 1 12  ? 1.19639   7.24486   -4.10334  1.000 18.82516 ? 12  VAL A CG2 1 
ATOM   101  N N   . ALA A 1 13  ? -2.10767  4.13389   -5.40889  1.000 16.78905 ? 13  ALA A N   1 
ATOM   102  C CA  . ALA A 1 13  ? -3.36867  3.40559   -5.30798  1.000 17.28624 ? 13  ALA A CA  1 
ATOM   103  C C   . ALA A 1 13  ? -3.16045  2.15273   -4.46531  1.000 20.66230 ? 13  ALA A C   1 
ATOM   104  O O   . ALA A 1 13  ? -2.03055  1.73040   -4.21566  1.000 15.98004 ? 13  ALA A O   1 
ATOM   105  C CB  . ALA A 1 13  ? -3.92247  3.02934   -6.70378  1.000 16.62023 ? 13  ALA A CB  1 
ATOM   106  N N   . PHE A 1 14  ? -4.25885  1.56919   -3.99654  1.000 16.82659 ? 14  PHE A N   1 
ATOM   107  C CA  . PHE A 1 14  ? -4.17336  0.30340   -3.27982  1.000 15.98078 ? 14  PHE A CA  1 
ATOM   108  C C   . PHE A 1 14  ? -5.22977  -0.63800  -3.83541  1.000 17.73948 ? 14  PHE A C   1 
ATOM   109  O O   . PHE A 1 14  ? -6.20883  -0.20548  -4.46159  1.000 17.60613 ? 14  PHE A O   1 
ATOM   110  C CB  . PHE A 1 14  ? -4.28796  0.48789   -1.74077  1.000 14.59766 ? 14  PHE A CB  1 
ATOM   111  C CG  . PHE A 1 14  ? -5.66185  0.85568   -1.24322  1.000 19.28733 ? 14  PHE A CG  1 
ATOM   112  C CD1 . PHE A 1 14  ? -6.20965  2.09406   -1.52555  1.000 18.45960 ? 14  PHE A CD1 1 
ATOM   113  C CD2 . PHE A 1 14  ? -6.35603  -0.00921  -0.40915  1.000 20.38741 ? 14  PHE A CD2 1 
ATOM   114  C CE1 . PHE A 1 14  ? -7.46477  2.44200   -1.04242  1.000 18.98223 ? 14  PHE A CE1 1 
ATOM   115  C CE2 . PHE A 1 14  ? -7.61543  0.34333   0.08674   1.000 23.32820 ? 14  PHE A CE2 1 
ATOM   116  C CZ  . PHE A 1 14  ? -8.15883  1.56201   -0.22760  1.000 21.64516 ? 14  PHE A CZ  1 
ATOM   117  N N   . SER A 1 15  ? -4.99288  -1.93664  -3.65584  1.000 15.75744 ? 15  SER A N   1 
ATOM   118  C CA  . SER A 1 15  ? -5.81391  -2.96558  -4.28470  1.000 17.30497 ? 15  SER A CA  1 
ATOM   119  C C   . SER A 1 15  ? -5.62928  -4.30387  -3.57610  1.000 17.87074 ? 15  SER A C   1 
ATOM   120  O O   . SER A 1 15  ? -4.76542  -4.46746  -2.71283  1.000 18.48055 ? 15  SER A O   1 
ATOM   121  C CB  . SER A 1 15  ? -5.43197  -3.13166  -5.75181  1.000 18.48572 ? 15  SER A CB  1 
ATOM   122  O OG  . SER A 1 15  ? -4.13516  -3.72282  -5.83039  1.000 18.17377 ? 15  SER A OG  1 
ATOM   123  N N   . ARG A 1 16  ? -6.41645  -5.28153  -4.02051  1.000 18.20862 ? 16  ARG A N   1 
ATOM   124  C CA  . ARG A 1 16  ? -6.16613  -6.68377  -3.74476  1.000 17.89798 ? 16  ARG A CA  1 
ATOM   125  C C   . ARG A 1 16  ? -4.90831  -7.15531  -4.48748  1.000 18.49286 ? 16  ARG A C   1 
ATOM   126  O O   . ARG A 1 16  ? -4.29313  -6.42133  -5.27088  1.000 17.88217 ? 16  ARG A O   1 
ATOM   127  C CB  . ARG A 1 16  ? -7.38384  -7.51946  -4.14427  1.000 20.17742 ? 16  ARG A CB  1 
ATOM   128  C CG  . ARG A 1 16  ? -7.80316  -7.36495  -5.59316  1.000 21.58763 ? 16  ARG A CG  1 
ATOM   129  C CD  . ARG A 1 16  ? -8.57898  -8.58999  -6.06270  1.000 22.83670 ? 16  ARG A CD  1 
ATOM   130  N NE  . ARG A 1 16  ? -9.05553  -8.44383  -7.43323  1.000 26.00687 ? 16  ARG A NE  1 
ATOM   131  C CZ  . ARG A 1 16  ? -8.37627  -8.82264  -8.50774  1.000 27.87878 ? 16  ARG A CZ  1 
ATOM   132  N NH1 . ARG A 1 16  ? -7.15101  -9.31397  -8.41438  1.000 23.44203 ? 16  ARG A NH1 1 
ATOM   133  N NH2 . ARG A 1 16  ? -8.93747  -8.69584  -9.70770  1.000 28.25089 ? 16  ARG A NH2 1 
ATOM   134  N N   . MET A 1 17  ? -4.50508  -8.39428  -4.22006  1.000 16.45720 ? 17  MET A N   1 
ATOM   135  C CA  . MET A 1 17  ? -3.42945  -9.01209  -4.98675  1.000 18.49292 ? 17  MET A CA  1 
ATOM   136  C C   . MET A 1 17  ? -3.75638  -9.10423  -6.46802  1.000 21.37025 ? 17  MET A C   1 
ATOM   137  O O   . MET A 1 17  ? -4.76017  -9.73901  -6.82730  1.000 20.55771 ? 17  MET A O   1 
ATOM   138  C CB  . MET A 1 17  ? -3.15201  -10.42758 -4.53282  1.000 19.70268 ? 17  MET A CB  1 
ATOM   139  C CG  . MET A 1 17  ? -1.78405  -10.86324 -4.96903  1.000 21.23740 ? 17  MET A CG  1 
ATOM   140  S SD  . MET A 1 17  ? -1.50669  -12.53801 -4.45240  1.000 33.58824 ? 17  MET A SD  1 
ATOM   141  C CE  . MET A 1 17  ? -0.96045  -12.28007 -2.78529  1.000 32.51904 ? 17  MET A CE  1 
ATOM   142  N N   . PRO A 1 18  ? -2.91962  -8.56944  -7.35913  1.000 18.05186 ? 18  PRO A N   1 
ATOM   143  C CA  . PRO A 1 18  ? -3.04154  -8.93212  -8.77763  1.000 19.01934 ? 18  PRO A CA  1 
ATOM   144  C C   . PRO A 1 18  ? -2.74987  -10.41098 -8.98350  1.000 19.19481 ? 18  PRO A C   1 
ATOM   145  O O   . PRO A 1 18  ? -1.82787  -10.96725 -8.38217  1.000 19.29116 ? 18  PRO A O   1 
ATOM   146  C CB  . PRO A 1 18  ? -1.98268  -8.06193  -9.46860  1.000 19.00963 ? 18  PRO A CB  1 
ATOM   147  C CG  . PRO A 1 18  ? -1.47933  -7.09282  -8.42698  1.000 20.12177 ? 18  PRO A CG  1 
ATOM   148  C CD  . PRO A 1 18  ? -1.77628  -7.67621  -7.09277  1.000 16.98845 ? 18  PRO A CD  1 
ATOM   149  N N   . THR A 1 19  ? -3.52809  -11.04668 -9.85903  1.000 20.39787 ? 19  THR A N   1 
ATOM   150  C CA  . THR A 1 19  ? -3.22226  -12.40398 -10.27382 1.000 21.23510 ? 19  THR A CA  1 
ATOM   151  C C   . THR A 1 19  ? -2.19659  -12.37554 -11.40230 1.000 21.00271 ? 19  THR A C   1 
ATOM   152  O O   . THR A 1 19  ? -1.88175  -11.32147 -11.95840 1.000 22.32857 ? 19  THR A O   1 
ATOM   153  C CB  . THR A 1 19  ? -4.48225  -13.12690 -10.74917 1.000 22.63411 ? 19  THR A CB  1 
ATOM   154  O OG1 . THR A 1 19  ? -4.88955  -12.57466 -12.00596 1.000 28.16726 ? 19  THR A OG1 1 
ATOM   155  C CG2 . THR A 1 19  ? -5.60966  -12.98277 -9.72552  1.000 25.13840 ? 19  THR A CG2 1 
ATOM   156  N N   . GLU A 1 20  ? -1.73080  -13.56350 -11.79242 1.000 26.04455 ? 20  GLU A N   1 
ATOM   157  C CA  . GLU A 1 20  ? -0.65705  -13.63936 -12.78159 1.000 25.93452 ? 20  GLU A CA  1 
ATOM   158  C C   . GLU A 1 20  ? -1.10991  -13.07083 -14.13017 1.000 23.90192 ? 20  GLU A C   1 
ATOM   159  O O   . GLU A 1 20  ? -0.34532  -12.36736 -14.80330 1.000 23.19407 ? 20  GLU A O   1 
ATOM   160  C CB  . GLU A 1 20  ? -0.18082  -15.09284 -12.88799 1.000 27.60036 ? 20  GLU A CB  1 
ATOM   161  C CG  . GLU A 1 20  ? 1.21467   -15.34916 -13.48374 1.000 32.14460 ? 20  GLU A CG  1 
ATOM   162  C CD  . GLU A 1 20  ? 1.44574   -14.77393 -14.85784 1.000 35.86324 ? 20  GLU A CD  1 
ATOM   163  O OE1 . GLU A 1 20  ? 0.59595   -14.98888 -15.74676 1.000 40.39936 ? 20  GLU A OE1 1 
ATOM   164  O OE2 . GLU A 1 20  ? 2.50520   -14.14089 -15.06413 1.000 34.04680 ? 20  GLU A OE2 1 
ATOM   165  N N   . ARG A 1 21  ? -2.36667  -13.30968 -14.52386 1.000 28.08598 ? 21  ARG A N   1 
ATOM   166  C CA  . ARG A 1 21  ? -2.85033  -12.72464 -15.77945 1.000 25.64274 ? 21  ARG A CA  1 
ATOM   167  C C   . ARG A 1 21  ? -3.13720  -11.23332 -15.70072 1.000 26.59977 ? 21  ARG A C   1 
ATOM   168  O O   . ARG A 1 21  ? -3.55436  -10.65484 -16.71450 1.000 26.51213 ? 21  ARG A O   1 
ATOM   169  C CB  . ARG A 1 21  ? -4.11703  -13.43184 -16.27653 1.000 31.49530 ? 21  ARG A CB  1 
ATOM   170  C CG  . ARG A 1 21  ? -3.99881  -14.91144 -16.62996 1.000 36.20997 ? 21  ARG A CG  1 
ATOM   171  C CD  . ARG A 1 21  ? -2.58117  -15.34129 -16.97497 1.000 37.67694 ? 21  ARG A CD  1 
ATOM   172  N NE  . ARG A 1 21  ? -2.58441  -16.68472 -17.54281 1.000 44.06444 ? 21  ARG A NE  1 
ATOM   173  C CZ  . ARG A 1 21  ? -1.81807  -17.06730 -18.55498 1.000 43.60322 ? 21  ARG A CZ  1 
ATOM   174  N NH1 . ARG A 1 21  ? -0.94363  -16.24097 -19.10810 1.000 37.63402 ? 21  ARG A NH1 1 
ATOM   175  N NH2 . ARG A 1 21  ? -1.94212  -18.30550 -19.03356 1.000 44.11116 ? 21  ARG A NH2 1 
ATOM   176  N N   . GLU A 1 22  ? -2.94209  -10.59435 -14.55036 1.000 20.83163 ? 22  GLU A N   1 
ATOM   177  C CA  . GLU A 1 22  ? -3.17458  -9.16999  -14.41824 1.000 23.83515 ? 22  GLU A CA  1 
ATOM   178  C C   . GLU A 1 22  ? -1.88265  -8.37191  -14.32463 1.000 17.57653 ? 22  GLU A C   1 
ATOM   179  O O   . GLU A 1 22  ? -1.93374  -7.13813  -14.19241 1.000 21.40343 ? 22  GLU A O   1 
ATOM   180  C CB  . GLU A 1 22  ? -4.04240  -8.90535  -13.18917 1.000 22.22279 ? 22  GLU A CB  1 
ATOM   181  C CG  . GLU A 1 22  ? -5.44624  -9.48197  -13.32624 1.000 23.42081 ? 22  GLU A CG  1 
ATOM   182  C CD  . GLU A 1 22  ? -6.23636  -9.33223  -12.05774 1.000 25.24570 ? 22  GLU A CD  1 
ATOM   183  O OE1 . GLU A 1 22  ? -5.66716  -9.57999  -10.97267 1.000 23.01059 ? 22  GLU A OE1 1 
ATOM   184  O OE2 . GLU A 1 22  ? -7.41574  -8.91800  -12.14126 1.000 27.17135 ? 22  GLU A OE2 1 
ATOM   185  N N   . LEU A 1 23  ? -0.73358  -9.03855  -14.39528 1.000 20.64182 ? 23  LEU A N   1 
ATOM   186  C CA  . LEU A 1 23  ? 0.51983   -8.34605  -14.11181 1.000 22.63143 ? 23  LEU A CA  1 
ATOM   187  C C   . LEU A 1 23  ? 0.88935   -7.36514  -15.21926 1.000 22.20107 ? 23  LEU A C   1 
ATOM   188  O O   . LEU A 1 23  ? 1.33869   -6.25113  -14.93189 1.000 21.33981 ? 23  LEU A O   1 
ATOM   189  C CB  . LEU A 1 23  ? 1.63302   -9.36254  -13.87700 1.000 20.32070 ? 23  LEU A CB  1 
ATOM   190  C CG  . LEU A 1 23  ? 1.40536   -10.35621 -12.72657 1.000 20.85457 ? 23  LEU A CG  1 
ATOM   191  C CD1 . LEU A 1 23  ? 2.56419   -11.30773 -12.60003 1.000 23.75056 ? 23  LEU A CD1 1 
ATOM   192  C CD2 . LEU A 1 23  ? 1.19419   -9.65785  -11.39447 1.000 24.02753 ? 23  LEU A CD2 1 
ATOM   193  N N   . ASP A 1 24  ? 0.68926   -7.73374  -16.48855 1.000 22.65924 ? 24  ASP A N   1 
ATOM   194  C CA  . ASP A 1 24  ? 0.90111   -6.75347  -17.55436 1.000 20.63938 ? 24  ASP A CA  1 
ATOM   195  C C   . ASP A 1 24  ? -0.04318  -5.57462  -17.39454 1.000 21.71943 ? 24  ASP A C   1 
ATOM   196  O O   . ASP A 1 24  ? 0.33013   -4.41825  -17.63130 1.000 22.77638 ? 24  ASP A O   1 
ATOM   197  C CB  . ASP A 1 24  ? 0.68063   -7.40284  -18.92667 1.000 22.03658 ? 24  ASP A CB  1 
ATOM   198  C CG  . ASP A 1 24  ? 1.92818   -8.00921  -19.51118 1.000 25.66795 ? 24  ASP A CG  1 
ATOM   199  O OD1 . ASP A 1 24  ? 2.83694   -8.41225  -18.76064 1.000 26.18612 ? 24  ASP A OD1 1 
ATOM   200  O OD2 . ASP A 1 24  ? 1.97745   -8.13982  -20.76024 1.000 32.58744 ? 24  ASP A OD2 1 
ATOM   201  N N   . GLU A 1 25  ? -1.28471  -5.86620  -17.01644 1.000 22.06597 ? 25  GLU A N   1 
ATOM   202  C CA  . GLU A 1 25  ? -2.31408  -4.85590  -16.84616 1.000 25.77168 ? 25  GLU A CA  1 
ATOM   203  C C   . GLU A 1 25  ? -1.91132  -3.84976  -15.77129 1.000 22.99342 ? 25  GLU A C   1 
ATOM   204  O O   . GLU A 1 25  ? -2.08515  -2.63757  -15.94476 1.000 24.80315 ? 25  GLU A O   1 
ATOM   205  C CB  . GLU A 1 25  ? -3.60214  -5.60528  -16.50826 1.000 28.93889 ? 25  GLU A CB  1 
ATOM   206  C CG  . GLU A 1 25  ? -4.78354  -5.34041  -17.39954 1.000 33.35118 ? 25  GLU A CG  1 
ATOM   207  C CD  . GLU A 1 25  ? -6.06167  -5.87379  -16.80057 1.000 35.52862 ? 25  GLU A CD  1 
ATOM   208  O OE1 . GLU A 1 25  ? -6.04440  -7.05586  -16.38697 1.000 32.41419 ? 25  GLU A OE1 1 
ATOM   209  O OE2 . GLU A 1 25  ? -7.06472  -5.13162  -16.73614 1.000 41.13339 ? 25  GLU A OE2 1 
ATOM   210  N N   . VAL A 1 26  ? -1.32905  -4.34325  -14.67057 1.000 21.15994 ? 26  VAL A N   1 
ATOM   211  C CA  . VAL A 1 26  ? -0.81812  -3.48705  -13.60010 1.000 21.85358 ? 26  VAL A CA  1 
ATOM   212  C C   . VAL A 1 26  ? 0.44690   -2.76321  -14.04980 1.000 21.59928 ? 26  VAL A C   1 
ATOM   213  O O   . VAL A 1 26  ? 0.60204   -1.55852  -13.80970 1.000 22.34506 ? 26  VAL A O   1 
ATOM   214  C CB  . VAL A 1 26  ? -0.56801  -4.32780  -12.33137 1.000 20.54522 ? 26  VAL A CB  1 
ATOM   215  C CG1 . VAL A 1 26  ? 0.11578   -3.48833  -11.23923 1.000 22.02634 ? 26  VAL A CG1 1 
ATOM   216  C CG2 . VAL A 1 26  ? -1.87422  -4.92316  -11.81530 1.000 25.23777 ? 26  VAL A CG2 1 
ATOM   217  N N   . ALA A 1 27  ? 1.35717   -3.47526  -14.72550 1.000 21.80618 ? 27  ALA A N   1 
ATOM   218  C CA  . ALA A 1 27  ? 2.61209   -2.85548  -15.14563 1.000 22.06136 ? 27  ALA A CA  1 
ATOM   219  C C   . ALA A 1 27  ? 2.37087   -1.69635  -16.10753 1.000 24.74800 ? 27  ALA A C   1 
ATOM   220  O O   . ALA A 1 27  ? 3.13956   -0.72694  -16.11392 1.000 25.49264 ? 27  ALA A O   1 
ATOM   221  C CB  . ALA A 1 27  ? 3.53801   -3.90034  -15.77743 1.000 20.17644 ? 27  ALA A CB  1 
ATOM   222  N N   . LYS A 1 28  ? 1.30045   -1.76432  -16.90385 1.000 24.31695 ? 28  LYS A N   1 
ATOM   223  C CA  . LYS A 1 28  ? 0.98204   -0.67749  -17.82620 1.000 25.33291 ? 28  LYS A CA  1 
ATOM   224  C C   . LYS A 1 28  ? 0.69235   0.61965   -17.08290 1.000 25.16597 ? 28  LYS A C   1 
ATOM   225  O O   . LYS A 1 28  ? 1.02732   1.70675   -17.56807 1.000 28.14138 ? 28  LYS A O   1 
ATOM   226  C CB  . LYS A 1 28  ? -0.20926  -1.06810  -18.69800 1.000 27.91424 ? 28  LYS A CB  1 
ATOM   227  C CG  . LYS A 1 28  ? -0.61699  -0.00994  -19.71322 1.000 35.65461 ? 28  LYS A CG  1 
ATOM   228  C CD  . LYS A 1 28  ? -1.31255  -0.65238  -20.89580 1.000 38.36492 ? 28  LYS A CD  1 
ATOM   229  C CE  . LYS A 1 28  ? -1.59796  0.36376   -21.98962 1.000 43.36122 ? 28  LYS A CE  1 
ATOM   230  N NZ  . LYS A 1 28  ? -0.34582  0.78975   -22.67406 1.000 45.08493 ? 28  LYS A NZ  1 
ATOM   231  N N   . ASP A 1 29  ? 0.06575   0.52741   -15.90500 1.000 24.08019 ? 29  ASP A N   1 
ATOM   232  C CA  . ASP A 1 29  ? -0.36618  1.69152   -15.14096 1.000 26.45519 ? 29  ASP A CA  1 
ATOM   233  C C   . ASP A 1 29  ? 0.58381   2.06184   -14.01213 1.000 22.86487 ? 29  ASP A C   1 
ATOM   234  O O   . ASP A 1 29  ? 0.64175   3.23261   -13.63270 1.000 26.93723 ? 29  ASP A O   1 
ATOM   235  C CB  . ASP A 1 29  ? -1.76691  1.45940   -14.54119 1.000 29.48903 ? 29  ASP A CB  1 
ATOM   236  C CG  . ASP A 1 29  ? -2.78677  0.96577   -15.56608 1.000 32.10440 ? 29  ASP A CG  1 
ATOM   237  O OD1 . ASP A 1 29  ? -2.86605  1.55566   -16.66098 1.000 28.46850 ? 29  ASP A OD1 1 
ATOM   238  O OD2 . ASP A 1 29  ? -3.52477  -0.00608  -15.26870 1.000 34.18131 ? 29  ASP A OD2 1 
ATOM   239  N N   . PHE A 1 30  ? 1.34152   1.09711   -13.48627 1.000 20.44592 ? 30  PHE A N   1 
ATOM   240  C CA  . PHE A 1 30  ? 2.13709   1.28040   -12.27852 1.000 20.06475 ? 30  PHE A CA  1 
ATOM   241  C C   . PHE A 1 30  ? 3.57675   0.86663   -12.52666 1.000 21.27992 ? 30  PHE A C   1 
ATOM   242  O O   . PHE A 1 30  ? 3.84499   -0.24094  -13.00344 1.000 23.61147 ? 30  PHE A O   1 
ATOM   243  C CB  . PHE A 1 30  ? 1.56695   0.46677   -11.11076 1.000 20.47955 ? 30  PHE A CB  1 
ATOM   244  C CG  . PHE A 1 30  ? 0.18372   0.87056   -10.72262 1.000 17.40326 ? 30  PHE A CG  1 
ATOM   245  C CD1 . PHE A 1 30  ? -0.00601  1.94788   -9.87633  1.000 16.60094 ? 30  PHE A CD1 1 
ATOM   246  C CD2 . PHE A 1 30  ? -0.92764  0.20013   -11.22206 1.000 20.94690 ? 30  PHE A CD2 1 
ATOM   247  C CE1 . PHE A 1 30  ? -1.27007  2.35069   -9.49859  1.000 16.92031 ? 30  PHE A CE1 1 
ATOM   248  C CE2 . PHE A 1 30  ? -2.20975  0.59910   -10.86502 1.000 20.14836 ? 30  PHE A CE2 1 
ATOM   249  C CZ  . PHE A 1 30  ? -2.38763  1.67075   -9.99941  1.000 19.20156 ? 30  PHE A CZ  1 
ATOM   250  N N   . ASP A 1 31  ? 4.49765   1.74322   -12.16122 1.000 20.52119 ? 31  ASP A N   1 
ATOM   251  C CA  . ASP A 1 31  ? 5.90809   1.47268   -12.30943 1.000 19.98469 ? 31  ASP A CA  1 
ATOM   252  C C   . ASP A 1 31  ? 6.53404   0.93944   -11.03211 1.000 18.50678 ? 31  ASP A C   1 
ATOM   253  O O   . ASP A 1 31  ? 7.68623   0.48644   -11.06771 1.000 17.24465 ? 31  ASP A O   1 
ATOM   254  C CB  . ASP A 1 31  ? 6.61343   2.74815   -12.78002 1.000 21.87720 ? 31  ASP A CB  1 
ATOM   255  C CG  . ASP A 1 31  ? 5.76804   3.52634   -13.78356 1.000 28.28725 ? 31  ASP A CG  1 
ATOM   256  O OD1 . ASP A 1 31  ? 5.82409   3.16063   -14.97463 1.000 36.42794 ? 31  ASP A OD1 1 
ATOM   257  O OD2 . ASP A 1 31  ? 5.00406   4.44746   -13.38055 1.000 31.33539 ? 31  ASP A OD2 1 
ATOM   258  N N   . ALA A 1 32  ? 5.79698   0.95621   -9.92193  1.000 17.38749 ? 32  ALA A N   1 
ATOM   259  C CA  . ALA A 1 32  ? 6.28899   0.42786   -8.65875  1.000 18.57354 ? 32  ALA A CA  1 
ATOM   260  C C   . ALA A 1 32  ? 5.12925   -0.21632  -7.90863  1.000 16.18122 ? 32  ALA A C   1 
ATOM   261  O O   . ALA A 1 32  ? 3.97900   0.22286   -8.01932  1.000 17.37959 ? 32  ALA A O   1 
ATOM   262  C CB  . ALA A 1 32  ? 6.92892   1.53569   -7.82121  1.000 19.29586 ? 32  ALA A CB  1 
ATOM   263  N N   . VAL A 1 33  ? 5.44481   -1.28304  -7.16819  1.000 15.56183 ? 33  VAL A N   1 
ATOM   264  C CA  . VAL A 1 33  ? 4.47147   -2.02536  -6.37552  1.000 17.51132 ? 33  VAL A CA  1 
ATOM   265  C C   . VAL A 1 33  ? 5.03783   -2.23239  -4.97954  1.000 16.34866 ? 33  VAL A C   1 
ATOM   266  O O   . VAL A 1 33  ? 6.19634   -2.64275  -4.81993  1.000 17.08963 ? 33  VAL A O   1 
ATOM   267  C CB  . VAL A 1 33  ? 4.12243   -3.37927  -7.02524  1.000 17.57439 ? 33  VAL A CB  1 
ATOM   268  C CG1 . VAL A 1 33  ? 3.08021   -4.14815  -6.20760  1.000 17.66041 ? 33  VAL A CG1 1 
ATOM   269  C CG2 . VAL A 1 33  ? 3.60173   -3.18059  -8.44492  1.000 19.27586 ? 33  VAL A CG2 1 
ATOM   270  N N   . VAL A 1 34  ? 4.22094   -1.94272  -3.97204  1.000 14.13113 ? 34  VAL A N   1 
ATOM   271  C CA  . VAL A 1 34  ? 4.52298   -2.26093  -2.57505  1.000 16.18889 ? 34  VAL A CA  1 
ATOM   272  C C   . VAL A 1 34  ? 3.77128   -3.53508  -2.21946  1.000 14.61830 ? 34  VAL A C   1 
ATOM   273  O O   . VAL A 1 34  ? 2.53099   -3.55281  -2.24447  1.000 16.02831 ? 34  VAL A O   1 
ATOM   274  C CB  . VAL A 1 34  ? 4.12058   -1.11264  -1.64285  1.000 14.61342 ? 34  VAL A CB  1 
ATOM   275  C CG1 . VAL A 1 34  ? 4.24654   -1.56789  -0.17053  1.000 18.12632 ? 34  VAL A CG1 1 
ATOM   276  C CG2 . VAL A 1 34  ? 4.95911   0.14107   -1.92721  1.000 14.89330 ? 34  VAL A CG2 1 
ATOM   277  N N   . VAL A 1 35  ? 4.50945   -4.60465  -1.88576  1.000 13.71973 ? 35  VAL A N   1 
ATOM   278  C CA  . VAL A 1 35  ? 3.93698   -5.93335  -1.65626  1.000 13.94231 ? 35  VAL A CA  1 
ATOM   279  C C   . VAL A 1 35  ? 4.03079   -6.22553  -0.16527  1.000 15.75093 ? 35  VAL A C   1 
ATOM   280  O O   . VAL A 1 35  ? 5.13616   -6.40938  0.37455   1.000 14.44970 ? 35  VAL A O   1 
ATOM   281  C CB  . VAL A 1 35  ? 4.65396   -7.00898  -2.47750  1.000 14.12862 ? 35  VAL A CB  1 
ATOM   282  C CG1 . VAL A 1 35  ? 4.05334   -8.37934  -2.18256  1.000 16.99990 ? 35  VAL A CG1 1 
ATOM   283  C CG2 . VAL A 1 35  ? 4.56341   -6.69187  -3.97874  1.000 15.18411 ? 35  VAL A CG2 1 
ATOM   284  N N   . LEU A 1 36  ? 2.87220   -6.28685  0.49927   1.000 14.11719 ? 36  LEU A N   1 
ATOM   285  C CA  . LEU A 1 36  ? 2.80267   -6.39008  1.95591   1.000 15.28682 ? 36  LEU A CA  1 
ATOM   286  C C   . LEU A 1 36  ? 2.60605   -7.80755  2.46788   1.000 17.19835 ? 36  LEU A C   1 
ATOM   287  O O   . LEU A 1 36  ? 2.33912   -7.98180  3.65716   1.000 18.89083 ? 36  LEU A O   1 
ATOM   288  C CB  . LEU A 1 36  ? 1.68882   -5.48161  2.49435   1.000 14.06423 ? 36  LEU A CB  1 
ATOM   289  C CG  . LEU A 1 36  ? 1.91738   -4.00238  2.14883   1.000 16.06796 ? 36  LEU A CG  1 
ATOM   290  C CD1 . LEU A 1 36  ? 0.67578   -3.21446  2.53127   1.000 17.53324 ? 36  LEU A CD1 1 
ATOM   291  C CD2 . LEU A 1 36  ? 3.15776   -3.45813  2.84836   1.000 17.67535 ? 36  LEU A CD2 1 
ATOM   292  N N   . VAL A 1 37  ? 2.76288   -8.81757  1.62981   1.000 19.26186 ? 37  VAL A N   1 
ATOM   293  C CA  . VAL A 1 37  ? 2.59850   -10.18613 2.10364   1.000 20.36398 ? 37  VAL A CA  1 
ATOM   294  C C   . VAL A 1 37  ? 3.88633   -10.96555 1.91146   1.000 19.98269 ? 37  VAL A C   1 
ATOM   295  O O   . VAL A 1 37  ? 4.67219   -10.71284 0.98979   1.000 19.26414 ? 37  VAL A O   1 
ATOM   296  C CB  . VAL A 1 37  ? 1.43633   -10.90775 1.39958   1.000 25.69711 ? 37  VAL A CB  1 
ATOM   297  C CG1 . VAL A 1 37  ? 0.11720   -10.25473 1.74796   1.000 28.03561 ? 37  VAL A CG1 1 
ATOM   298  C CG2 . VAL A 1 37  ? 1.66361   -10.91350 -0.09088  1.000 23.13510 ? 37  VAL A CG2 1 
ATOM   299  N N   . GLU A 1 38  ? 4.07518   -11.94386 2.79486   1.000 21.97617 ? 38  GLU A N   1 
ATOM   300  C CA  . GLU A 1 38  ? 5.18749   -12.87788 2.69832   1.000 19.52644 ? 38  GLU A CA  1 
ATOM   301  C C   . GLU A 1 38  ? 5.13991   -13.66560 1.39186   1.000 20.92926 ? 38  GLU A C   1 
ATOM   302  O O   . GLU A 1 38  ? 4.07075   -13.90082 0.81573   1.000 18.25688 ? 38  GLU A O   1 
ATOM   303  C CB  . GLU A 1 38  ? 5.15709   -13.84276 3.88673   1.000 22.41346 ? 38  GLU A CB  1 
ATOM   304  C CG  . GLU A 1 38  ? 3.84259   -14.62302 3.96059   1.000 23.11075 ? 38  GLU A CG  1 
ATOM   305  C CD  . GLU A 1 38  ? 3.76267   -15.55705 5.14299   1.000 26.77402 ? 38  GLU A CD  1 
ATOM   306  O OE1 . GLU A 1 38  ? 2.85945   -16.42350 5.16497   1.000 29.54198 ? 38  GLU A OE1 1 
ATOM   307  O OE2 . GLU A 1 38  ? 4.61728   -15.44717 6.03897   1.000 37.10868 ? 38  GLU A OE2 1 
ATOM   308  N N   . GLU A 1 39  ? 6.32799   -14.07123 0.91916   1.000 19.54334 ? 39  GLU A N   1 
ATOM   309  C CA  . GLU A 1 39  ? 6.41103   -14.81743 -0.33834  1.000 21.46390 ? 39  GLU A CA  1 
ATOM   310  C C   . GLU A 1 39  ? 5.55270   -16.07197 -0.30038  1.000 21.32955 ? 39  GLU A C   1 
ATOM   311  O O   . GLU A 1 39  ? 5.00789   -16.48552 -1.33601  1.000 20.70163 ? 39  GLU A O   1 
ATOM   312  C CB  . GLU A 1 39  ? 7.85898   -15.20861 -0.64725  1.000 26.89014 ? 39  GLU A CB  1 
ATOM   313  C CG  . GLU A 1 39  ? 8.47837   -16.11665 0.40846   1.000 29.71987 ? 39  GLU A CG  1 
ATOM   314  C CD  . GLU A 1 39  ? 9.90373   -16.53509 0.08685   1.000 36.46296 ? 39  GLU A CD  1 
ATOM   315  O OE1 . GLU A 1 39  ? 10.08332  -17.37553 -0.82087  1.000 39.38010 ? 39  GLU A OE1 1 
ATOM   316  O OE2 . GLU A 1 39  ? 10.83543  -16.04660 0.76040   1.000 37.22201 ? 39  GLU A OE2 1 
ATOM   317  N N   . TYR A 1 40  ? 5.41579   -16.68374 0.87798   1.000 19.37918 ? 40  TYR A N   1 
ATOM   318  C CA  . TYR A 1 40  ? 4.72897   -17.96609 0.97034   1.000 17.92175 ? 40  TYR A CA  1 
ATOM   319  C C   . TYR A 1 40  ? 3.25777   -17.85430 0.64708   1.000 19.82801 ? 40  TYR A C   1 
ATOM   320  O O   . TYR A 1 40  ? 2.62989   -18.86891 0.34871   1.000 18.19089 ? 40  TYR A O   1 
ATOM   321  C CB  . TYR A 1 40  ? 4.89745   -18.54204 2.37076   1.000 19.27359 ? 40  TYR A CB  1 
ATOM   322  C CG  . TYR A 1 40  ? 6.34127   -18.78233 2.68410   1.000 23.26723 ? 40  TYR A CG  1 
ATOM   323  C CD1 . TYR A 1 40  ? 7.03306   -19.82841 2.08955   1.000 23.84629 ? 40  TYR A CD1 1 
ATOM   324  C CD2 . TYR A 1 40  ? 7.02452   -17.93505 3.53495   1.000 26.51982 ? 40  TYR A CD2 1 
ATOM   325  C CE1 . TYR A 1 40  ? 8.36575   -20.03548 2.35800   1.000 28.78224 ? 40  TYR A CE1 1 
ATOM   326  C CE2 . TYR A 1 40  ? 8.35815   -18.13535 3.81443   1.000 29.98839 ? 40  TYR A CE2 1 
ATOM   327  C CZ  . TYR A 1 40  ? 9.02414   -19.18265 3.21941   1.000 32.53404 ? 40  TYR A CZ  1 
ATOM   328  O OH  . TYR A 1 40  ? 10.36211  -19.37749 3.49704   1.000 37.66876 ? 40  TYR A OH  1 
ATOM   329  N N   . GLU A 1 41  ? 2.69127   -16.65464 0.70014   1.000 18.29856 ? 41  GLU A N   1 
ATOM   330  C CA  A GLU A 1 41  ? 1.27758   -16.48731 0.40813   0.570 18.46325 ? 41  GLU A CA  1 
ATOM   331  C CA  B GLU A 1 41  ? 1.28063   -16.41093 0.42880   0.430 18.51270 ? 41  GLU A CA  1 
ATOM   332  C C   . GLU A 1 41  ? 1.02668   -15.97686 -1.00372  1.000 19.76424 ? 41  GLU A C   1 
ATOM   333  O O   . GLU A 1 41  ? -0.12921  -15.74481 -1.37096  1.000 20.45702 ? 41  GLU A O   1 
ATOM   334  C CB  A GLU A 1 41  ? 0.64886   -15.57698 1.46384   0.570 19.28575 ? 41  GLU A CB  1 
ATOM   335  C CB  B GLU A 1 41  ? 0.72980   -15.34567 1.39197   0.430 19.21016 ? 41  GLU A CB  1 
ATOM   336  C CG  A GLU A 1 41  ? 0.53511   -16.31832 2.78996   0.570 21.41774 ? 41  GLU A CG  1 
ATOM   337  C CG  B GLU A 1 41  ? 0.34830   -15.88356 2.76601   0.430 21.39388 ? 41  GLU A CG  1 
ATOM   338  C CD  A GLU A 1 41  ? -0.31150  -15.61449 3.82667   0.570 20.11555 ? 41  GLU A CD  1 
ATOM   339  C CD  B GLU A 1 41  ? -0.13949  -14.80718 3.72812   0.430 21.46492 ? 41  GLU A CD  1 
ATOM   340  O OE1 A GLU A 1 41  ? -0.42245  -14.37058 3.76465   0.570 22.50451 ? 41  GLU A OE1 1 
ATOM   341  O OE1 B GLU A 1 41  ? -1.30159  -14.34690 3.59966   0.430 19.85435 ? 41  GLU A OE1 1 
ATOM   342  O OE2 A GLU A 1 41  ? -0.84260  -16.30564 4.72301   0.570 16.71430 ? 41  GLU A OE2 1 
ATOM   343  O OE2 B GLU A 1 41  ? 0.63864   -14.43777 4.63690   0.430 21.61234 ? 41  GLU A OE2 1 
ATOM   344  N N   . LEU A 1 42  ? 2.11110   -15.84052 -1.83653  1.000 18.90625 ? 42  LEU A N   1 
ATOM   345  C CA  . LEU A 1 42  ? 1.99458   -15.38347 -3.21005  1.000 21.25839 ? 42  LEU A CA  1 
ATOM   346  C C   . LEU A 1 42  ? 1.84983   -16.58010 -4.14004  1.000 20.72665 ? 42  LEU A C   1 
ATOM   347  O O   . LEU A 1 42  ? 2.43014   -17.64118 -3.89073  1.000 20.62869 ? 42  LEU A O   1 
ATOM   348  C CB  . LEU A 1 42  ? 3.23232   -14.58423 -3.59776  1.000 23.45944 ? 42  LEU A CB  1 
ATOM   349  C CG  . LEU A 1 42  ? 3.33366   -13.17213 -3.00962  1.000 28.47256 ? 42  LEU A CG  1 
ATOM   350  C CD1 . LEU A 1 42  ? 4.74174   -12.64677 -3.18933  1.000 25.95018 ? 42  LEU A CD1 1 
ATOM   351  C CD2 . LEU A 1 42  ? 2.32414   -12.20791 -3.59647  1.000 28.08819 ? 42  LEU A CD2 1 
ATOM   352  N N   . PRO A 1 43  ? 1.07082   -16.45166 -5.21116  1.000 18.23046 ? 43  PRO A N   1 
ATOM   353  C CA  . PRO A 1 43  ? 0.93182   -17.55326 -6.17663  1.000 20.80623 ? 43  PRO A CA  1 
ATOM   354  C C   . PRO A 1 43  ? 1.87042   -17.44500 -7.36839  1.000 20.46721 ? 43  PRO A C   1 
ATOM   355  O O   . PRO A 1 43  ? 1.69400   -18.20378 -8.32448  1.000 19.59381 ? 43  PRO A O   1 
ATOM   356  C CB  . PRO A 1 43  ? -0.52431  -17.39840 -6.62107  1.000 20.69975 ? 43  PRO A CB  1 
ATOM   357  C CG  . PRO A 1 43  ? -0.73838  -15.91197 -6.59592  1.000 21.34307 ? 43  PRO A CG  1 
ATOM   358  C CD  . PRO A 1 43  ? 0.15656   -15.34377 -5.51557  1.000 17.90796 ? 43  PRO A CD  1 
ATOM   359  N N   . TYR A 1 44  ? 2.81915   -16.50860 -7.32566  1.000 18.25859 ? 44  TYR A N   1 
ATOM   360  C CA  . TYR A 1 44  ? 3.87446   -16.35839 -8.31592  1.000 18.33559 ? 44  TYR A CA  1 
ATOM   361  C C   . TYR A 1 44  ? 5.05261   -15.69773 -7.61278  1.000 21.57694 ? 44  TYR A C   1 
ATOM   362  O O   . TYR A 1 44  ? 4.91406   -15.15508 -6.51437  1.000 19.71359 ? 44  TYR A O   1 
ATOM   363  C CB  . TYR A 1 44  ? 3.41784   -15.52209 -9.53789  1.000 19.35701 ? 44  TYR A CB  1 
ATOM   364  C CG  . TYR A 1 44  ? 2.73954   -14.22810 -9.13469  1.000 16.74904 ? 44  TYR A CG  1 
ATOM   365  C CD1 . TYR A 1 44  ? 3.48769   -13.11964 -8.73313  1.000 16.52640 ? 44  TYR A CD1 1 
ATOM   366  C CD2 . TYR A 1 44  ? 1.36124   -14.13927 -9.09344  1.000 16.62323 ? 44  TYR A CD2 1 
ATOM   367  C CE1 . TYR A 1 44  ? 2.86689   -11.93672 -8.32312  1.000 16.76591 ? 44  TYR A CE1 1 
ATOM   368  C CE2 . TYR A 1 44  ? 0.73207   -12.96379 -8.69159  1.000 16.87513 ? 44  TYR A CE2 1 
ATOM   369  C CZ  . TYR A 1 44  ? 1.49332   -11.86981 -8.30401  1.000 16.16148 ? 44  TYR A CZ  1 
ATOM   370  O OH  . TYR A 1 44  ? 0.85638   -10.71669 -7.91124  1.000 17.55069 ? 44  TYR A OH  1 
ATOM   371  N N   . SER A 1 45  ? 6.21444   -15.76230 -8.25222  1.000 18.87101 ? 45  SER A N   1 
ATOM   372  C CA  . SER A 1 45  ? 7.42406   -15.15182 -7.72381  1.000 19.46996 ? 45  SER A CA  1 
ATOM   373  C C   . SER A 1 45  ? 7.40242   -13.65330 -7.97723  1.000 18.49684 ? 45  SER A C   1 
ATOM   374  O O   . SER A 1 45  ? 6.97245   -13.20666 -9.04038  1.000 18.93416 ? 45  SER A O   1 
ATOM   375  C CB  . SER A 1 45  ? 8.65046   -15.76735 -8.39906  1.000 24.23430 ? 45  SER A CB  1 
ATOM   376  O OG  . SER A 1 45  ? 9.82710   -15.01156 -8.14434  1.000 24.33681 ? 45  SER A OG  1 
ATOM   377  N N   . LEU A 1 46  ? 7.89193   -12.86927 -7.01048  1.000 19.67691 ? 46  LEU A N   1 
ATOM   378  C CA  . LEU A 1 46  ? 8.03341   -11.43804 -7.27713  1.000 17.57469 ? 46  LEU A CA  1 
ATOM   379  C C   . LEU A 1 46  ? 9.05370   -11.13850 -8.37664  1.000 19.83350 ? 46  LEU A C   1 
ATOM   380  O O   . LEU A 1 46  ? 9.11842   -9.99420  -8.84279  1.000 18.44112 ? 46  LEU A O   1 
ATOM   381  C CB  . LEU A 1 46  ? 8.39890   -10.69135 -5.99139  1.000 18.31573 ? 46  LEU A CB  1 
ATOM   382  C CG  . LEU A 1 46  ? 7.26693   -10.72947 -4.96497  1.000 17.95984 ? 46  LEU A CG  1 
ATOM   383  C CD1 . LEU A 1 46  ? 7.61826   -9.94550  -3.70476  1.000 17.62258 ? 46  LEU A CD1 1 
ATOM   384  C CD2 . LEU A 1 46  ? 5.96908   -10.21358 -5.58376  1.000 17.21208 ? 46  LEU A CD2 1 
ATOM   385  N N   . GLU A 1 47  ? 9.83470   -12.13275 -8.82001  1.000 21.29225 ? 47  GLU A N   1 
ATOM   386  C CA  . GLU A 1 47  ? 10.59693  -11.96954 -10.05266 1.000 22.31226 ? 47  GLU A CA  1 
ATOM   387  C C   . GLU A 1 47  ? 9.70591   -11.62499 -11.23944 1.000 22.18722 ? 47  GLU A C   1 
ATOM   388  O O   . GLU A 1 47  ? 10.19207  -11.03698 -12.20955 1.000 21.84437 ? 47  GLU A O   1 
ATOM   389  C CB  . GLU A 1 47  ? 11.39876  -13.23972 -10.35175 1.000 26.70379 ? 47  GLU A CB  1 
ATOM   390  C CG  . GLU A 1 47  ? 12.88533  -13.01068 -10.60407 1.000 36.02393 ? 47  GLU A CG  1 
ATOM   391  C CD  . GLU A 1 47  ? 13.61037  -14.28429 -11.00394 1.000 46.40039 ? 47  GLU A CD  1 
ATOM   392  O OE1 . GLU A 1 47  ? 14.69505  -14.55393 -10.44279 1.000 48.13322 ? 47  GLU A OE1 1 
ATOM   393  O OE2 . GLU A 1 47  ? 13.10199  -15.01101 -11.88772 1.000 50.11610 ? 47  GLU A OE2 1 
ATOM   394  N N   . GLU A 1 48  ? 8.41212   -11.96363 -11.18708 1.000 19.29858 ? 48  GLU A N   1 
ATOM   395  C CA  . GLU A 1 48  ? 7.51501   -11.60516 -12.27899 1.000 21.01174 ? 48  GLU A CA  1 
ATOM   396  C C   . GLU A 1 48  ? 7.53001   -10.10466 -12.54480 1.000 20.62995 ? 48  GLU A C   1 
ATOM   397  O O   . GLU A 1 48  ? 7.39859   -9.67751  -13.69567 1.000 22.80942 ? 48  GLU A O   1 
ATOM   398  C CB  . GLU A 1 48  ? 6.08381   -12.06052 -11.97793 1.000 21.70649 ? 48  GLU A CB  1 
ATOM   399  C CG  . GLU A 1 48  ? 5.90115   -13.56439 -11.92755 1.000 22.51689 ? 48  GLU A CG  1 
ATOM   400  C CD  . GLU A 1 48  ? 5.73249   -14.20411 -13.30247 1.000 31.73197 ? 48  GLU A CD  1 
ATOM   401  O OE1 . GLU A 1 48  ? 5.77845   -13.48628 -14.32766 1.000 30.51089 ? 48  GLU A OE1 1 
ATOM   402  O OE2 . GLU A 1 48  ? 5.54828   -15.43608 -13.34937 1.000 32.51733 ? 48  GLU A OE2 1 
ATOM   403  N N   . TRP A 1 49  ? 7.67915   -9.28810  -11.49530 1.000 17.64098 ? 49  TRP A N   1 
ATOM   404  C CA  . TRP A 1 49  ? 7.71004   -7.84368  -11.67899 1.000 17.01950 ? 49  TRP A CA  1 
ATOM   405  C C   . TRP A 1 49  ? 9.04518   -7.37689  -12.23716 1.000 17.34873 ? 49  TRP A C   1 
ATOM   406  O O   . TRP A 1 49  ? 9.09042   -6.41360  -13.01517 1.000 20.07800 ? 49  TRP A O   1 
ATOM   407  C CB  . TRP A 1 49  ? 7.46182   -7.14066  -10.34686 1.000 17.43937 ? 49  TRP A CB  1 
ATOM   408  C CG  . TRP A 1 49  ? 6.15608   -7.37200  -9.74282  1.000 17.08250 ? 49  TRP A CG  1 
ATOM   409  C CD1 . TRP A 1 49  ? 5.91100   -7.96990  -8.52554  1.000 16.65772 ? 49  TRP A CD1 1 
ATOM   410  C CD2 . TRP A 1 49  ? 4.88387   -6.96447  -10.25365 1.000 16.92330 ? 49  TRP A CD2 1 
ATOM   411  N NE1 . TRP A 1 49  ? 4.56230   -7.97691  -8.27298  1.000 17.83385 ? 49  TRP A NE1 1 
ATOM   412  C CE2 . TRP A 1 49  ? 3.91066   -7.35896  -9.31021  1.000 19.27523 ? 49  TRP A CE2 1 
ATOM   413  C CE3 . TRP A 1 49  ? 4.47383   -6.30596  -11.41473 1.000 17.76645 ? 49  TRP A CE3 1 
ATOM   414  C CZ2 . TRP A 1 49  ? 2.55994   -7.13162  -9.49281  1.000 18.05051 ? 49  TRP A CZ2 1 
ATOM   415  C CZ3 . TRP A 1 49  ? 3.12244   -6.07980  -11.60018 1.000 20.95927 ? 49  TRP A CZ3 1 
ATOM   416  C CH2 . TRP A 1 49  ? 2.17926   -6.48823  -10.64325 1.000 20.16703 ? 49  TRP A CH2 1 
ATOM   417  N N   . LYS A 1 50  ? 10.12819  -8.02273  -11.80926 1.000 19.26224 ? 50  LYS A N   1 
ATOM   418  C CA  . LYS A 1 50  ? 11.45996  -7.61427  -12.23605 1.000 20.51532 ? 50  LYS A CA  1 
ATOM   419  C C   . LYS A 1 50  ? 11.60969  -7.74985  -13.74664 1.000 20.53675 ? 50  LYS A C   1 
ATOM   420  O O   . LYS A 1 50  ? 12.14438  -6.84812  -14.40795 1.000 21.83421 ? 50  LYS A O   1 
ATOM   421  C CB  . LYS A 1 50  ? 12.51554  -8.43545  -11.49353 1.000 25.36474 ? 50  LYS A CB  1 
ATOM   422  C CG  . LYS A 1 50  ? 13.94788  -8.03547  -11.79239 1.000 28.55065 ? 50  LYS A CG  1 
ATOM   423  C CD  . LYS A 1 50  ? 14.89217  -8.49315  -10.69356 1.000 29.11111 ? 50  LYS A CD  1 
ATOM   424  C CE  . LYS A 1 50  ? 16.09820  -7.55856  -10.60585 1.000 33.50651 ? 50  LYS A CE  1 
ATOM   425  N NZ  . LYS A 1 50  ? 16.93540  -7.66778  -11.83872 1.000 34.48936 ? 50  LYS A NZ  1 
ATOM   426  N N   . LYS A 1 51  ? 11.11407  -8.85057  -14.31567 1.000 21.85456 ? 51  LYS A N   1 
ATOM   427  C CA  . LYS A 1 51  ? 11.21026  -9.03627  -15.75770 1.000 23.32369 ? 51  LYS A CA  1 
ATOM   428  C C   . LYS A 1 51  ? 10.30845  -8.07491  -16.52388 1.000 24.41876 ? 51  LYS A C   1 
ATOM   429  O O   . LYS A 1 51  ? 10.47363  -7.91148  -17.73912 1.000 22.04073 ? 51  LYS A O   1 
ATOM   430  C CB  . LYS A 1 51  ? 10.89336  -10.49093 -16.12767 1.000 22.95899 ? 51  LYS A CB  1 
ATOM   431  C CG  . LYS A 1 51  ? 9.41490   -10.82985 -16.15386 1.000 24.14175 ? 51  LYS A CG  1 
ATOM   432  C CD  . LYS A 1 51  ? 9.21031   -12.33259 -16.22130 1.000 30.32571 ? 51  LYS A CD  1 
ATOM   433  C CE  . LYS A 1 51  ? 7.79018   -12.65717 -16.62423 1.000 30.88750 ? 51  LYS A CE  1 
ATOM   434  N NZ  . LYS A 1 51  ? 7.62872   -14.11574 -16.89133 1.000 34.55758 ? 51  LYS A NZ  1 
ATOM   435  N N   . ARG A 1 52  ? 9.36193   -7.42968  -15.85052 1.000 19.22954 ? 52  ARG A N   1 
ATOM   436  C CA  . ARG A 1 52  ? 8.54333   -6.38762  -16.44652 1.000 18.75123 ? 52  ARG A CA  1 
ATOM   437  C C   . ARG A 1 52  ? 9.10688   -4.98848  -16.20967 1.000 19.46955 ? 52  ARG A C   1 
ATOM   438  O O   . ARG A 1 52  ? 8.50383   -4.00704  -16.64961 1.000 20.19661 ? 52  ARG A O   1 
ATOM   439  C CB  . ARG A 1 52  ? 7.10866   -6.48273  -15.90316 1.000 20.01931 ? 52  ARG A CB  1 
ATOM   440  C CG  . ARG A 1 52  ? 6.38611   -7.76103  -16.32647 1.000 22.58781 ? 52  ARG A CG  1 
ATOM   441  C CD  . ARG A 1 52  ? 5.01984   -7.86617  -15.67358 1.000 24.38195 ? 52  ARG A CD  1 
ATOM   442  N NE  . ARG A 1 52  ? 4.15957   -8.85460  -16.32029 1.000 24.79697 ? 52  ARG A NE  1 
ATOM   443  C CZ  . ARG A 1 52  ? 4.29145   -10.16596 -16.18706 1.000 23.44316 ? 52  ARG A CZ  1 
ATOM   444  N NH1 . ARG A 1 52  ? 5.24860   -10.69407 -15.44125 1.000 23.14568 ? 52  ARG A NH1 1 
ATOM   445  N NH2 . ARG A 1 52  ? 3.41952   -10.96983 -16.79374 1.000 25.84789 ? 52  ARG A NH2 1 
ATOM   446  N N   . GLY A 1 53  ? 10.23152  -4.86728  -15.50533 1.000 18.71729 ? 53  GLY A N   1 
ATOM   447  C CA  . GLY A 1 53  ? 10.78633  -3.55479  -15.21803 1.000 20.01252 ? 53  GLY A CA  1 
ATOM   448  C C   . GLY A 1 53  ? 10.06140  -2.78113  -14.14289 1.000 18.50178 ? 53  GLY A C   1 
ATOM   449  O O   . GLY A 1 53  ? 10.24782  -1.56463  -14.03590 1.000 19.59490 ? 53  GLY A O   1 
ATOM   450  N N   . VAL A 1 54  ? 9.24218   -3.45229  -13.33368 1.000 17.04985 ? 54  VAL A N   1 
ATOM   451  C CA  . VAL A 1 54  ? 8.47510   -2.80940  -12.27619 1.000 18.85903 ? 54  VAL A CA  1 
ATOM   452  C C   . VAL A 1 54  ? 9.27901   -2.89999  -10.98644 1.000 14.79974 ? 54  VAL A C   1 
ATOM   453  O O   . VAL A 1 54  ? 9.74179   -3.98519  -10.61279 1.000 18.42896 ? 54  VAL A O   1 
ATOM   454  C CB  . VAL A 1 54  ? 7.09789   -3.47926  -12.13322 1.000 17.54189 ? 54  VAL A CB  1 
ATOM   455  C CG1 . VAL A 1 54  ? 6.41970   -3.08263  -10.83454 1.000 18.50461 ? 54  VAL A CG1 1 
ATOM   456  C CG2 . VAL A 1 54  ? 6.21462   -3.13184  -13.35259 1.000 19.11450 ? 54  VAL A CG2 1 
ATOM   457  N N   . GLU A 1 55  ? 9.45618   -1.76011  -10.31218 1.000 15.87640 ? 55  GLU A N   1 
ATOM   458  C CA  . GLU A 1 55  ? 10.18200  -1.72128  -9.04209  1.000 15.90208 ? 55  GLU A CA  1 
ATOM   459  C C   . GLU A 1 55  ? 9.31224   -2.29082  -7.92947  1.000 17.28370 ? 55  GLU A C   1 
ATOM   460  O O   . GLU A 1 55  ? 8.10307   -2.06228  -7.91143  1.000 17.58087 ? 55  GLU A O   1 
ATOM   461  C CB  . GLU A 1 55  ? 10.61284  -0.28659  -8.71216  1.000 17.79617 ? 55  GLU A CB  1 
ATOM   462  C CG  . GLU A 1 55  ? 11.50975  0.28458   -9.82683  1.000 21.72685 ? 55  GLU A CG  1 
ATOM   463  C CD  . GLU A 1 55  ? 12.07276  1.65402   -9.53429  1.000 33.81528 ? 55  GLU A CD  1 
ATOM   464  O OE1 . GLU A 1 55  ? 11.41353  2.44061   -8.84216  1.000 35.70909 ? 55  GLU A OE1 1 
ATOM   465  O OE2 . GLU A 1 55  ? 13.17863  1.95600   -10.02930 1.000 37.02127 ? 55  GLU A OE2 1 
ATOM   466  N N   . VAL A 1 56  ? 9.92206   -3.05826  -7.02315  1.000 16.41825 ? 56  VAL A N   1 
ATOM   467  C CA  . VAL A 1 56  ? 9.19561   -3.77922  -5.97764  1.000 17.21860 ? 56  VAL A CA  1 
ATOM   468  C C   . VAL A 1 56  ? 9.76364   -3.41169  -4.61979  1.000 14.50358 ? 56  VAL A C   1 
ATOM   469  O O   . VAL A 1 56  ? 10.97916  -3.51074  -4.39901  1.000 17.43757 ? 56  VAL A O   1 
ATOM   470  C CB  . VAL A 1 56  ? 9.27510   -5.30622  -6.15838  1.000 17.33629 ? 56  VAL A CB  1 
ATOM   471  C CG1 . VAL A 1 56  ? 8.52641   -6.00678  -5.02809  1.000 16.29680 ? 56  VAL A CG1 1 
ATOM   472  C CG2 . VAL A 1 56  ? 8.68576   -5.69999  -7.48497  1.000 17.46939 ? 56  VAL A CG2 1 
ATOM   473  N N   . LEU A 1 57  ? 8.88167   -3.02825  -3.69588  1.000 14.45973 ? 57  LEU A N   1 
ATOM   474  C CA  . LEU A 1 57  ? 9.20519   -2.98893  -2.27283  1.000 15.19131 ? 57  LEU A CA  1 
ATOM   475  C C   . LEU A 1 57  ? 8.49627   -4.16944  -1.63739  1.000 15.14137 ? 57  LEU A C   1 
ATOM   476  O O   . LEU A 1 57  ? 7.26563   -4.17240  -1.54256  1.000 17.19199 ? 57  LEU A O   1 
ATOM   477  C CB  . LEU A 1 57  ? 8.75112   -1.69013  -1.60802  1.000 13.78679 ? 57  LEU A CB  1 
ATOM   478  C CG  . LEU A 1 57  ? 9.15470   -1.64479  -0.12241  1.000 14.49108 ? 57  LEU A CG  1 
ATOM   479  C CD1 . LEU A 1 57  ? 10.66770  -1.60818  -0.00759  1.000 18.09989 ? 57  LEU A CD1 1 
ATOM   480  C CD2 . LEU A 1 57  ? 8.55893   -0.44775  0.61697   1.000 17.22538 ? 57  LEU A CD2 1 
ATOM   481  N N   . HIS A 1 58  ? 9.25402   -5.16901  -1.20382  1.000 14.18885 ? 58  HIS A N   1 
ATOM   482  C CA  . HIS A 1 58  ? 8.68654   -6.29422  -0.47751  1.000 12.96947 ? 58  HIS A CA  1 
ATOM   483  C C   . HIS A 1 58  ? 8.87769   -6.07691  1.01715   1.000 16.66083 ? 58  HIS A C   1 
ATOM   484  O O   . HIS A 1 58  ? 9.99509   -6.19224  1.53274   1.000 16.92290 ? 58  HIS A O   1 
ATOM   485  C CB  . HIS A 1 58  ? 9.33873   -7.58967  -0.92918  1.000 12.92467 ? 58  HIS A CB  1 
ATOM   486  C CG  . HIS A 1 58  ? 8.61132   -8.80263  -0.46690  1.000 14.64040 ? 58  HIS A CG  1 
ATOM   487  N ND1 . HIS A 1 58  ? 9.21588   -10.03709 -0.37997  1.000 17.26076 ? 58  HIS A ND1 1 
ATOM   488  C CD2 . HIS A 1 58  ? 7.32568   -8.97601  -0.08108  1.000 16.99760 ? 58  HIS A CD2 1 
ATOM   489  C CE1 . HIS A 1 58  ? 8.32692   -10.92387 0.03130   1.000 19.63533 ? 58  HIS A CE1 1 
ATOM   490  N NE2 . HIS A 1 58  ? 7.17050   -10.30822 0.20978   1.000 17.82289 ? 58  HIS A NE2 1 
ATOM   491  N N   . SER A 1 59  ? 7.78942   -5.76299  1.71345   1.000 14.14010 ? 59  SER A N   1 
ATOM   492  C CA  . SER A 1 59  ? 7.83256   -5.48619  3.15005   1.000 14.63049 ? 59  SER A CA  1 
ATOM   493  C C   . SER A 1 59  ? 6.66704   -6.21639  3.79122   1.000 15.60457 ? 59  SER A C   1 
ATOM   494  O O   . SER A 1 59  ? 5.60284   -5.63479  4.03947   1.000 15.70771 ? 59  SER A O   1 
ATOM   495  C CB  . SER A 1 59  ? 7.78993   -3.98345  3.43178   1.000 15.63555 ? 59  SER A CB  1 
ATOM   496  O OG  . SER A 1 59  ? 8.07751   -3.74486  4.80865   1.000 17.55069 ? 59  SER A OG  1 
ATOM   497  N N   . PRO A 1 60  ? 6.84019   -7.51045  4.07072   1.000 13.99267 ? 60  PRO A N   1 
ATOM   498  C CA  . PRO A 1 60  ? 5.73041   -8.32881  4.56671   1.000 18.37716 ? 60  PRO A CA  1 
ATOM   499  C C   . PRO A 1 60  ? 5.20875   -7.85674  5.91004   1.000 15.24521 ? 60  PRO A C   1 
ATOM   500  O O   . PRO A 1 60  ? 5.96926   -7.46351  6.79982   1.000 16.72403 ? 60  PRO A O   1 
ATOM   501  C CB  . PRO A 1 60  ? 6.34382   -9.72850  4.68882   1.000 18.41345 ? 60  PRO A CB  1 
ATOM   502  C CG  . PRO A 1 60  ? 7.57874   -9.71342  3.83087   1.000 19.82190 ? 60  PRO A CG  1 
ATOM   503  C CD  . PRO A 1 60  ? 8.05978   -8.29379  3.80602   1.000 16.13823 ? 60  PRO A CD  1 
ATOM   504  N N   . ILE A 1 61  ? 3.89244   -7.93800  6.05560   1.000 15.82762 ? 61  ILE A N   1 
ATOM   505  C CA  . ILE A 1 61  ? 3.20755   -7.73501  7.32825   1.000 18.18896 ? 61  ILE A CA  1 
ATOM   506  C C   . ILE A 1 61  ? 2.33903   -8.96418  7.53466   1.000 18.28913 ? 61  ILE A C   1 
ATOM   507  O O   . ILE A 1 61  ? 1.57638   -9.32004  6.63208   1.000 19.17730 ? 61  ILE A O   1 
ATOM   508  C CB  . ILE A 1 61  ? 2.35642   -6.45848  7.32567   1.000 18.16833 ? 61  ILE A CB  1 
ATOM   509  C CG1 . ILE A 1 61  ? 3.16553   -5.25763  6.87481   1.000 17.40806 ? 61  ILE A CG1 1 
ATOM   510  C CG2 . ILE A 1 61  ? 1.76577   -6.19086  8.70150   1.000 18.75331 ? 61  ILE A CG2 1 
ATOM   511  C CD1 . ILE A 1 61  ? 2.31636   -4.04940  6.54993   1.000 16.86242 ? 61  ILE A CD1 1 
ATOM   512  N N   . PRO A 1 62  ? 2.41910   -9.64874  8.67355   1.000 17.78551 ? 62  PRO A N   1 
ATOM   513  C CA  . PRO A 1 62  ? 1.57844   -10.83884 8.85657   1.000 18.34823 ? 62  PRO A CA  1 
ATOM   514  C C   . PRO A 1 62  ? 0.09402   -10.51015 8.75766   1.000 19.99305 ? 62  PRO A C   1 
ATOM   515  O O   . PRO A 1 62  ? -0.34064  -9.37860  9.01765   1.000 18.46340 ? 62  PRO A O   1 
ATOM   516  C CB  . PRO A 1 62  ? 1.94744   -11.32148 10.26013  1.000 17.86600 ? 62  PRO A CB  1 
ATOM   517  C CG  . PRO A 1 62  ? 3.31117   -10.75673 10.50340  1.000 19.09991 ? 62  PRO A CG  1 
ATOM   518  C CD  . PRO A 1 62  ? 3.34114   -9.42743  9.79759   1.000 19.67250 ? 62  PRO A CD  1 
ATOM   519  N N   . ASP A 1 63  ? -0.68922  -11.52711 8.38085   1.000 19.12217 ? 63  ASP A N   1 
ATOM   520  C CA  . ASP A 1 63  ? -2.13165  -11.36069 8.25333   1.000 20.78300 ? 63  ASP A CA  1 
ATOM   521  C C   . ASP A 1 63  ? -2.71216  -10.78890 9.54347   1.000 17.36474 ? 63  ASP A C   1 
ATOM   522  O O   . ASP A 1 63  ? -2.31831  -11.17688 10.64833  1.000 18.75267 ? 63  ASP A O   1 
ATOM   523  C CB  . ASP A 1 63  ? -2.81073  -12.70592 7.93260   1.000 20.61660 ? 63  ASP A CB  1 
ATOM   524  C CG  . ASP A 1 63  ? -2.29461  -13.36460 6.65094   1.000 26.20411 ? 63  ASP A CG  1 
ATOM   525  O OD1 . ASP A 1 63  ? -1.90789  -12.65824 5.70891   1.000 25.37086 ? 63  ASP A OD1 1 
ATOM   526  O OD2 . ASP A 1 63  ? -2.31843  -14.61604 6.56754   1.000 26.67272 ? 63  ASP A OD2 1 
ATOM   527  N N   . PHE A 1 64  ? -3.65176  -9.85058  9.39930   1.000 18.90055 ? 64  PHE A N   1 
ATOM   528  C CA  . PHE A 1 64  ? -4.37874  -9.24525  10.51639  1.000 20.61584 ? 64  PHE A CA  1 
ATOM   529  C C   . PHE A 1 64  ? -3.46581  -8.57031  11.53168  1.000 22.04381 ? 64  PHE A C   1 
ATOM   530  O O   . PHE A 1 64  ? -3.83441  -8.46127  12.70157  1.000 22.13348 ? 64  PHE A O   1 
ATOM   531  C CB  . PHE A 1 64  ? -5.26039  -10.26756 11.25543  1.000 23.60372 ? 64  PHE A CB  1 
ATOM   532  C CG  . PHE A 1 64  ? -6.16817  -11.04751 10.35910  1.000 24.33475 ? 64  PHE A CG  1 
ATOM   533  C CD1 . PHE A 1 64  ? -7.28522  -10.45497 9.78732   1.000 27.93599 ? 64  PHE A CD1 1 
ATOM   534  C CD2 . PHE A 1 64  ? -5.91945  -12.38579 10.10565  1.000 25.10713 ? 64  PHE A CD2 1 
ATOM   535  C CE1 . PHE A 1 64  ? -8.12618  -11.17991 8.96195   1.000 28.12761 ? 64  PHE A CE1 1 
ATOM   536  C CE2 . PHE A 1 64  ? -6.75357  -13.11468 9.28190   1.000 26.02079 ? 64  PHE A CE2 1 
ATOM   537  C CZ  . PHE A 1 64  ? -7.86044  -12.50543 8.70828   1.000 29.33520 ? 64  PHE A CZ  1 
ATOM   538  N N   . THR A 1 65  ? -2.26732  -8.13547  11.13995  1.000 18.94124 ? 65  THR A N   1 
ATOM   539  C CA  . THR A 1 65  ? -1.37188  -7.45374  12.06532  1.000 18.21936 ? 65  THR A CA  1 
ATOM   540  C C   . THR A 1 65  ? -1.00319  -6.08621  11.51279  1.000 19.00466 ? 65  THR A C   1 
ATOM   541  O O   . THR A 1 65  ? -1.27564  -5.76356  10.35551  1.000 19.21134 ? 65  THR A O   1 
ATOM   542  C CB  . THR A 1 65  ? -0.10718  -8.27736  12.35515  1.000 23.41785 ? 65  THR A CB  1 
ATOM   543  O OG1 . THR A 1 65  ? 0.87907   -8.04086  11.35446  1.000 28.41748 ? 65  THR A OG1 1 
ATOM   544  C CG2 . THR A 1 65  ? -0.41521  -9.74690  12.42653  1.000 18.50939 ? 65  THR A CG2 1 
ATOM   545  N N   . ALA A 1 66  ? -0.43781  -5.28717  12.35762  1.000 17.18059 ? 66  ALA A N   1 
ATOM   546  C CA  . ALA A 1 66  ? -0.00886  -3.94860  11.97763  1.000 17.44455 ? 66  ALA A CA  1 
ATOM   547  C C   . ALA A 1 66  ? 1.49580   -3.90999  11.74103  1.000 19.66021 ? 66  ALA A C   1 
ATOM   548  O O   . ALA A 1 66  ? 2.26143   -4.60181  12.42302  1.000 19.13062 ? 66  ALA A O   1 
ATOM   549  C CB  . ALA A 1 66  ? -0.35695  -2.93253  13.07140  1.000 17.36752 ? 66  ALA A CB  1 
ATOM   550  N N   . PRO A 1 67  ? 1.95139   -3.08690  10.80620  1.000 18.76436 ? 67  PRO A N   1 
ATOM   551  C CA  . PRO A 1 67  ? 3.38717   -2.81308  10.71527  1.000 18.13957 ? 67  PRO A CA  1 
ATOM   552  C C   . PRO A 1 67  ? 3.85142   -2.05523  11.94553  1.000 19.68354 ? 67  PRO A C   1 
ATOM   553  O O   . PRO A 1 67  ? 3.07985   -1.32808  12.57573  1.000 19.53104 ? 67  PRO A O   1 
ATOM   554  C CB  . PRO A 1 67  ? 3.49728   -1.93918  9.46268   1.000 16.35029 ? 67  PRO A CB  1 
ATOM   555  C CG  . PRO A 1 67  ? 2.15227   -1.19544  9.43578   1.000 16.38054 ? 67  PRO A CG  1 
ATOM   556  C CD  . PRO A 1 67  ? 1.14952   -2.19938  9.93546   1.000 16.87755 ? 67  PRO A CD  1 
ATOM   557  N N   . SER A 1 68  ? 5.13218   -2.20851  12.27504  1.000 18.47430 ? 68  SER A N   1 
ATOM   558  C CA  . SER A 1 68  ? 5.71996   -1.30864  13.24735  1.000 16.63248 ? 68  SER A CA  1 
ATOM   559  C C   . SER A 1 68  ? 5.74973   0.09799   12.66251  1.000 15.41663 ? 68  SER A C   1 
ATOM   560  O O   . SER A 1 68  ? 5.64810   0.29299   11.43978  1.000 16.83373 ? 68  SER A O   1 
ATOM   561  C CB  . SER A 1 68  ? 7.13371   -1.75332  13.61237  1.000 17.75877 ? 68  SER A CB  1 
ATOM   562  O OG  . SER A 1 68  ? 8.01925   -1.58142  12.51928  1.000 18.19551 ? 68  SER A OG  1 
ATOM   563  N N   . LEU A 1 69  ? 5.86448   1.09405   13.54668  1.000 15.79757 ? 69  LEU A N   1 
ATOM   564  C CA  . LEU A 1 69  ? 6.00579   2.46378   13.06167  1.000 16.95282 ? 69  LEU A CA  1 
ATOM   565  C C   . LEU A 1 69  ? 7.22793   2.59637   12.15797  1.000 17.75603 ? 69  LEU A C   1 
ATOM   566  O O   . LEU A 1 69  ? 7.15662   3.25014   11.10898  1.000 18.47641 ? 69  LEU A O   1 
ATOM   567  C CB  . LEU A 1 69  ? 6.09923   3.44804   14.22891  1.000 18.54109 ? 69  LEU A CB  1 
ATOM   568  C CG  . LEU A 1 69  ? 6.33097   4.90770   13.82171  1.000 17.89039 ? 69  LEU A CG  1 
ATOM   569  C CD1 . LEU A 1 69  ? 5.13060   5.41705   13.04750  1.000 19.44882 ? 69  LEU A CD1 1 
ATOM   570  C CD2 . LEU A 1 69  ? 6.57095   5.75226   15.07757  1.000 24.07236 ? 69  LEU A CD2 1 
ATOM   571  N N   . GLU A 1 70  ? 8.35542   1.97039   12.53216  1.000 16.70239 ? 70  GLU A N   1 
ATOM   572  C CA  . GLU A 1 70  ? 9.54540   2.07341   11.69237  1.000 16.34190 ? 70  GLU A CA  1 
ATOM   573  C C   . GLU A 1 70  ? 9.30830   1.46168   10.32049  1.000 16.73598 ? 70  GLU A C   1 
ATOM   574  O O   . GLU A 1 70  ? 9.68454   2.04960   9.29719   1.000 18.64697 ? 70  GLU A O   1 
ATOM   575  C CB  . GLU A 1 70  ? 10.73402  1.41393   12.38887  1.000 21.88035 ? 70  GLU A CB  1 
ATOM   576  C CG  . GLU A 1 70  ? 11.83667  0.96721   11.43729  1.000 28.88870 ? 70  GLU A CG  1 
ATOM   577  C CD  . GLU A 1 70  ? 12.79607  2.05358   11.03181  1.000 36.67944 ? 70  GLU A CD  1 
ATOM   578  O OE1 . GLU A 1 70  ? 12.65699  3.20452   11.51257  1.000 41.76287 ? 70  GLU A OE1 1 
ATOM   579  O OE2 . GLU A 1 70  ? 13.68052  1.74910   10.19178  1.000 32.75335 ? 70  GLU A OE2 1 
ATOM   580  N N   . GLN A 1 71  ? 8.66288   0.29427   10.27886  1.000 16.94086 ? 71  GLN A N   1 
ATOM   581  C CA  . GLN A 1 71  ? 8.34449   -0.33381  8.99854   1.000 15.64524 ? 71  GLN A CA  1 
ATOM   582  C C   . GLN A 1 71  ? 7.44844   0.55755   8.15938   1.000 15.46784 ? 71  GLN A C   1 
ATOM   583  O O   . GLN A 1 71  ? 7.67748   0.72807   6.95299   1.000 16.03059 ? 71  GLN A O   1 
ATOM   584  C CB  . GLN A 1 71  ? 7.67144   -1.68770  9.24563   1.000 15.43311 ? 71  GLN A CB  1 
ATOM   585  C CG  . GLN A 1 71  ? 7.25126   -2.39858  7.96956   1.000 16.71994 ? 71  GLN A CG  1 
ATOM   586  C CD  . GLN A 1 71  ? 6.62734   -3.74151  8.23771   1.000 18.38562 ? 71  GLN A CD  1 
ATOM   587  O OE1 . GLN A 1 71  ? 6.24218   -4.04822  9.37371   1.000 18.00383 ? 71  GLN A OE1 1 
ATOM   588  N NE2 . GLN A 1 71  ? 6.55835   -4.57582  7.20533   1.000 18.09692 ? 71  GLN A NE2 1 
ATOM   589  N N   . LEU A 1 72  ? 6.43405   1.15047   8.79368   1.000 14.73652 ? 72  LEU A N   1 
ATOM   590  C CA  . LEU A 1 72  ? 5.50895   2.01370   8.07421   1.000 15.10799 ? 72  LEU A CA  1 
ATOM   591  C C   . LEU A 1 72  ? 6.23434   3.22728   7.50672   1.000 17.01669 ? 72  LEU A C   1 
ATOM   592  O O   . LEU A 1 72  ? 6.01262   3.60630   6.34944   1.000 15.77207 ? 72  LEU A O   1 
ATOM   593  C CB  . LEU A 1 72  ? 4.37776   2.43521   9.01320   1.000 14.56225 ? 72  LEU A CB  1 
ATOM   594  C CG  . LEU A 1 72  ? 3.28433   3.30400   8.39359   1.000 15.44178 ? 72  LEU A CG  1 
ATOM   595  C CD1 . LEU A 1 72  ? 2.63880   2.59612   7.22154   1.000 14.88545 ? 72  LEU A CD1 1 
ATOM   596  C CD2 . LEU A 1 72  ? 2.25863   3.61541   9.46327   1.000 17.60013 ? 72  LEU A CD2 1 
ATOM   597  N N   . LEU A 1 73  ? 7.11811   3.84338   8.30150   1.000 17.12489 ? 73  LEU A N   1 
ATOM   598  C CA  . LEU A 1 73  ? 7.88800   4.98508   7.80509   1.000 15.53779 ? 73  LEU A CA  1 
ATOM   599  C C   . LEU A 1 73  ? 8.82783   4.59023   6.66442   1.000 18.68727 ? 73  LEU A C   1 
ATOM   600  O O   . LEU A 1 73  ? 9.02284   5.36687   5.72134   1.000 19.19907 ? 73  LEU A O   1 
ATOM   601  C CB  . LEU A 1 73  ? 8.67491   5.62226   8.95190   1.000 18.36714 ? 73  LEU A CB  1 
ATOM   602  C CG  . LEU A 1 73  ? 7.85642   6.45362   9.94782   1.000 21.86864 ? 73  LEU A CG  1 
ATOM   603  C CD1 . LEU A 1 73  ? 8.69742   6.76903   11.18571  1.000 22.53820 ? 73  LEU A CD1 1 
ATOM   604  C CD2 . LEU A 1 73  ? 7.33115   7.73167   9.31229   1.000 21.83927 ? 73  LEU A CD2 1 
ATOM   605  N N   . GLU A 1 74  ? 9.43052   3.39576   6.72934   1.000 18.37987 ? 74  GLU A N   1 
ATOM   606  C CA  . GLU A 1 74  ? 10.26259  2.93361   5.61682   1.000 16.63577 ? 74  GLU A CA  1 
ATOM   607  C C   . GLU A 1 74  ? 9.44490   2.79574   4.33789   1.000 16.63868 ? 74  GLU A C   1 
ATOM   608  O O   . GLU A 1 74  ? 9.89684   3.17467   3.24534   1.000 16.58502 ? 74  GLU A O   1 
ATOM   609  C CB  . GLU A 1 74  ? 10.90561  1.58975   5.97679   1.000 18.43106 ? 74  GLU A CB  1 
ATOM   610  C CG  . GLU A 1 74  ? 12.02853  1.67197   7.01328   1.000 22.50228 ? 74  GLU A CG  1 
ATOM   611  C CD  . GLU A 1 74  ? 13.30311  2.36303   6.54784   1.000 28.64941 ? 74  GLU A CD  1 
ATOM   612  O OE1 . GLU A 1 74  ? 13.42094  2.74813   5.36565   1.000 27.25998 ? 74  GLU A OE1 1 
ATOM   613  O OE2 . GLU A 1 74  ? 14.21077  2.52121   7.39580   1.000 35.84030 ? 74  GLU A OE2 1 
ATOM   614  N N   . ILE A 1 75  ? 8.24079   2.23305   4.45216   1.000 15.47429 ? 75  ILE A N   1 
ATOM   615  C CA  . ILE A 1 75  ? 7.36202   2.07707   3.29600   1.000 14.58150 ? 75  ILE A CA  1 
ATOM   616  C C   . ILE A 1 75  ? 6.98977   3.44034   2.72873   1.000 15.95151 ? 75  ILE A C   1 
ATOM   617  O O   . ILE A 1 75  ? 7.03438   3.65870   1.51185   1.000 16.91251 ? 75  ILE A O   1 
ATOM   618  C CB  . ILE A 1 75  ? 6.11985   1.25559   3.69072   1.000 14.24486 ? 75  ILE A CB  1 
ATOM   619  C CG1 . ILE A 1 75  ? 6.52688   -0.18892  3.97301   1.000 16.72745 ? 75  ILE A CG1 1 
ATOM   620  C CG2 . ILE A 1 75  ? 5.05866   1.28180   2.61090   1.000 16.14905 ? 75  ILE A CG2 1 
ATOM   621  C CD1 . ILE A 1 75  ? 5.47669   -0.96410  4.73640   1.000 17.48929 ? 75  ILE A CD1 1 
ATOM   622  N N   . LEU A 1 76  ? 6.62636   4.38296   3.60715   1.000 16.71214 ? 76  LEU A N   1 
ATOM   623  C CA  . LEU A 1 76  ? 6.24320   5.71719   3.15132   1.000 16.86270 ? 76  LEU A CA  1 
ATOM   624  C C   . LEU A 1 76  ? 7.40006   6.42098   2.45530   1.000 16.69910 ? 76  LEU A C   1 
ATOM   625  O O   . LEU A 1 76  ? 7.20427   7.05626   1.41170   1.000 17.86608 ? 76  LEU A O   1 
ATOM   626  C CB  . LEU A 1 76  ? 5.73776   6.55144   4.32953   1.000 17.32847 ? 76  LEU A CB  1 
ATOM   627  C CG  . LEU A 1 76  ? 4.45557   6.02716   4.97264   1.000 18.42016 ? 76  LEU A CG  1 
ATOM   628  C CD1 . LEU A 1 76  ? 4.22973   6.66195   6.35799   1.000 16.19669 ? 76  LEU A CD1 1 
ATOM   629  C CD2 . LEU A 1 76  ? 3.27261   6.28874   4.07011   1.000 20.03450 ? 76  LEU A CD2 1 
ATOM   630  N N   . ARG A 1 77  ? 8.60494   6.32968   3.01758   1.000 17.27910 ? 77  ARG A N   1 
ATOM   631  C CA  . ARG A 1 77  ? 9.75272   6.97589   2.39244   1.000 18.43364 ? 77  ARG A CA  1 
ATOM   632  C C   . ARG A 1 77  ? 10.02511  6.39792   1.01399   1.000 18.79700 ? 77  ARG A C   1 
ATOM   633  O O   . ARG A 1 77  ? 10.39740  7.12980   0.08243   1.000 19.72369 ? 77  ARG A O   1 
ATOM   634  C CB  . ARG A 1 77  ? 10.98084  6.83320   3.27952   1.000 21.51620 ? 77  ARG A CB  1 
ATOM   635  C CG  . ARG A 1 77  ? 10.91896  7.73108   4.48668   1.000 26.70761 ? 77  ARG A CG  1 
ATOM   636  C CD  . ARG A 1 77  ? 11.92245  7.31515   5.53722   1.000 28.22872 ? 77  ARG A CD  1 
ATOM   637  N NE  . ARG A 1 77  ? 11.69598  8.06696   6.76547   1.000 34.25844 ? 77  ARG A NE  1 
ATOM   638  C CZ  . ARG A 1 77  ? 11.88333  7.58590   7.98595   1.000 31.94632 ? 77  ARG A CZ  1 
ATOM   639  N NH1 . ARG A 1 77  ? 12.34055  6.35757   8.18379   1.000 30.22536 ? 77  ARG A NH1 1 
ATOM   640  N NH2 . ARG A 1 77  ? 11.59831  8.35337   9.03345   1.000 35.19277 ? 77  ARG A NH2 1 
ATOM   641  N N   . TRP A 1 78  ? 9.84083   5.08354   0.85997   1.000 17.32959 ? 78  TRP A N   1 
ATOM   642  C CA  . TRP A 1 78  ? 10.05149  4.45985   -0.43854  1.000 18.48578 ? 78  TRP A CA  1 
ATOM   643  C C   . TRP A 1 78  ? 8.99309   4.91457   -1.42937  1.000 18.99480 ? 78  TRP A C   1 
ATOM   644  O O   . TRP A 1 78  ? 9.30911   5.21536   -2.58386  1.000 18.07723 ? 78  TRP A O   1 
ATOM   645  C CB  . TRP A 1 78  ? 10.03857  2.93846   -0.28094  1.000 17.47843 ? 78  TRP A CB  1 
ATOM   646  C CG  . TRP A 1 78  ? 10.50835  2.15669   -1.46569  1.000 16.26758 ? 78  TRP A CG  1 
ATOM   647  C CD1 . TRP A 1 78  ? 11.78456  1.76512   -1.71708  1.000 19.31633 ? 78  TRP A CD1 1 
ATOM   648  C CD2 . TRP A 1 78  ? 9.70228   1.62360   -2.53868  1.000 15.65441 ? 78  TRP A CD2 1 
ATOM   649  N NE1 . TRP A 1 78  ? 11.83166  1.02688   -2.87552  1.000 21.18528 ? 78  TRP A NE1 1 
ATOM   650  C CE2 . TRP A 1 78  ? 10.57004  0.92058   -3.39820  1.000 17.43988 ? 78  TRP A CE2 1 
ATOM   651  C CE3 . TRP A 1 78  ? 8.33527   1.65595   -2.84498  1.000 17.18508 ? 78  TRP A CE3 1 
ATOM   652  C CZ2 . TRP A 1 78  ? 10.12074  0.27116   -4.55359  1.000 17.11138 ? 78  TRP A CZ2 1 
ATOM   653  C CZ3 . TRP A 1 78  ? 7.88481   1.01898   -3.99802  1.000 15.47717 ? 78  TRP A CZ3 1 
ATOM   654  C CH2 . TRP A 1 78  ? 8.77652   0.31860   -4.83430  1.000 17.63835 ? 78  TRP A CH2 1 
ATOM   655  N N   . ILE A 1 79  ? 7.73136   4.97667   -1.00095  1.000 16.88493 ? 79  ILE A N   1 
ATOM   656  C CA  . ILE A 1 79  ? 6.68696   5.46701   -1.89365  1.000 17.45508 ? 79  ILE A CA  1 
ATOM   657  C C   . ILE A 1 79  ? 6.99459   6.89212   -2.32367  1.000 18.12606 ? 79  ILE A C   1 
ATOM   658  O O   . ILE A 1 79  ? 6.85364   7.23331   -3.50072  1.000 20.18352 ? 79  ILE A O   1 
ATOM   659  C CB  . ILE A 1 79  ? 5.30237   5.37306   -1.22931  1.000 15.98729 ? 79  ILE A CB  1 
ATOM   660  C CG1 . ILE A 1 79  ? 4.92128   3.90681   -0.97796  1.000 16.62428 ? 79  ILE A CG1 1 
ATOM   661  C CG2 . ILE A 1 79  ? 4.25058   6.08068   -2.11989  1.000 16.54903 ? 79  ILE A CG2 1 
ATOM   662  C CD1 . ILE A 1 79  ? 3.63604   3.77365   -0.15267  1.000 17.87624 ? 79  ILE A CD1 1 
ATOM   663  N N   . GLU A 1 80  ? 7.44983   7.73297   -1.38884  1.000 19.16814 ? 80  GLU A N   1 
ATOM   664  C CA  . GLU A 1 80  ? 7.75136   9.12034   -1.74358  1.000 19.68158 ? 80  GLU A CA  1 
ATOM   665  C C   . GLU A 1 80  ? 8.87681   9.18446   -2.76740  1.000 22.62335 ? 80  GLU A C   1 
ATOM   666  O O   . GLU A 1 80  ? 8.81814   9.97792   -3.71919  1.000 23.92617 ? 80  GLU A O   1 
ATOM   667  C CB  . GLU A 1 80  ? 8.10223   9.92698   -0.49111  1.000 23.96762 ? 80  GLU A CB  1 
ATOM   668  C CG  . GLU A 1 80  ? 8.77966   11.27565  -0.77692  1.000 29.40523 ? 80  GLU A CG  1 
ATOM   669  C CD  . GLU A 1 80  ? 7.83032   12.32397  -1.33852  1.000 37.85045 ? 80  GLU A CD  1 
ATOM   670  O OE1 . GLU A 1 80  ? 6.60493   12.20226  -1.13684  1.000 36.78987 ? 80  GLU A OE1 1 
ATOM   671  O OE2 . GLU A 1 80  ? 8.30935   13.27823  -1.99345  1.000 40.13292 ? 80  GLU A OE2 1 
ATOM   672  N N   . ALA A 1 81  ? 9.89723   8.33547   -2.59603  1.000 20.49027 ? 81  ALA A N   1 
ATOM   673  C CA  . ALA A 1 81  ? 11.01126  8.28905   -3.53971  1.000 19.81038 ? 81  ALA A CA  1 
ATOM   674  C C   . ALA A 1 81  ? 10.53187  7.96309   -4.94147  1.000 24.79153 ? 81  ALA A C   1 
ATOM   675  O O   . ALA A 1 81  ? 10.97849  8.58139   -5.91352  1.000 21.99268 ? 81  ALA A O   1 
ATOM   676  C CB  . ALA A 1 81  ? 12.05211  7.26377   -3.08965  1.000 21.02595 ? 81  ALA A CB  1 
ATOM   677  N N   . ARG A 1 82  ? 9.61835   7.00005   -5.07072  1.000 21.48041 ? 82  ARG A N   1 
ATOM   678  C CA  . ARG A 1 82  ? 9.10975   6.65026   -6.39049  1.000 19.05476 ? 82  ARG A CA  1 
ATOM   679  C C   . ARG A 1 82  ? 8.23949   7.76220   -6.95512  1.000 19.51432 ? 82  ARG A C   1 
ATOM   680  O O   . ARG A 1 82  ? 8.30591   8.05695   -8.15100  1.000 23.21697 ? 82  ARG A O   1 
ATOM   681  C CB  . ARG A 1 82  ? 8.31977   5.34550   -6.33537  1.000 20.13717 ? 82  ARG A CB  1 
ATOM   682  C CG  . ARG A 1 82  ? 9.00764   4.22030   -5.55559  1.000 23.51396 ? 82  ARG A CG  1 
ATOM   683  C CD  . ARG A 1 82  ? 10.06783  3.53930   -6.37075  1.000 24.96175 ? 82  ARG A CD  1 
ATOM   684  N NE  . ARG A 1 82  ? 11.30574  4.30895   -6.45318  1.000 24.82156 ? 82  ARG A NE  1 
ATOM   685  C CZ  . ARG A 1 82  ? 12.19998  4.41232   -5.47773  1.000 25.79172 ? 82  ARG A CZ  1 
ATOM   686  N NH1 . ARG A 1 82  ? 12.00534  3.85397   -4.29147  1.000 24.77669 ? 82  ARG A NH1 1 
ATOM   687  N NH2 . ARG A 1 82  ? 13.33301  5.07316   -5.70467  1.000 31.02560 ? 82  ARG A NH2 1 
ATOM   688  N N   . VAL A 1 83  ? 7.40016   8.37513   -6.11657  1.000 19.34373 ? 83  VAL A N   1 
ATOM   689  C CA  . VAL A 1 83  ? 6.52833   9.43659   -6.61005  1.000 20.14379 ? 83  VAL A CA  1 
ATOM   690  C C   . VAL A 1 83  ? 7.35603   10.63424  -7.06353  1.000 24.28605 ? 83  VAL A C   1 
ATOM   691  O O   . VAL A 1 83  ? 7.02200   11.28740  -8.06177  1.000 24.51977 ? 83  VAL A O   1 
ATOM   692  C CB  . VAL A 1 83  ? 5.50112   9.82256   -5.53242  1.000 22.11774 ? 83  VAL A CB  1 
ATOM   693  C CG1 . VAL A 1 83  ? 4.79352   11.11819  -5.89739  1.000 29.47960 ? 83  VAL A CG1 1 
ATOM   694  C CG2 . VAL A 1 83  ? 4.49468   8.70267   -5.35043  1.000 19.72804 ? 83  VAL A CG2 1 
ATOM   695  N N   . ARG A 1 84  ? 8.45065   10.93433  -6.34863  1.000 23.48495 ? 84  ARG A N   1 
ATOM   696  C CA  . ARG A 1 84  ? 9.33432   12.03166  -6.75093  1.000 26.25185 ? 84  ARG A CA  1 
ATOM   697  C C   . ARG A 1 84  ? 9.90714   11.81173  -8.14177  1.000 26.23872 ? 84  ARG A C   1 
ATOM   698  O O   . ARG A 1 84  ? 10.13930  12.78290  -8.87095  1.000 25.75673 ? 84  ARG A O   1 
ATOM   699  C CB  . ARG A 1 84  ? 10.49115  12.19578  -5.75965  1.000 24.53969 ? 84  ARG A CB  1 
ATOM   700  C CG  . ARG A 1 84  ? 10.23453  13.14342  -4.61824  1.000 37.46137 ? 84  ARG A CG  1 
ATOM   701  C CD  . ARG A 1 84  ? 11.54230  13.49670  -3.93469  1.000 36.68153 ? 84  ARG A CD  1 
ATOM   702  N NE  . ARG A 1 84  ? 12.39094  12.32873  -3.73910  1.000 38.22618 ? 84  ARG A NE  1 
ATOM   703  C CZ  . ARG A 1 84  ? 12.50268  11.66786  -2.59260  1.000 36.82701 ? 84  ARG A CZ  1 
ATOM   704  N NH1 . ARG A 1 84  ? 11.82509  12.03383  -1.51539  1.000 38.17680 ? 84  ARG A NH1 1 
ATOM   705  N NH2 . ARG A 1 84  ? 13.32473  10.62171  -2.52249  1.000 35.71176 ? 84  ARG A NH2 1 
ATOM   706  N N   . GLU A 1 85  ? 10.16885  10.55868  -8.52478  1.000 24.79379 ? 85  GLU A N   1 
ATOM   707  C CA  . GLU A 1 85  ? 10.64087  10.24409  -9.86968  1.000 26.36108 ? 85  GLU A CA  1 
ATOM   708  C C   . GLU A 1 85  ? 9.51526   10.06027  -10.87410 1.000 25.58605 ? 85  GLU A C   1 
ATOM   709  O O   . GLU A 1 85  ? 9.76328   9.56764   -11.97904 1.000 29.17778 ? 85  GLU A O   1 
ATOM   710  C CB  . GLU A 1 85  ? 11.54475  9.00041   -9.88439  1.000 30.76264 ? 85  GLU A CB  1 
ATOM   711  C CG  . GLU A 1 85  ? 12.28638  8.68674   -8.59847  1.000 31.29475 ? 85  GLU A CG  1 
ATOM   712  C CD  . GLU A 1 85  ? 12.77688  7.23219   -8.50892  1.000 36.45675 ? 85  GLU A CD  1 
ATOM   713  O OE1 . GLU A 1 85  ? 13.91268  7.00914   -8.03274  1.000 41.04284 ? 85  GLU A OE1 1 
ATOM   714  O OE2 . GLU A 1 85  ? 12.00605  6.30424   -8.83270  1.000 37.31860 ? 85  GLU A OE2 1 
ATOM   715  N N   . GLY A 1 86  ? 8.29667   10.45437  -10.52582 1.000 23.52492 ? 86  GLY A N   1 
ATOM   716  C CA  . GLY A 1 86  ? 7.20954   10.45797  -11.47943 1.000 26.78654 ? 86  GLY A CA  1 
ATOM   717  C C   . GLY A 1 86  ? 6.55396   9.12175   -11.73471 1.000 26.77476 ? 86  GLY A C   1 
ATOM   718  O O   . GLY A 1 86  ? 5.80954   8.99517   -12.71514 1.000 28.55115 ? 86  GLY A O   1 
ATOM   719  N N   . LYS A 1 87  ? 6.79819   8.12147   -10.89452 1.000 23.12257 ? 87  LYS A N   1 
ATOM   720  C CA  . LYS A 1 87  ? 6.14138   6.83527   -11.07159 1.000 21.85859 ? 87  LYS A CA  1 
ATOM   721  C C   . LYS A 1 87  ? 4.83567   6.76742   -10.29917 1.000 20.34526 ? 87  LYS A C   1 
ATOM   722  O O   . LYS A 1 87  ? 4.59965   7.51105   -9.34348  1.000 22.56717 ? 87  LYS A O   1 
ATOM   723  C CB  . LYS A 1 87  ? 7.03714   5.66424   -10.66703 1.000 28.36416 ? 87  LYS A CB  1 
ATOM   724  C CG  . LYS A 1 87  ? 8.36261   5.57181   -11.41736 1.000 31.58437 ? 87  LYS A CG  1 
ATOM   725  C CD  . LYS A 1 87  ? 9.52665   5.11747   -10.56324 1.000 37.06076 ? 87  LYS A CD  1 
ATOM   726  C CE  . LYS A 1 87  ? 10.83854  5.28926   -11.33406 1.000 37.33124 ? 87  LYS A CE  1 
ATOM   727  N NZ  . LYS A 1 87  ? 11.03178  4.21353   -12.34635 1.000 41.38213 ? 87  LYS A NZ  1 
ATOM   728  N N   . LYS A 1 88  ? 3.97469   5.86893   -10.75275 1.000 22.45453 ? 88  LYS A N   1 
ATOM   729  C CA  . LYS A 1 88  ? 2.76220   5.51082   -10.03667 1.000 20.69607 ? 88  LYS A CA  1 
ATOM   730  C C   . LYS A 1 88  ? 3.00469   4.22416   -9.25921  1.000 18.35974 ? 88  LYS A C   1 
ATOM   731  O O   . LYS A 1 88  ? 3.70249   3.32125   -9.73481  1.000 18.13217 ? 88  LYS A O   1 
ATOM   732  C CB  . LYS A 1 88  ? 1.58671   5.34970   -11.00385 1.000 22.59450 ? 88  LYS A CB  1 
ATOM   733  C CG  . LYS A 1 88  ? 1.19926   6.68121   -11.66357 1.000 23.84771 ? 88  LYS A CG  1 
ATOM   734  C CD  . LYS A 1 88  ? -0.27332  6.76412   -11.97436 1.000 24.74424 ? 88  LYS A CD  1 
ATOM   735  C CE  . LYS A 1 88  ? -0.52991  7.89072   -12.95361 1.000 27.01909 ? 88  LYS A CE  1 
ATOM   736  N NZ  . LYS A 1 88  ? -0.03566  9.17801   -12.37663 1.000 33.93301 ? 88  LYS A NZ  1 
ATOM   737  N N   . VAL A 1 89  ? 2.44263   4.16212   -8.05221  1.000 17.37450 ? 89  VAL A N   1 
ATOM   738  C CA  . VAL A 1 89  ? 2.74135   3.11129   -7.07641  1.000 15.90956 ? 89  VAL A CA  1 
ATOM   739  C C   . VAL A 1 89  ? 1.44822   2.39254   -6.70224  1.000 16.67606 ? 89  VAL A C   1 
ATOM   740  O O   . VAL A 1 89  ? 0.45239   3.04263   -6.35926  1.000 16.24817 ? 89  VAL A O   1 
ATOM   741  C CB  . VAL A 1 89  ? 3.38947   3.70155   -5.80914  1.000 15.18020 ? 89  VAL A CB  1 
ATOM   742  C CG1 . VAL A 1 89  ? 3.72667   2.60290   -4.83514  1.000 17.50553 ? 89  VAL A CG1 1 
ATOM   743  C CG2 . VAL A 1 89  ? 4.61828   4.53005   -6.16659  1.000 18.57147 ? 89  VAL A CG2 1 
ATOM   744  N N   . LEU A 1 90  ? 1.46523   1.06079   -6.74222  1.000 15.03191 ? 90  LEU A N   1 
ATOM   745  C CA  . LEU A 1 90  ? 0.33891   0.25125   -6.28610  1.000 16.48013 ? 90  LEU A CA  1 
ATOM   746  C C   . LEU A 1 90  ? 0.71553   -0.45176  -4.98787  1.000 16.14708 ? 90  LEU A C   1 
ATOM   747  O O   . LEU A 1 90  ? 1.74575   -1.12630  -4.92614  1.000 16.62224 ? 90  LEU A O   1 
ATOM   748  C CB  . LEU A 1 90  ? -0.06297  -0.77723  -7.35020  1.000 16.47878 ? 90  LEU A CB  1 
ATOM   749  C CG  . LEU A 1 90  ? -1.15042  -1.76900  -6.91608  1.000 15.91717 ? 90  LEU A CG  1 
ATOM   750  C CD1 . LEU A 1 90  ? -2.47631  -1.03904  -6.80607  1.000 17.17367 ? 90  LEU A CD1 1 
ATOM   751  C CD2 . LEU A 1 90  ? -1.25156  -2.93051  -7.88155  1.000 16.51585 ? 90  LEU A CD2 1 
ATOM   752  N N   . ILE A 1 91  ? -0.12748  -0.31381  -3.96412  1.000 14.60266 ? 91  ILE A N   1 
ATOM   753  C CA  . ILE A 1 91  ? 0.05797   -0.98401  -2.66841  1.000 15.82574 ? 91  ILE A CA  1 
ATOM   754  C C   . ILE A 1 91  ? -0.89336  -2.16772  -2.58644  1.000 17.00905 ? 91  ILE A C   1 
ATOM   755  O O   . ILE A 1 91  ? -2.09701  -1.99964  -2.76965  1.000 16.76159 ? 91  ILE A O   1 
ATOM   756  C CB  . ILE A 1 91  ? -0.22629  -0.02246  -1.50243  1.000 13.82820 ? 91  ILE A CB  1 
ATOM   757  C CG1 . ILE A 1 91  ? 0.65007   1.23694   -1.53159  1.000 15.84360 ? 91  ILE A CG1 1 
ATOM   758  C CG2 . ILE A 1 91  ? -0.07470  -0.76157  -0.16709  1.000 15.27805 ? 91  ILE A CG2 1 
ATOM   759  C CD1 . ILE A 1 91  ? -0.04995  2.42697   -0.86022  1.000 16.80550 ? 91  ILE A CD1 1 
ATOM   760  N N   . HIS A 1 92  ? -0.38074  -3.36133  -2.27883  1.000 14.39380 ? 92  HIS A N   1 
ATOM   761  C CA  . HIS A 1 92  ? -1.31626  -4.48561  -2.05659  1.000 13.27543 ? 92  HIS A CA  1 
ATOM   762  C C   . HIS A 1 92  ? -0.84924  -5.49534  -1.02471  1.000 15.95806 ? 92  HIS A C   1 
ATOM   763  O O   . HIS A 1 92  ? 0.33098   -5.62552  -0.77597  1.000 17.13291 ? 92  HIS A O   1 
ATOM   764  C CB  . HIS A 1 92  ? -1.63354  -5.22216  -3.37503  1.000 19.80650 ? 92  HIS A CB  1 
ATOM   765  C CG  . HIS A 1 92  ? -0.56601  -6.17723  -3.83314  1.000 17.34644 ? 92  HIS A CG  1 
ATOM   766  N ND1 . HIS A 1 92  ? -0.46243  -7.47011  -3.36044  1.000 19.04083 ? 92  HIS A ND1 1 
ATOM   767  C CD2 . HIS A 1 92  ? 0.40958   -6.04078  -4.76793  1.000 17.68711 ? 92  HIS A CD2 1 
ATOM   768  C CE1 . HIS A 1 92  ? 0.54816   -8.07609  -3.96401  1.000 20.60833 ? 92  HIS A CE1 1 
ATOM   769  N NE2 . HIS A 1 92  ? 1.08936   -7.23139  -4.82390  1.000 16.45253 ? 92  HIS A NE2 1 
HETATM 770  N N   A CSO A 1 93  ? -1.79967  -6.22248  -0.43800  0.530 20.11006 ? 93  CSO A N   1 
HETATM 771  N N   B CSO A 1 93  ? -1.81910  -6.11956  -0.36751  0.470 20.09023 ? 93  CSO A N   1 
HETATM 772  C CA  A CSO A 1 93  ? -1.49606  -7.39433  0.39203   0.530 19.71504 ? 93  CSO A CA  1 
HETATM 773  C CA  B CSO A 1 93  ? -1.59434  -7.30771  0.43999   0.470 19.72721 ? 93  CSO A CA  1 
HETATM 774  C CB  A CSO A 1 93  ? -2.02411  -7.23717  1.80937   0.530 22.04622 ? 93  CSO A CB  1 
HETATM 775  C CB  B CSO A 1 93  ? -2.06933  -7.10128  1.89173   0.470 22.05390 ? 93  CSO A CB  1 
HETATM 776  S SG  A CSO A 1 93  ? -3.51594  -8.24876  1.88877   0.530 21.71639 ? 93  CSO A SG  1 
HETATM 777  S SG  B CSO A 1 93  ? -3.70121  -6.31859  1.89611   0.470 31.10740 ? 93  CSO A SG  1 
HETATM 778  C C   A CSO A 1 93  ? -2.13357  -8.64053  -0.21795  0.530 19.56529 ? 93  CSO A C   1 
HETATM 779  C C   B CSO A 1 93  ? -2.35172  -8.42433  -0.27009  0.470 19.40604 ? 93  CSO A C   1 
HETATM 780  O O   A CSO A 1 93  ? -1.69800  -9.12351  -1.26702  0.530 19.07204 ? 93  CSO A O   1 
HETATM 781  O O   B CSO A 1 93  ? -2.22472  -8.60168  -1.48161  0.470 19.72595 ? 93  CSO A O   1 
HETATM 782  O OD  B CSO A 1 93  ? -4.25372  -5.69748  3.46385   0.470 19.46472 ? 93  CSO A OD  1 
ATOM   783  N N   . MET A 1 94  ? -3.14637  -9.16777  0.47743   1.000 19.96787 ? 94  MET A N   1 
ATOM   784  C CA  . MET A 1 94  ? -4.08372  -10.11617 -0.11001  1.000 20.99301 ? 94  MET A CA  1 
ATOM   785  C C   . MET A 1 94  ? -5.41202  -9.45620  -0.46556  1.000 22.36916 ? 94  MET A C   1 
ATOM   786  O O   . MET A 1 94  ? -5.45608  -8.33462  -0.98255  1.000 25.23956 ? 94  MET A O   1 
ATOM   787  C CB  . MET A 1 94  ? -4.35942  -11.29383 0.82933   1.000 25.07288 ? 94  MET A CB  1 
ATOM   788  C CG  . MET A 1 94  ? -3.19991  -11.99035 1.51750   1.000 34.07844 ? 94  MET A CG  1 
ATOM   789  S SD  . MET A 1 94  ? -2.20863  -12.90730 0.32552   1.000 31.69630 ? 94  MET A SD  1 
ATOM   790  C CE  . MET A 1 94  ? -3.03158  -14.50337 0.36279   1.000 26.14972 ? 94  MET A CE  1 
ATOM   791  N N   . GLY A 1 95  ? -6.50299  -10.14453 -0.15616  1.000 21.89172 ? 95  GLY A N   1 
ATOM   792  C CA  . GLY A 1 95  ? -7.82546  -9.63970  -0.46164  1.000 25.06481 ? 95  GLY A CA  1 
ATOM   793  C C   . GLY A 1 95  ? -8.37311  -8.72946  0.61569   1.000 29.09498 ? 95  GLY A C   1 
ATOM   794  O O   . GLY A 1 95  ? -9.23548  -7.88739  0.34365   1.000 32.15048 ? 95  GLY A O   1 
ATOM   795  N N   . GLY A 1 96  ? -7.90240  -8.90317  1.84998   1.000 26.76296 ? 96  GLY A N   1 
ATOM   796  C CA  . GLY A 1 96  ? -8.28699  -7.99460  2.90629   1.000 28.74908 ? 96  GLY A CA  1 
ATOM   797  C C   . GLY A 1 96  ? -7.63800  -6.64174  2.71612   1.000 27.39039 ? 96  GLY A C   1 
ATOM   798  O O   . GLY A 1 96  ? -6.67359  -6.49013  1.96798   1.000 28.62687 ? 96  GLY A O   1 
ATOM   799  N N   . LEU A 1 97  ? -8.17378  -5.63073  3.39383   1.000 25.81124 ? 97  LEU A N   1 
ATOM   800  C CA  . LEU A 1 97  ? -7.62723  -4.28784  3.23874   1.000 24.87589 ? 97  LEU A CA  1 
ATOM   801  C C   . LEU A 1 97  ? -7.15474  -3.68966  4.55764   1.000 25.22024 ? 97  LEU A C   1 
ATOM   802  O O   . LEU A 1 97  ? -7.01446  -2.46510  4.67127   1.000 23.86004 ? 97  LEU A O   1 
ATOM   803  C CB  . LEU A 1 97  ? -8.63822  -3.37064  2.55294   1.000 29.45485 ? 97  LEU A CB  1 
ATOM   804  C CG  . LEU A 1 97  ? -9.13926  -3.95080  1.22940   1.000 28.18121 ? 97  LEU A CG  1 
ATOM   805  C CD1 . LEU A 1 97  ? -10.29334 -3.14120  0.72122   1.000 33.51255 ? 97  LEU A CD1 1 
ATOM   806  C CD2 . LEU A 1 97  ? -8.01207  -4.03185  0.17804   1.000 29.01676 ? 97  LEU A CD2 1 
ATOM   807  N N   . GLY A 1 98  ? -6.87293  -4.51804  5.55029   1.000 23.82288 ? 98  GLY A N   1 
ATOM   808  C CA  . GLY A 1 98  ? -6.32903  -3.98851  6.77939   1.000 20.52600 ? 98  GLY A CA  1 
ATOM   809  C C   . GLY A 1 98  ? -4.94476  -3.42720  6.54775   1.000 21.07740 ? 98  GLY A C   1 
ATOM   810  O O   . GLY A 1 98  ? -4.70027  -2.24343  6.80399   1.000 19.82853 ? 98  GLY A O   1 
ATOM   811  N N   . ARG A 1 99  ? -4.04064  -4.26098  6.02514   1.000 20.44789 ? 99  ARG A N   1 
ATOM   812  C CA  . ARG A 1 99  ? -2.65163  -3.83655  5.83405   1.000 18.02731 ? 99  ARG A CA  1 
ATOM   813  C C   . ARG A 1 99  ? -2.53208  -2.79211  4.72762   1.000 17.89179 ? 99  ARG A C   1 
ATOM   814  O O   . ARG A 1 99  ? -1.89694  -1.74885  4.91677   1.000 16.88261 ? 99  ARG A O   1 
ATOM   815  C CB  . ARG A 1 99  ? -1.76578  -5.05002  5.52843   1.000 17.81901 ? 99  ARG A CB  1 
ATOM   816  C CG  . ARG A 1 99  ? -1.59599  -6.01274  6.70611   1.000 17.79062 ? 99  ARG A CG  1 
ATOM   817  C CD  . ARG A 1 99  ? -1.07639  -7.34105  6.22803   1.000 20.00069 ? 99  ARG A CD  1 
ATOM   818  N NE  . ARG A 1 99  ? -2.11558  -8.17324  5.63216   1.000 19.77242 ? 99  ARG A NE  1 
ATOM   819  C CZ  . ARG A 1 99  ? -1.92738  -9.42387  5.22307   1.000 20.04476 ? 99  ARG A CZ  1 
ATOM   820  N NH1 . ARG A 1 99  ? -0.73923  -10.00939 5.29650   1.000 21.56851 ? 99  ARG A NH1 1 
ATOM   821  N NH2 . ARG A 1 99  ? -2.96368  -10.11838 4.74830   1.000 23.39150 ? 99  ARG A NH2 1 
ATOM   822  N N   . SER A 1 100 ? -3.12648  -3.05141  3.56373   1.000 17.83675 ? 100 SER A N   1 
ATOM   823  C CA  . SER A 1 100 ? -2.99247  -2.09583  2.46960   1.000 18.58540 ? 100 SER A CA  1 
ATOM   824  C C   . SER A 1 100 ? -3.73818  -0.80334  2.76899   1.000 18.13733 ? 100 SER A C   1 
ATOM   825  O O   . SER A 1 100 ? -3.25858  0.27979   2.41993   1.000 17.68446 ? 100 SER A O   1 
ATOM   826  C CB  . SER A 1 100 ? -3.47901  -2.72053  1.16555   1.000 17.66645 ? 100 SER A CB  1 
ATOM   827  O OG  . SER A 1 100 ? -4.82130  -3.16088  1.29633   1.000 21.30019 ? 100 SER A OG  1 
ATOM   828  N N   . GLY A 1 101 ? -4.88975  -0.89652  3.44264   1.000 18.74660 ? 101 GLY A N   1 
ATOM   829  C CA  . GLY A 1 101 ? -5.60240  0.31146   3.83630   1.000 18.27307 ? 101 GLY A CA  1 
ATOM   830  C C   . GLY A 1 101 ? -4.83825  1.14153   4.85294   1.000 19.67345 ? 101 GLY A C   1 
ATOM   831  O O   . GLY A 1 101 ? -4.86009  2.37751   4.80408   1.000 17.27151 ? 101 GLY A O   1 
ATOM   832  N N   . THR A 1 102 ? -4.14894  0.47810   5.78867   1.000 17.40892 ? 102 THR A N   1 
ATOM   833  C CA  . THR A 1 102 ? -3.31080  1.20153   6.74005   1.000 14.58215 ? 102 THR A CA  1 
ATOM   834  C C   . THR A 1 102 ? -2.23334  2.00820   6.02414   1.000 18.33186 ? 102 THR A C   1 
ATOM   835  O O   . THR A 1 102 ? -2.02816  3.18844   6.33031   1.000 17.26986 ? 102 THR A O   1 
ATOM   836  C CB  . THR A 1 102 ? -2.70226  0.21180   7.73654   1.000 16.92071 ? 102 THR A CB  1 
ATOM   837  O OG1 . THR A 1 102 ? -3.77371  -0.36775  8.49238   1.000 20.59976 ? 102 THR A OG1 1 
ATOM   838  C CG2 . THR A 1 102 ? -1.72461  0.89484   8.67645   1.000 20.84852 ? 102 THR A CG2 1 
ATOM   839  N N   . VAL A 1 103 ? -1.56404  1.40866   5.03625   1.000 16.74769 ? 103 VAL A N   1 
ATOM   840  C CA  . VAL A 1 103 ? -0.51532  2.13928   4.33309   1.000 16.23703 ? 103 VAL A CA  1 
ATOM   841  C C   . VAL A 1 103 ? -1.12243  3.28233   3.52966   1.000 18.30051 ? 103 VAL A C   1 
ATOM   842  O O   . VAL A 1 103 ? -0.56175  4.38152   3.47186   1.000 16.49485 ? 103 VAL A O   1 
ATOM   843  C CB  . VAL A 1 103 ? 0.30745   1.18548   3.44205   1.000 16.09683 ? 103 VAL A CB  1 
ATOM   844  C CG1 . VAL A 1 103 ? 1.37394   1.95313   2.66287   1.000 18.62625 ? 103 VAL A CG1 1 
ATOM   845  C CG2 . VAL A 1 103 ? 0.95636   0.06024   4.27692   1.000 19.25267 ? 103 VAL A CG2 1 
ATOM   846  N N   . ALA A 1 104 ? -2.30095  3.05562   2.94749   1.000 15.25954 ? 104 ALA A N   1 
ATOM   847  C CA  . ALA A 1 104 ? -2.95225  4.10342   2.16140   1.000 15.48824 ? 104 ALA A CA  1 
ATOM   848  C C   . ALA A 1 104 ? -3.34604  5.29271   3.03354   1.000 17.46053 ? 104 ALA A C   1 
ATOM   849  O O   . ALA A 1 104 ? -3.14540  6.45031   2.64250   1.000 15.74036 ? 104 ALA A O   1 
ATOM   850  C CB  . ALA A 1 104 ? -4.16801  3.52852   1.43294   1.000 18.30891 ? 104 ALA A CB  1 
ATOM   851  N N   . VAL A 1 105 ? -3.93163  5.03663   4.20989   1.000 17.24790 ? 105 VAL A N   1 
ATOM   852  C CA  . VAL A 1 105 ? -4.22413  6.11846   5.15021   1.000 15.88176 ? 105 VAL A CA  1 
ATOM   853  C C   . VAL A 1 105 ? -2.94050  6.83839   5.54034   1.000 16.56757 ? 105 VAL A C   1 
ATOM   854  O O   . VAL A 1 105 ? -2.86682  8.07793   5.52883   1.000 15.78581 ? 105 VAL A O   1 
ATOM   855  C CB  . VAL A 1 105 ? -4.95055  5.56622   6.39365   1.000 16.99750 ? 105 VAL A CB  1 
ATOM   856  C CG1 . VAL A 1 105 ? -5.14579  6.66066   7.45402   1.000 18.01334 ? 105 VAL A CG1 1 
ATOM   857  C CG2 . VAL A 1 105 ? -6.28590  4.99999   6.01823   1.000 18.61029 ? 105 VAL A CG2 1 
ATOM   858  N N   . ALA A 1 106 ? -1.91167  6.06932   5.91133   1.000 16.23123 ? 106 ALA A N   1 
ATOM   859  C CA  . ALA A 1 106 ? -0.62952  6.65586   6.28050   1.000 14.47628 ? 106 ALA A CA  1 
ATOM   860  C C   . ALA A 1 106 ? -0.06826  7.53721   5.16970   1.000 16.83340 ? 106 ALA A C   1 
ATOM   861  O O   . ALA A 1 106 ? 0.52809   8.57789   5.45343   1.000 16.67292 ? 106 ALA A O   1 
ATOM   862  C CB  . ALA A 1 106 ? 0.36567   5.54793   6.64640   1.000 14.75596 ? 106 ALA A CB  1 
ATOM   863  N N   . TRP A 1 107 ? -0.23566  7.13041   3.90139   1.000 14.78515 ? 107 TRP A N   1 
ATOM   864  C CA  . TRP A 1 107 ? 0.29945   7.92489   2.80108   1.000 15.43681 ? 107 TRP A CA  1 
ATOM   865  C C   . TRP A 1 107 ? -0.37608  9.28988   2.71479   1.000 16.66268 ? 107 TRP A C   1 
ATOM   866  O O   . TRP A 1 107 ? 0.29977   10.30386  2.51614   1.000 17.34411 ? 107 TRP A O   1 
ATOM   867  C CB  . TRP A 1 107 ? 0.16587   7.16679   1.47660   1.000 15.76436 ? 107 TRP A CB  1 
ATOM   868  C CG  . TRP A 1 107 ? 0.55582   8.02160   0.33416   1.000 15.57571 ? 107 TRP A CG  1 
ATOM   869  C CD1 . TRP A 1 107 ? -0.26402  8.53956   -0.62378  1.000 17.93896 ? 107 TRP A CD1 1 
ATOM   870  C CD2 . TRP A 1 107 ? 1.87577   8.46538   0.02965   1.000 17.55974 ? 107 TRP A CD2 1 
ATOM   871  N NE1 . TRP A 1 107 ? 0.46848   9.29828   -1.50861  1.000 18.86055 ? 107 TRP A NE1 1 
ATOM   872  C CE2 . TRP A 1 107 ? 1.78792   9.27033   -1.12715  1.000 17.43676 ? 107 TRP A CE2 1 
ATOM   873  C CE3 . TRP A 1 107 ? 3.12025   8.26785   0.62266   1.000 19.46112 ? 107 TRP A CE3 1 
ATOM   874  C CZ2 . TRP A 1 107 ? 2.90378   9.87256   -1.69708  1.000 18.45237 ? 107 TRP A CZ2 1 
ATOM   875  C CZ3 . TRP A 1 107 ? 4.23632   8.86754   0.05384   1.000 21.39870 ? 107 TRP A CZ3 1 
ATOM   876  C CH2 . TRP A 1 107 ? 4.11967   9.66372   -1.08734  1.000 20.18421 ? 107 TRP A CH2 1 
ATOM   877  N N   . LEU A 1 108 ? -1.69760  9.35138   2.89504   1.000 17.24061 ? 108 LEU A N   1 
ATOM   878  C CA  . LEU A 1 108 ? -2.34678  10.66564  2.89758   1.000 16.92560 ? 108 LEU A CA  1 
ATOM   879  C C   . LEU A 1 108 ? -1.84273  11.53133  4.04514   1.000 18.76392 ? 108 LEU A C   1 
ATOM   880  O O   . LEU A 1 108 ? -1.63703  12.74262  3.89531   1.000 19.74971 ? 108 LEU A O   1 
ATOM   881  C CB  . LEU A 1 108 ? -3.86467  10.51216  2.97072   1.000 19.12986 ? 108 LEU A CB  1 
ATOM   882  C CG  . LEU A 1 108 ? -4.54968  9.89938   1.75711   1.000 18.50258 ? 108 LEU A CG  1 
ATOM   883  C CD1 . LEU A 1 108 ? -6.04044  9.76670   2.04194   1.000 21.77108 ? 108 LEU A CD1 1 
ATOM   884  C CD2 . LEU A 1 108 ? -4.32815  10.80517  0.55059   1.000 20.37273 ? 108 LEU A CD2 1 
ATOM   885  N N   . MET A 1 109 ? -1.61653  10.91032  5.19643   1.000 15.60749 ? 109 MET A N   1 
ATOM   886  C CA  . MET A 1 109 ? -1.14718  11.60299  6.37844   1.000 17.72952 ? 109 MET A CA  1 
ATOM   887  C C   . MET A 1 109 ? 0.25784   12.15379  6.13264   1.000 17.46296 ? 109 MET A C   1 
ATOM   888  O O   . MET A 1 109 ? 0.53865   13.34368  6.34004   1.000 19.98620 ? 109 MET A O   1 
ATOM   889  C CB  . MET A 1 109 ? -1.18849  10.52200  7.44604   1.000 22.18768 ? 109 MET A CB  1 
ATOM   890  C CG  . MET A 1 109 ? -2.51459  10.39991  8.11805   1.000 18.60859 ? 109 MET A CG  1 
ATOM   891  S SD  . MET A 1 109 ? -2.46431  9.05657   9.30771   1.000 18.92381 ? 109 MET A SD  1 
ATOM   892  C CE  . MET A 1 109 ? -1.81570  9.94299   10.73302  1.000 22.04922 ? 109 MET A CE  1 
ATOM   893  N N   . TYR A 1 110 ? 1.13166   11.29207  5.60911   1.000 16.84010 ? 110 TYR A N   1 
ATOM   894  C CA  . TYR A 1 110 ? 2.53868   11.59270  5.36311   1.000 19.72066 ? 110 TYR A CA  1 
ATOM   895  C C   . TYR A 1 110 ? 2.72415   12.58905  4.22444   1.000 18.61729 ? 110 TYR A C   1 
ATOM   896  O O   . TYR A 1 110 ? 3.53793   13.51209  4.33148   1.000 23.20287 ? 110 TYR A O   1 
ATOM   897  C CB  . TYR A 1 110 ? 3.25049   10.28036  5.03724   1.000 17.16903 ? 110 TYR A CB  1 
ATOM   898  C CG  . TYR A 1 110 ? 4.74852   10.33236  4.86916   1.000 18.80151 ? 110 TYR A CG  1 
ATOM   899  C CD1 . TYR A 1 110 ? 5.58689   10.22419  5.97401   1.000 22.36865 ? 110 TYR A CD1 1 
ATOM   900  C CD2 . TYR A 1 110 ? 5.32115   10.41154  3.61153   1.000 18.05209 ? 110 TYR A CD2 1 
ATOM   901  C CE1 . TYR A 1 110 ? 6.95576   10.23368  5.83245   1.000 22.48232 ? 110 TYR A CE1 1 
ATOM   902  C CE2 . TYR A 1 110 ? 6.69698   10.42212  3.46245   1.000 20.65811 ? 110 TYR A CE2 1 
ATOM   903  C CZ  . TYR A 1 110 ? 7.49838   10.33575  4.57654   1.000 25.36088 ? 110 TYR A CZ  1 
ATOM   904  O OH  . TYR A 1 110 ? 8.86797   10.35040  4.43180   1.000 34.31557 ? 110 TYR A OH  1 
ATOM   905  N N   . SER A 1 111 ? 2.01680   12.39614  3.10603   1.000 17.95953 ? 111 SER A N   1 
ATOM   906  C CA  . SER A 1 111 ? 2.30110   13.18779  1.91322   1.000 19.96928 ? 111 SER A CA  1 
ATOM   907  C C   . SER A 1 111 ? 1.48078   14.46452  1.83090   1.000 26.25329 ? 111 SER A C   1 
ATOM   908  O O   . SER A 1 111 ? 1.97309   15.45830  1.28696   1.000 26.21838 ? 111 SER A O   1 
ATOM   909  C CB  . SER A 1 111 ? 2.06337   12.35443  0.65411   1.000 22.03952 ? 111 SER A CB  1 
ATOM   910  O OG  . SER A 1 111 ? 0.68763   12.06305  0.45956   1.000 25.53552 ? 111 SER A OG  1 
ATOM   911  N N   . LYS A 1 112 ? 0.23927   14.45635  2.32536   1.000 22.32595 ? 112 LYS A N   1 
ATOM   912  C CA  . LYS A 1 112 ? -0.63513  15.62949  2.26982   1.000 21.18568 ? 112 LYS A CA  1 
ATOM   913  C C   . LYS A 1 112 ? -0.80850  16.31319  3.62063   1.000 24.02507 ? 112 LYS A C   1 
ATOM   914  O O   . LYS A 1 112 ? -1.36403  17.42195  3.67522   1.000 24.87425 ? 112 LYS A O   1 
ATOM   915  C CB  . LYS A 1 112 ? -2.02523  15.25408  1.74249   1.000 21.72649 ? 112 LYS A CB  1 
ATOM   916  C CG  . LYS A 1 112 ? -2.07638  14.32485  0.54656   1.000 27.20626 ? 112 LYS A CG  1 
ATOM   917  C CD  . LYS A 1 112 ? -1.68119  14.98318  -0.74803  1.000 30.96198 ? 112 LYS A CD  1 
ATOM   918  C CE  . LYS A 1 112 ? -1.79170  13.96898  -1.88539  1.000 34.70360 ? 112 LYS A CE  1 
ATOM   919  N NZ  . LYS A 1 112 ? -0.62722  12.99821  -1.89547  1.000 27.47502 ? 112 LYS A NZ  1 
ATOM   920  N N   . GLY A 1 113 ? -0.36425  15.68788  4.70593   1.000 19.75142 ? 113 GLY A N   1 
ATOM   921  C CA  . GLY A 1 113 ? -0.55068  16.27565  6.00738   1.000 21.54118 ? 113 GLY A CA  1 
ATOM   922  C C   . GLY A 1 113 ? -1.95080  16.17251  6.54851   1.000 21.11737 ? 113 GLY A C   1 
ATOM   923  O O   . GLY A 1 113 ? -2.26178  16.86702  7.51996   1.000 22.68776 ? 113 GLY A O   1 
ATOM   924  N N   . LEU A 1 114 ? -2.80736  15.34223  5.95195   1.000 19.49862 ? 114 LEU A N   1 
ATOM   925  C CA  . LEU A 1 114 ? -4.16110  15.18932  6.46350   1.000 19.33791 ? 114 LEU A CA  1 
ATOM   926  C C   . LEU A 1 114 ? -4.13080  14.65434  7.89012   1.000 22.35343 ? 114 LEU A C   1 
ATOM   927  O O   . LEU A 1 114 ? -3.30637  13.78756  8.21994   1.000 20.37003 ? 114 LEU A O   1 
ATOM   928  C CB  . LEU A 1 114 ? -4.98937  14.23713  5.60312   1.000 19.65568 ? 114 LEU A CB  1 
ATOM   929  C CG  . LEU A 1 114 ? -5.27175  14.60894  4.14721   1.000 21.25514 ? 114 LEU A CG  1 
ATOM   930  C CD1 . LEU A 1 114 ? -6.35820  13.71828  3.56605   1.000 20.12447 ? 114 LEU A CD1 1 
ATOM   931  C CD2 . LEU A 1 114 ? -5.65703  16.09352  4.03939   1.000 24.46914 ? 114 LEU A CD2 1 
ATOM   932  N N   . PRO A 1 115 ? -5.01247  15.13384  8.75451   1.000 19.04028 ? 115 PRO A N   1 
ATOM   933  C CA  . PRO A 1 115 ? -5.16537  14.50830  10.06911  1.000 21.37420 ? 115 PRO A CA  1 
ATOM   934  C C   . PRO A 1 115 ? -5.70928  13.09561  9.92682   1.000 18.88745 ? 115 PRO A C   1 
ATOM   935  O O   . PRO A 1 115 ? -6.35766  12.73886  8.94135   1.000 20.90373 ? 115 PRO A O   1 
ATOM   936  C CB  . PRO A 1 115 ? -6.15690  15.42155  10.79356  1.000 20.80449 ? 115 PRO A CB  1 
ATOM   937  C CG  . PRO A 1 115 ? -6.91829  16.10573  9.70610   1.000 24.57591 ? 115 PRO A CG  1 
ATOM   938  C CD  . PRO A 1 115 ? -5.98957  16.21252  8.51671   1.000 21.52598 ? 115 PRO A CD  1 
ATOM   939  N N   . LEU A 1 116 ? -5.42355  12.27724  10.94098  1.000 18.69322 ? 116 LEU A N   1 
ATOM   940  C CA  . LEU A 1 116 ? -5.83104  10.87457  10.90805  1.000 20.96787 ? 116 LEU A CA  1 
ATOM   941  C C   . LEU A 1 116 ? -7.31576  10.72696  10.60197  1.000 20.84683 ? 116 LEU A C   1 
ATOM   942  O O   . LEU A 1 116 ? -7.70943  9.91586   9.75726   1.000 19.98951 ? 116 LEU A O   1 
ATOM   943  C CB  . LEU A 1 116 ? -5.48948  10.21273  12.24435  1.000 23.58480 ? 116 LEU A CB  1 
ATOM   944  C CG  . LEU A 1 116 ? -6.00067  8.78607   12.44751  1.000 21.93536 ? 116 LEU A CG  1 
ATOM   945  C CD1 . LEU A 1 116 ? -5.58712  7.87717   11.29864  1.000 24.46255 ? 116 LEU A CD1 1 
ATOM   946  C CD2 . LEU A 1 116 ? -5.47417  8.24695   13.77616  1.000 25.65571 ? 116 LEU A CD2 1 
ATOM   947  N N   . ARG A 1 117 ? -8.15981  11.51671  11.27382  1.000 20.59530 ? 117 ARG A N   1 
ATOM   948  C CA  . ARG A 1 117 ? -9.59591  11.34142  11.11903  1.000 22.31422 ? 117 ARG A CA  1 
ATOM   949  C C   . ARG A 1 117 ? -10.03269 11.56592  9.67243   1.000 20.82490 ? 117 ARG A C   1 
ATOM   950  O O   . ARG A 1 117 ? -10.90380 10.84898  9.15945   1.000 21.51220 ? 117 ARG A O   1 
ATOM   951  C CB  . ARG A 1 117 ? -10.33758 12.27140  12.08848  1.000 23.92051 ? 117 ARG A CB  1 
ATOM   952  C CG  . ARG A 1 117 ? -10.32160 13.72806  11.70246  1.000 24.97057 ? 117 ARG A CG  1 
ATOM   953  C CD  . ARG A 1 117 ? -10.76719 14.61356  12.84561  1.000 25.56946 ? 117 ARG A CD  1 
ATOM   954  N NE  . ARG A 1 117 ? -10.64161 16.02429  12.49192  1.000 27.63587 ? 117 ARG A NE  1 
ATOM   955  C CZ  . ARG A 1 117 ? -9.54622  16.74716  12.68257  1.000 32.57224 ? 117 ARG A CZ  1 
ATOM   956  N NH1 . ARG A 1 117 ? -8.47455  16.23622  13.26583  1.000 28.29710 ? 117 ARG A NH1 1 
ATOM   957  N NH2 . ARG A 1 117 ? -9.51895  18.01041  12.26029  1.000 30.06642 ? 117 ARG A NH2 1 
ATOM   958  N N   . GLU A 1 118 ? -9.40945  12.52169  8.97755   1.000 19.59980 ? 118 GLU A N   1 
ATOM   959  C CA  . GLU A 1 118 ? -9.79348  12.74864  7.58467   1.000 20.38294 ? 118 GLU A CA  1 
ATOM   960  C C   . GLU A 1 118 ? -9.19443  11.70330  6.64711   1.000 18.86454 ? 118 GLU A C   1 
ATOM   961  O O   . GLU A 1 118 ? -9.87307  11.23779  5.72448   1.000 19.93283 ? 118 GLU A O   1 
ATOM   962  C CB  . GLU A 1 118 ? -9.38238  14.15213  7.13113   1.000 20.61639 ? 118 GLU A CB  1 
ATOM   963  C CG  . GLU A 1 118 ? -9.92290  15.28181  8.00408   1.000 22.42883 ? 118 GLU A CG  1 
ATOM   964  C CD  . GLU A 1 118 ? -9.56220  16.66234  7.47114   1.000 26.01173 ? 118 GLU A CD  1 
ATOM   965  O OE1 . GLU A 1 118 ? -8.71004  16.76250  6.56094   1.000 23.01711 ? 118 GLU A OE1 1 
ATOM   966  O OE2 . GLU A 1 118 ? -10.12173 17.66016  7.98726   1.000 28.34122 ? 118 GLU A OE2 1 
ATOM   967  N N   . ALA A 1 119 ? -7.92187  11.34896  6.84530   1.000 19.66672 ? 119 ALA A N   1 
ATOM   968  C CA  . ALA A 1 119 ? -7.31244  10.31933  6.00626   1.000 18.05776 ? 119 ALA A CA  1 
ATOM   969  C C   . ALA A 1 119 ? -8.06750  9.00343   6.11813   1.000 19.88592 ? 119 ALA A C   1 
ATOM   970  O O   . ALA A 1 119 ? -8.28794  8.31863   5.11202   1.000 19.14821 ? 119 ALA A O   1 
ATOM   971  C CB  . ALA A 1 119 ? -5.84683  10.13115  6.39415   1.000 18.32140 ? 119 ALA A CB  1 
ATOM   972  N N   . LEU A 1 120 ? -8.45825  8.63522   7.34552   1.000 18.64940 ? 120 LEU A N   1 
ATOM   973  C CA  . LEU A 1 120 ? -9.24321  7.42492   7.57179   1.000 19.99736 ? 120 LEU A CA  1 
ATOM   974  C C   . LEU A 1 120 ? -10.57061 7.47862   6.83175   1.000 21.64934 ? 120 LEU A C   1 
ATOM   975  O O   . LEU A 1 120 ? -10.95644 6.51486   6.15611   1.000 22.08722 ? 120 LEU A O   1 
ATOM   976  C CB  . LEU A 1 120 ? -9.48394  7.24865   9.07067   1.000 21.44775 ? 120 LEU A CB  1 
ATOM   977  C CG  . LEU A 1 120 ? -9.81972  5.87692   9.61305   1.000 29.92965 ? 120 LEU A CG  1 
ATOM   978  C CD1 . LEU A 1 120 ? -8.71949  4.88179   9.27553   1.000 25.07096 ? 120 LEU A CD1 1 
ATOM   979  C CD2 . LEU A 1 120 ? -9.97228  6.03055   11.10521  1.000 29.91601 ? 120 LEU A CD2 1 
ATOM   980  N N   . ARG A 1 121 ? -11.31272 8.58478   6.99652   1.000 20.56730 ? 121 ARG A N   1 
ATOM   981  C CA  . ARG A 1 121 ? -12.60342 8.71771   6.32500   1.000 22.70366 ? 121 ARG A CA  1 
ATOM   982  C C   . ARG A 1 121 ? -12.45408 8.61309   4.81478   1.000 25.01442 ? 121 ARG A C   1 
ATOM   983  O O   . ARG A 1 121 ? -13.28289 7.98767   4.14068   1.000 24.06544 ? 121 ARG A O   1 
ATOM   984  C CB  . ARG A 1 121 ? -13.26433 10.04881  6.69156   1.000 24.64930 ? 121 ARG A CB  1 
ATOM   985  C CG  . ARG A 1 121 ? -14.16191 9.97853   7.91319   1.000 36.30639 ? 121 ARG A CG  1 
ATOM   986  C CD  . ARG A 1 121 ? -14.12986 11.25894  8.74512   1.000 36.36850 ? 121 ARG A CD  1 
ATOM   987  N NE  . ARG A 1 121 ? -14.59744 11.08090  10.11949  1.000 44.34499 ? 121 ARG A NE  1 
ATOM   988  C CZ  . ARG A 1 121 ? -14.17761 10.15179  10.97455  1.000 44.44800 ? 121 ARG A CZ  1 
ATOM   989  N NH1 . ARG A 1 121 ? -13.17077 9.33258   10.68580  1.000 38.89603 ? 121 ARG A NH1 1 
ATOM   990  N NH2 . ARG A 1 121 ? -14.75673 10.06640  12.17006  1.000 48.64805 ? 121 ARG A NH2 1 
ATOM   991  N N   . ARG A 1 122 ? -11.40214 9.22264   4.26919   1.000 22.53530 ? 122 ARG A N   1 
ATOM   992  C CA  . ARG A 1 122 ? -11.19202 9.21233   2.82706   1.000 21.14855 ? 122 ARG A CA  1 
ATOM   993  C C   . ARG A 1 122 ? -10.96293 7.79848   2.31296   1.000 22.34630 ? 122 ARG A C   1 
ATOM   994  O O   . ARG A 1 122 ? -11.61734 7.35165   1.36569   1.000 20.98587 ? 122 ARG A O   1 
ATOM   995  C CB  . ARG A 1 122 ? -10.00626 10.10402  2.47119   1.000 19.34652 ? 122 ARG A CB  1 
ATOM   996  C CG  . ARG A 1 122 ? -9.66246  10.04688  1.01831   1.000 23.46151 ? 122 ARG A CG  1 
ATOM   997  C CD  . ARG A 1 122 ? -10.78290 10.63422  0.19014   1.000 29.58614 ? 122 ARG A CD  1 
ATOM   998  N NE  . ARG A 1 122 ? -10.82436 12.09281  0.25766   1.000 27.30368 ? 122 ARG A NE  1 
ATOM   999  C CZ  . ARG A 1 122 ? -9.85881  12.91155  -0.14871  1.000 30.34056 ? 122 ARG A CZ  1 
ATOM   1000 N NH1 . ARG A 1 122 ? -8.71012  12.45252  -0.61722  1.000 30.42816 ? 122 ARG A NH1 1 
ATOM   1001 N NH2 . ARG A 1 122 ? -10.05936 14.22848  -0.09647  1.000 30.92849 ? 122 ARG A NH2 1 
ATOM   1002 N N   . VAL A 1 123 ? -10.05769 7.06404   2.95512   1.000 19.06171 ? 123 VAL A N   1 
ATOM   1003 C CA  . VAL A 1 123 ? -9.73723  5.73528   2.46145   1.000 18.12495 ? 123 VAL A CA  1 
ATOM   1004 C C   . VAL A 1 123 ? -10.90995 4.78573   2.66536   1.000 23.14671 ? 123 VAL A C   1 
ATOM   1005 O O   . VAL A 1 123 ? -11.20575 3.96090   1.79719   1.000 22.48438 ? 123 VAL A O   1 
ATOM   1006 C CB  . VAL A 1 123 ? -8.44315  5.23639   3.12396   1.000 17.34053 ? 123 VAL A CB  1 
ATOM   1007 C CG1 . VAL A 1 123 ? -8.13702  3.82393   2.67594   1.000 21.48193 ? 123 VAL A CG1 1 
ATOM   1008 C CG2 . VAL A 1 123 ? -7.30451  6.13834   2.72367   1.000 16.83857 ? 123 VAL A CG2 1 
ATOM   1009 N N   . ARG A 1 124 ? -11.62150 4.91291   3.78550   1.000 22.80243 ? 124 ARG A N   1 
ATOM   1010 C CA  . ARG A 1 124 ? -12.79077 4.06886   3.99971   1.000 23.58819 ? 124 ARG A CA  1 
ATOM   1011 C C   . ARG A 1 124 ? -13.92520 4.41903   3.03715   1.000 24.32107 ? 124 ARG A C   1 
ATOM   1012 O O   . ARG A 1 124 ? -14.75006 3.55426   2.71668   1.000 27.69536 ? 124 ARG A O   1 
ATOM   1013 C CB  . ARG A 1 124 ? -13.23421 4.17017   5.45881   1.000 26.89916 ? 124 ARG A CB  1 
ATOM   1014 C CG  . ARG A 1 124 ? -12.26084 3.46007   6.39565   1.000 28.65298 ? 124 ARG A CG  1 
ATOM   1015 C CD  . ARG A 1 124 ? -12.68250 3.51165   7.85859   1.000 24.26814 ? 124 ARG A CD  1 
ATOM   1016 N NE  . ARG A 1 124 ? -11.97088 2.50785   8.64520   1.000 29.17138 ? 124 ARG A NE  1 
ATOM   1017 C CZ  . ARG A 1 124 ? -11.84191 2.55366   9.96504   1.000 28.86881 ? 124 ARG A CZ  1 
ATOM   1018 N NH1 . ARG A 1 124 ? -12.37341 3.53728   10.67513  1.000 32.35826 ? 124 ARG A NH1 1 
ATOM   1019 N NH2 . ARG A 1 124 ? -11.16731 1.58926   10.58900  1.000 29.61893 ? 124 ARG A NH2 1 
ATOM   1020 N N   . SER A 1 125 ? -13.97626 5.66231   2.54193   1.000 25.50232 ? 125 SER A N   1 
ATOM   1021 C CA  . SER A 1 125 ? -14.95465 5.96779   1.50165   1.000 25.08396 ? 125 SER A CA  1 
ATOM   1022 C C   . SER A 1 125 ? -14.62019 5.24273   0.20130   1.000 26.29340 ? 125 SER A C   1 
ATOM   1023 O O   . SER A 1 125 ? -15.52094 4.92321   -0.58021  1.000 29.87932 ? 125 SER A O   1 
ATOM   1024 C CB  . SER A 1 125 ? -15.04841 7.48256   1.28361   1.000 24.21070 ? 125 SER A CB  1 
ATOM   1025 O OG  . SER A 1 125 ? -13.95410 7.98753   0.53149   1.000 31.55193 ? 125 SER A OG  1 
ATOM   1026 N N   . LEU A 1 126 ? -13.33693 4.95440   -0.03530  1.000 24.04866 ? 126 LEU A N   1 
ATOM   1027 C CA  . LEU A 1 126 ? -12.91328 4.21494   -1.22011  1.000 26.27137 ? 126 LEU A CA  1 
ATOM   1028 C C   . LEU A 1 126 ? -13.16505 2.72493   -1.06206  1.000 26.29406 ? 126 LEU A C   1 
ATOM   1029 O O   . LEU A 1 126 ? -13.64385 2.06791   -1.99170  1.000 25.86254 ? 126 LEU A O   1 
ATOM   1030 C CB  . LEU A 1 126 ? -11.42641 4.45249   -1.48382  1.000 24.27785 ? 126 LEU A CB  1 
ATOM   1031 C CG  . LEU A 1 126 ? -11.04112 5.89860   -1.76144  1.000 21.64129 ? 126 LEU A CG  1 
ATOM   1032 C CD1 . LEU A 1 126 ? -9.53353  6.02930   -1.75217  1.000 24.01128 ? 126 LEU A CD1 1 
ATOM   1033 C CD2 . LEU A 1 126 ? -11.62171 6.30012   -3.10695  1.000 23.89150 ? 126 LEU A CD2 1 
ATOM   1034 N N   . ARG A 1 127 ? -12.81998 2.17754   0.10079   1.000 24.58604 ? 127 ARG A N   1 
ATOM   1035 C CA  . ARG A 1 127 ? -13.01590 0.76134   0.40182   1.000 26.26726 ? 127 ARG A CA  1 
ATOM   1036 C C   . ARG A 1 127 ? -13.38758 0.67440   1.87343   1.000 28.49758 ? 127 ARG A C   1 
ATOM   1037 O O   . ARG A 1 127 ? -12.50824 0.74971   2.75009   1.000 28.06503 ? 127 ARG A O   1 
ATOM   1038 C CB  . ARG A 1 127 ? -11.77500 -0.07756  0.10203   1.000 26.66260 ? 127 ARG A CB  1 
ATOM   1039 C CG  . ARG A 1 127 ? -11.26487 0.01937   -1.33198  1.000 25.17477 ? 127 ARG A CG  1 
ATOM   1040 C CD  . ARG A 1 127 ? -12.10585 -0.80238  -2.31817  1.000 28.61734 ? 127 ARG A CD  1 
ATOM   1041 N NE  . ARG A 1 127 ? -12.37659 -2.16481  -1.86897  1.000 36.48219 ? 127 ARG A NE  1 
ATOM   1042 C CZ  . ARG A 1 127 ? -11.76380 -3.24797  -2.33535  1.000 35.16768 ? 127 ARG A CZ  1 
ATOM   1043 N NH1 . ARG A 1 127 ? -10.77947 -3.16122  -3.21566  1.000 35.25034 ? 127 ARG A NH1 1 
ATOM   1044 N NH2 . ARG A 1 127 ? -12.14315 -4.44856  -1.90070  1.000 29.38241 ? 127 ARG A NH2 1 
ATOM   1045 N N   . PRO A 1 128 ? -14.67613 0.56133   2.18684   1.000 33.92389 ? 128 PRO A N   1 
ATOM   1046 C CA  . PRO A 1 128 ? -15.07659 0.25186   3.56447   1.000 33.28022 ? 128 PRO A CA  1 
ATOM   1047 C C   . PRO A 1 128 ? -14.47001 -1.07645  3.98041   1.000 37.84358 ? 128 PRO A C   1 
ATOM   1048 O O   . PRO A 1 128 ? -14.65749 -2.10282  3.31820   1.000 46.17125 ? 128 PRO A O   1 
ATOM   1049 C CB  . PRO A 1 128 ? -16.60462 0.17823   3.48119   1.000 32.48654 ? 128 PRO A CB  1 
ATOM   1050 C CG  . PRO A 1 128 ? -16.95873 0.94016   2.26343   1.000 32.38647 ? 128 PRO A CG  1 
ATOM   1051 C CD  . PRO A 1 128 ? -15.83711 0.70982   1.29657   1.000 33.27257 ? 128 PRO A CD  1 
ATOM   1052 N N   . GLY A 1 129 ? -13.73002 -1.05176  5.07758   1.000 36.73079 ? 129 GLY A N   1 
ATOM   1053 C CA  . GLY A 1 129 ? -12.90476 -2.17892  5.47540   1.000 38.31121 ? 129 GLY A CA  1 
ATOM   1054 C C   . GLY A 1 129 ? -11.42333 -1.88085  5.46978   1.000 37.04390 ? 129 GLY A C   1 
ATOM   1055 O O   . GLY A 1 129 ? -10.63488 -2.69947  5.96733   1.000 36.40429 ? 129 GLY A O   1 
ATOM   1056 N N   . ALA A 1 130 ? -10.99963 -0.75041  4.91534   1.000 33.96969 ? 130 ALA A N   1 
ATOM   1057 C CA  . ALA A 1 130 ? -9.62349  -0.31889  5.09176   1.000 29.54935 ? 130 ALA A CA  1 
ATOM   1058 C C   . ALA A 1 130 ? -9.37440  -0.07449  6.56952   1.000 29.91078 ? 130 ALA A C   1 
ATOM   1059 O O   . ALA A 1 130 ? -10.20375 0.53604   7.24852   1.000 30.10963 ? 130 ALA A O   1 
ATOM   1060 C CB  . ALA A 1 130 ? -9.35112  0.94849   4.28349   1.000 25.95450 ? 130 ALA A CB  1 
ATOM   1061 N N   . VAL A 1 131 ? -8.24375  -0.58621  7.06467   1.000 26.02017 ? 131 VAL A N   1 
ATOM   1062 C CA  . VAL A 1 131 ? -7.84206  -0.50085  8.46967   1.000 24.31475 ? 131 VAL A CA  1 
ATOM   1063 C C   . VAL A 1 131 ? -8.80153  -1.33632  9.31524   1.000 27.14664 ? 131 VAL A C   1 
ATOM   1064 O O   . VAL A 1 131 ? -9.83184  -0.84556  9.79649   1.000 31.11060 ? 131 VAL A O   1 
ATOM   1065 C CB  . VAL A 1 131 ? -7.75633  0.96179   8.95305   1.000 21.47675 ? 131 VAL A CB  1 
ATOM   1066 C CG1 . VAL A 1 131 ? -7.13680  1.01399   10.32456  1.000 24.74941 ? 131 VAL A CG1 1 
ATOM   1067 C CG2 . VAL A 1 131 ? -6.90457  1.77696   8.01057   1.000 22.05637 ? 131 VAL A CG2 1 
ATOM   1068 N N   . GLU A 1 132 ? -8.43467  -2.60283  9.51821   1.000 22.14390 ? 132 GLU A N   1 
ATOM   1069 C CA  . GLU A 1 132 ? -9.27443  -3.62768  10.13279  1.000 29.58613 ? 132 GLU A CA  1 
ATOM   1070 C C   . GLU A 1 132 ? -9.14838  -3.72177  11.64659  1.000 28.81974 ? 132 GLU A C   1 
ATOM   1071 O O   . GLU A 1 132 ? -10.13711 -4.04601  12.32071  1.000 31.36771 ? 132 GLU A O   1 
ATOM   1072 C CB  . GLU A 1 132 ? -8.93366  -4.99865  9.53270   1.000 27.87404 ? 132 GLU A CB  1 
ATOM   1073 C CG  . GLU A 1 132 ? -9.45205  -5.23907  8.12855   1.000 34.11836 ? 132 GLU A CG  1 
ATOM   1074 C CD  . GLU A 1 132 ? -10.96793 -5.33454  8.12518   1.000 39.47518 ? 132 GLU A CD  1 
ATOM   1075 O OE1 . GLU A 1 132 ? -11.63404 -4.66685  7.30635   1.000 43.67270 ? 132 GLU A OE1 1 
ATOM   1076 O OE2 . GLU A 1 132 ? -11.49762 -6.10151  8.95818   1.000 42.66201 ? 132 GLU A OE2 1 
ATOM   1077 N N   . THR A 1 133 ? -7.96697  -3.46891  12.19814  1.000 20.62472 ? 133 THR A N   1 
ATOM   1078 C CA  . THR A 1 133 ? -7.67307  -3.84832  13.57227  1.000 21.21715 ? 133 THR A CA  1 
ATOM   1079 C C   . THR A 1 133 ? -7.30232  -2.63772  14.42160  1.000 21.70234 ? 133 THR A C   1 
ATOM   1080 O O   . THR A 1 133 ? -6.86150  -1.60186  13.91675  1.000 20.31151 ? 133 THR A O   1 
ATOM   1081 C CB  . THR A 1 133 ? -6.53761  -4.87914  13.64065  1.000 23.30658 ? 133 THR A CB  1 
ATOM   1082 O OG1 . THR A 1 133 ? -5.28225  -4.23530  13.40009  1.000 19.80952 ? 133 THR A OG1 1 
ATOM   1083 C CG2 . THR A 1 133 ? -6.74882  -6.03044  12.64073  1.000 22.30585 ? 133 THR A CG2 1 
ATOM   1084 N N   . TYR A 1 134 ? -7.46648  -2.79631  15.74356  1.000 20.14176 ? 134 TYR A N   1 
ATOM   1085 C CA  . TYR A 1 134 ? -7.08823  -1.74209  16.67439  1.000 18.73934 ? 134 TYR A CA  1 
ATOM   1086 C C   . TYR A 1 134 ? -5.59775  -1.45449  16.59001  1.000 17.34176 ? 134 TYR A C   1 
ATOM   1087 O O   . TYR A 1 134 ? -5.17290  -0.30486  16.73720  1.000 19.43933 ? 134 TYR A O   1 
ATOM   1088 C CB  . TYR A 1 134 ? -7.43785  -2.15216  18.10821  1.000 20.45293 ? 134 TYR A CB  1 
ATOM   1089 C CG  . TYR A 1 134 ? -8.90565  -2.31322  18.40402  1.000 24.90769 ? 134 TYR A CG  1 
ATOM   1090 C CD1 . TYR A 1 134 ? -9.83678  -1.39824  17.95407  1.000 26.83500 ? 134 TYR A CD1 1 
ATOM   1091 C CD2 . TYR A 1 134 ? -9.34920  -3.37829  19.17485  1.000 26.47374 ? 134 TYR A CD2 1 
ATOM   1092 C CE1 . TYR A 1 134 ? -11.18583 -1.54706  18.24296  1.000 29.09192 ? 134 TYR A CE1 1 
ATOM   1093 C CE2 . TYR A 1 134 ? -10.69449 -3.53779  19.47499  1.000 28.35518 ? 134 TYR A CE2 1 
ATOM   1094 C CZ  . TYR A 1 134 ? -11.60471 -2.62006  19.00298  1.000 30.56416 ? 134 TYR A CZ  1 
ATOM   1095 O OH  . TYR A 1 134 ? -12.94085 -2.77487  19.29875  1.000 33.50405 ? 134 TYR A OH  1 
ATOM   1096 N N   . GLU A 1 135 ? -4.78849  -2.48684  16.33481  1.000 19.27101 ? 135 GLU A N   1 
ATOM   1097 C CA  . GLU A 1 135 ? -3.34974  -2.29136  16.24014  1.000 17.03640 ? 135 GLU A CA  1 
ATOM   1098 C C   . GLU A 1 135 ? -2.97948  -1.47748  15.00470  1.000 17.07191 ? 135 GLU A C   1 
ATOM   1099 O O   . GLU A 1 135 ? -2.05213  -0.66132  15.05924  1.000 16.83038 ? 135 GLU A O   1 
ATOM   1100 C CB  . GLU A 1 135 ? -2.66274  -3.65221  16.21429  1.000 18.15202 ? 135 GLU A CB  1 
ATOM   1101 C CG  . GLU A 1 135 ? -2.66556  -4.33848  17.57308  1.000 22.27513 ? 135 GLU A CG  1 
ATOM   1102 C CD  . GLU A 1 135 ? -3.91510  -5.18934  17.80368  1.000 30.34630 ? 135 GLU A CD  1 
ATOM   1103 O OE1 . GLU A 1 135 ? -4.81611  -5.23956  16.91921  1.000 26.73203 ? 135 GLU A OE1 1 
ATOM   1104 O OE2 . GLU A 1 135 ? -3.98917  -5.81850  18.88369  1.000 34.08480 ? 135 GLU A OE2 1 
ATOM   1105 N N   . GLN A 1 136 ? -3.68661  -1.69236  13.88542  1.000 17.55836 ? 136 GLN A N   1 
ATOM   1106 C CA  . GLN A 1 136 ? -3.48550  -0.86947  12.69575  1.000 17.75053 ? 136 GLN A CA  1 
ATOM   1107 C C   . GLN A 1 136 ? -3.88604  0.57802   12.96084  1.000 17.16162 ? 136 GLN A C   1 
ATOM   1108 O O   . GLN A 1 136 ? -3.15077  1.50570   12.60680  1.000 17.93264 ? 136 GLN A O   1 
ATOM   1109 C CB  . GLN A 1 136 ? -4.27191  -1.46854  11.52283  1.000 18.40741 ? 136 GLN A CB  1 
ATOM   1110 C CG  . GLN A 1 136 ? -3.61787  -2.74897  10.98203  1.000 18.53408 ? 136 GLN A CG  1 
ATOM   1111 C CD  . GLN A 1 136 ? -4.58013  -3.65946  10.23917  1.000 19.04758 ? 136 GLN A CD  1 
ATOM   1112 O OE1 . GLN A 1 136 ? -5.75726  -3.34455  10.07619  1.000 20.37953 ? 136 GLN A OE1 1 
ATOM   1113 N NE2 . GLN A 1 136 ? -4.07247  -4.79596  9.77647   1.000 19.99136 ? 136 GLN A NE2 1 
ATOM   1114 N N   . MET A 1 137 ? -5.02154  0.79153   13.62505  1.000 17.98221 ? 137 MET A N   1 
ATOM   1115 C CA  . MET A 1 137 ? -5.35024  2.14574   14.07278  1.000 19.91122 ? 137 MET A CA  1 
ATOM   1116 C C   . MET A 1 137 ? -4.26955  2.73040   14.97376  1.000 19.26049 ? 137 MET A C   1 
ATOM   1117 O O   . MET A 1 137 ? -3.90312  3.90336   14.82129  1.000 17.42938 ? 137 MET A O   1 
ATOM   1118 C CB  . MET A 1 137 ? -6.70839  2.16702   14.76997  1.000 20.89715 ? 137 MET A CB  1 
ATOM   1119 C CG  . MET A 1 137 ? -7.20774  3.55406   15.04544  1.000 26.93528 ? 137 MET A CG  1 
ATOM   1120 S SD  . MET A 1 137 ? -7.77819  4.34213   13.54799  1.000 30.70328 ? 137 MET A SD  1 
ATOM   1121 C CE  . MET A 1 137 ? -9.06143  3.21814   13.02355  1.000 30.08762 ? 137 MET A CE  1 
ATOM   1122 N N   . GLU A 1 138 ? -3.71372  1.92637   15.89912  1.000 16.86775 ? 138 GLU A N   1 
ATOM   1123 C CA  . GLU A 1 138 ? -2.74568  2.49189   16.82744  1.000 16.75299 ? 138 GLU A CA  1 
ATOM   1124 C C   . GLU A 1 138 ? -1.45230  2.90366   16.12981  1.000 16.67035 ? 138 GLU A C   1 
ATOM   1125 O O   . GLU A 1 138 ? -0.86807  3.93188   16.48704  1.000 17.84717 ? 138 GLU A O   1 
ATOM   1126 C CB  . GLU A 1 138 ? -2.45272  1.51606   17.97185  1.000 16.31944 ? 138 GLU A CB  1 
ATOM   1127 C CG  . GLU A 1 138 ? -1.62351  2.13951   19.10197  1.000 19.70793 ? 138 GLU A CG  1 
ATOM   1128 C CD  . GLU A 1 138 ? -2.30510  3.34274   19.74022  1.000 21.78104 ? 138 GLU A CD  1 
ATOM   1129 O OE1 . GLU A 1 138 ? -3.54647  3.32678   19.87265  1.000 22.82367 ? 138 GLU A OE1 1 
ATOM   1130 O OE2 . GLU A 1 138 ? -1.59295  4.29198   20.14445  1.000 25.87281 ? 138 GLU A OE2 1 
ATOM   1131 N N   . VAL A 1 139 ? -0.99466  2.15421   15.11328  1.000 16.82645 ? 139 VAL A N   1 
ATOM   1132 C CA  . VAL A 1 139 ? 0.23509   2.60891   14.46510  1.000 16.15388 ? 139 VAL A CA  1 
ATOM   1133 C C   . VAL A 1 139 ? -0.02321  3.89513   13.69207  1.000 17.10584 ? 139 VAL A C   1 
ATOM   1134 O O   . VAL A 1 139 ? 0.87422   4.73328   13.57917  1.000 17.61709 ? 139 VAL A O   1 
ATOM   1135 C CB  . VAL A 1 139 ? 0.88732   1.51350   13.58010  1.000 15.72178 ? 139 VAL A CB  1 
ATOM   1136 C CG1 . VAL A 1 139 ? 0.11868   1.25743   12.32821  1.000 16.97560 ? 139 VAL A CG1 1 
ATOM   1137 C CG2 . VAL A 1 139 ? 2.33654   1.90064   13.25119  1.000 17.45040 ? 139 VAL A CG2 1 
ATOM   1138 N N   . LEU A 1 140 ? -1.25405  4.10012   13.20637  1.000 15.55033 ? 140 LEU A N   1 
ATOM   1139 C CA  . LEU A 1 140 ? -1.56938  5.36316   12.54482  1.000 15.39475 ? 140 LEU A CA  1 
ATOM   1140 C C   . LEU A 1 140 ? -1.56602  6.51918   13.54080  1.000 15.75892 ? 140 LEU A C   1 
ATOM   1141 O O   . LEU A 1 140 ? -1.12480  7.62969   13.20820  1.000 17.33874 ? 140 LEU A O   1 
ATOM   1142 C CB  . LEU A 1 140 ? -2.91503  5.24979   11.83088  1.000 16.85214 ? 140 LEU A CB  1 
ATOM   1143 C CG  . LEU A 1 140 ? -2.90818  4.29384   10.64248  1.000 17.91626 ? 140 LEU A CG  1 
ATOM   1144 C CD1 . LEU A 1 140 ? -4.30725  4.07202   10.14734  1.000 16.23207 ? 140 LEU A CD1 1 
ATOM   1145 C CD2 . LEU A 1 140 ? -2.00426  4.81901   9.50305   1.000 17.21808 ? 140 LEU A CD2 1 
ATOM   1146 N N   . LYS A 1 141 ? -2.03928  6.27755   14.76711  1.000 17.41416 ? 141 LYS A N   1 
ATOM   1147 C CA  . LYS A 1 141 ? -1.97824  7.31594   15.79444  1.000 16.40471 ? 141 LYS A CA  1 
ATOM   1148 C C   . LYS A 1 141 ? -0.53147  7.62478   16.17142  1.000 16.89748 ? 141 LYS A C   1 
ATOM   1149 O O   . LYS A 1 141 ? -0.17305  8.78843   16.38454  1.000 19.70343 ? 141 LYS A O   1 
ATOM   1150 C CB  . LYS A 1 141 ? -2.77842  6.88924   17.03183  1.000 18.97039 ? 141 LYS A CB  1 
ATOM   1151 C CG  . LYS A 1 141 ? -4.27707  6.82219   16.82065  1.000 16.66061 ? 141 LYS A CG  1 
ATOM   1152 C CD  . LYS A 1 141 ? -4.99015  6.29941   18.04886  1.000 22.22429 ? 141 LYS A CD  1 
ATOM   1153 C CE  . LYS A 1 141 ? -6.47253  6.12230   17.79239  1.000 22.96339 ? 141 LYS A CE  1 
ATOM   1154 N NZ  . LYS A 1 141 ? -7.15647  5.40879   18.91882  1.000 25.92714 ? 141 LYS A NZ  1 
ATOM   1155 N N   . GLU A 1 142 ? 0.32348   6.59736   16.22952  1.000 17.48430 ? 142 GLU A N   1 
ATOM   1156 C CA  . GLU A 1 142 ? 1.74567   6.82760   16.46871  1.000 16.87978 ? 142 GLU A CA  1 
ATOM   1157 C C   . GLU A 1 142 ? 2.37832   7.61712   15.32634  1.000 18.40934 ? 142 GLU A C   1 
ATOM   1158 O O   . GLU A 1 142 ? 3.26463   8.45017   15.54947  1.000 19.11856 ? 142 GLU A O   1 
ATOM   1159 C CB  . GLU A 1 142 ? 2.47168   5.49109   16.65520  1.000 19.23032 ? 142 GLU A CB  1 
ATOM   1160 C CG  . GLU A 1 142 ? 1.99279   4.71438   17.87255  1.000 19.70674 ? 142 GLU A CG  1 
ATOM   1161 C CD  . GLU A 1 142 ? 2.38918   3.26434   17.86512  1.000 25.42264 ? 142 GLU A CD  1 
ATOM   1162 O OE1 . GLU A 1 142 ? 3.13327   2.82531   16.95318  1.000 23.40238 ? 142 GLU A OE1 1 
ATOM   1163 O OE2 . GLU A 1 142 ? 1.93035   2.55217   18.78218  1.000 27.46247 ? 142 GLU A OE2 1 
ATOM   1164 N N   . LEU A 1 143 ? 1.97034   7.32965   14.09028  1.000 17.36401 ? 143 LEU A N   1 
ATOM   1165 C CA  . LEU A 1 143 ? 2.48615   8.07527   12.95334  1.000 16.33589 ? 143 LEU A CA  1 
ATOM   1166 C C   . LEU A 1 143 ? 2.10904   9.54012   13.06316  1.000 17.97628 ? 143 LEU A C   1 
ATOM   1167 O O   . LEU A 1 143 ? 2.93156   10.42192  12.80722  1.000 19.77398 ? 143 LEU A O   1 
ATOM   1168 C CB  . LEU A 1 143 ? 1.93698   7.48542   11.65047  1.000 16.21726 ? 143 LEU A CB  1 
ATOM   1169 C CG  . LEU A 1 143 ? 2.31381   8.28065   10.39922  1.000 18.72836 ? 143 LEU A CG  1 
ATOM   1170 C CD1 . LEU A 1 143 ? 3.82327   8.28571   10.18497  1.000 18.27194 ? 143 LEU A CD1 1 
ATOM   1171 C CD2 . LEU A 1 143 ? 1.58180   7.74860   9.17815   1.000 20.58225 ? 143 LEU A CD2 1 
ATOM   1172 N N   . GLU A 1 144 ? 0.85783   9.80964   13.41751  1.000 19.11012 ? 144 GLU A N   1 
ATOM   1173 C CA  . GLU A 1 144 ? 0.42213   11.19128  13.58473  1.000 20.08575 ? 144 GLU A CA  1 
ATOM   1174 C C   . GLU A 1 144 ? 1.27822   11.90970  14.61439  1.000 24.55839 ? 144 GLU A C   1 
ATOM   1175 O O   . GLU A 1 144 ? 1.73256   13.03114  14.37702  1.000 23.80143 ? 144 GLU A O   1 
ATOM   1176 C CB  . GLU A 1 144 ? -1.05871  11.22905  13.97138  1.000 22.61556 ? 144 GLU A CB  1 
ATOM   1177 C CG  . GLU A 1 144 ? -1.65925  12.63306  14.08388  1.000 26.42287 ? 144 GLU A CG  1 
ATOM   1178 C CD  . GLU A 1 144 ? -2.13372  13.15565  12.74698  1.000 32.18692 ? 144 GLU A CD  1 
ATOM   1179 O OE1 . GLU A 1 144 ? -1.39722  12.98138  11.75944  1.000 32.95744 ? 144 GLU A OE1 1 
ATOM   1180 O OE2 . GLU A 1 144 ? -3.23899  13.73476  12.67866  1.000 42.54779 ? 144 GLU A OE2 1 
ATOM   1181 N N   . LYS A 1 145 ? 1.53362   11.27120  15.75926  1.000 21.87758 ? 145 LYS A N   1 
ATOM   1182 C CA  . LYS A 1 145 ? 2.34420   11.94080  16.77030  1.000 23.82139 ? 145 LYS A CA  1 
ATOM   1183 C C   . LYS A 1 145 ? 3.77078   12.15070  16.26748  1.000 24.21146 ? 145 LYS A C   1 
ATOM   1184 O O   . LYS A 1 145 ? 4.38194   13.19146  16.53694  1.000 27.83624 ? 145 LYS A O   1 
ATOM   1185 C CB  . LYS A 1 145 ? 2.31373   11.14987  18.07949  1.000 27.16395 ? 145 LYS A CB  1 
ATOM   1186 C CG  . LYS A 1 145 ? 3.42378   11.50057  19.05808  1.000 32.92947 ? 145 LYS A CG  1 
ATOM   1187 C CD  . LYS A 1 145 ? 3.48627   10.51484  20.21815  1.000 40.17743 ? 145 LYS A CD  1 
ATOM   1188 C CE  . LYS A 1 145 ? 4.81933   10.60807  20.95939  1.000 49.48716 ? 145 LYS A CE  1 
ATOM   1189 N NZ  . LYS A 1 145 ? 5.26898   9.29213   21.51164  1.000 53.16389 ? 145 LYS A NZ  1 
ATOM   1190 N N   . PHE A 1 146 ? 4.30386   11.20201  15.48701  1.000 22.00057 ? 146 PHE A N   1 
ATOM   1191 C CA  . PHE A 1 146 ? 5.62808   11.39185  14.90457  1.000 23.31834 ? 146 PHE A CA  1 
ATOM   1192 C C   . PHE A 1 146 ? 5.64231   12.58243  13.95258  1.000 25.20270 ? 146 PHE A C   1 
ATOM   1193 O O   . PHE A 1 146 ? 6.54051   13.42782  14.01738  1.000 28.83257 ? 146 PHE A O   1 
ATOM   1194 C CB  . PHE A 1 146 ? 6.07330   10.11921  14.17791  1.000 23.78882 ? 146 PHE A CB  1 
ATOM   1195 C CG  . PHE A 1 146 ? 7.32174   10.28994  13.34018  1.000 25.71796 ? 146 PHE A CG  1 
ATOM   1196 C CD1 . PHE A 1 146 ? 8.58138   10.17939  13.91125  1.000 29.51734 ? 146 PHE A CD1 1 
ATOM   1197 C CD2 . PHE A 1 146 ? 7.23304   10.52880  11.97452  1.000 26.51400 ? 146 PHE A CD2 1 
ATOM   1198 C CE1 . PHE A 1 146 ? 9.73014   10.32623  13.14433  1.000 28.08317 ? 146 PHE A CE1 1 
ATOM   1199 C CE2 . PHE A 1 146 ? 8.37933   10.67266  11.20677  1.000 25.93421 ? 146 PHE A CE2 1 
ATOM   1200 C CZ  . PHE A 1 146 ? 9.62378   10.56936  11.79414  1.000 27.16166 ? 146 PHE A CZ  1 
ATOM   1201 N N   . LEU A 1 147 ? 4.64634   12.66986  13.06467  1.000 24.45002 ? 147 LEU A N   1 
ATOM   1202 C CA  . LEU A 1 147 ? 4.63892   13.73548  12.06529  1.000 25.19832 ? 147 LEU A CA  1 
ATOM   1203 C C   . LEU A 1 147 ? 4.54574   15.11562  12.70808  1.000 27.15784 ? 147 LEU A C   1 
ATOM   1204 O O   . LEU A 1 147 ? 5.05474   16.09194  12.14551  1.000 31.19415 ? 147 LEU A O   1 
ATOM   1205 C CB  . LEU A 1 147 ? 3.49612   13.52088  11.07106  1.000 24.00912 ? 147 LEU A CB  1 
ATOM   1206 C CG  . LEU A 1 147 ? 3.64317   12.28425  10.17943  1.000 24.58293 ? 147 LEU A CG  1 
ATOM   1207 C CD1 . LEU A 1 147 ? 2.38702   12.05183  9.35781   1.000 23.81224 ? 147 LEU A CD1 1 
ATOM   1208 C CD2 . LEU A 1 147 ? 4.87497   12.37115  9.28590   1.000 26.83792 ? 147 LEU A CD2 1 
ATOM   1209 N N   . ARG A 1 148 ? 3.91643   15.22287  13.87358  1.000 28.20487 ? 148 ARG A N   1 
ATOM   1210 C CA  . ARG A 1 148 ? 3.86889   16.50526  14.58780  1.000 30.25383 ? 148 ARG A CA  1 
ATOM   1211 C C   . ARG A 1 148 ? 4.83690   16.52851  15.76225  1.000 33.56465 ? 148 ARG A C   1 
ATOM   1212 O O   . ARG A 1 148 ? 6.04047   16.32323  15.59566  1.000 37.31983 ? 148 ARG A O   1 
ATOM   1213 C CB  . ARG A 1 148 ? 2.44434   16.79861  15.05886  1.000 34.69852 ? 148 ARG A CB  1 
ATOM   1214 C CG  . ARG A 1 148 ? 1.42103   16.00956  14.29010  1.000 37.33734 ? 148 ARG A CG  1 
ATOM   1215 C CD  . ARG A 1 148 ? 0.01501   16.58216  14.32958  1.000 41.31860 ? 148 ARG A CD  1 
ATOM   1216 N NE  . ARG A 1 148 ? -0.69068  16.26496  15.56370  1.000 42.98804 ? 148 ARG A NE  1 
ATOM   1217 C CZ  . ARG A 1 148 ? -1.98746  16.47482  15.74537  1.000 48.14530 ? 148 ARG A CZ  1 
ATOM   1218 N NH1 . ARG A 1 148 ? -2.74401  16.98727  14.78785  1.000 48.41645 ? 148 ARG A NH1 1 
ATOM   1219 N NH2 . ARG A 1 148 ? -2.54345  16.13967  16.90540  1.000 51.41128 ? 148 ARG A NH2 1 
HETATM 1220 S S   . SO4 B 2 .   ? -5.49314  -7.59361  6.92424   0.750 22.07937 ? 201 SO4 A S   1 
HETATM 1221 O O1  . SO4 B 2 .   ? -5.49043  -6.99900  8.26765   0.750 23.10317 ? 201 SO4 A O1  1 
HETATM 1222 O O2  . SO4 B 2 .   ? -4.59668  -6.91794  5.98806   0.750 22.02187 ? 201 SO4 A O2  1 
HETATM 1223 O O3  . SO4 B 2 .   ? -5.10963  -8.99039  7.05473   0.750 21.71814 ? 201 SO4 A O3  1 
HETATM 1224 O O4  . SO4 B 2 .   ? -6.83179  -7.47193  6.33123   0.750 22.85054 ? 201 SO4 A O4  1 
HETATM 1225 S S   . SO4 C 2 .   ? -8.35600  -13.53495 -0.18493  0.700 31.13960 ? 202 SO4 A S   1 
HETATM 1226 O O1  . SO4 C 2 .   ? -6.96093  -13.13469 -0.32691  0.700 33.52545 ? 202 SO4 A O1  1 
HETATM 1227 O O2  . SO4 C 2 .   ? -8.60253  -14.80270 -0.85118  0.700 32.65625 ? 202 SO4 A O2  1 
HETATM 1228 O O3  . SO4 C 2 .   ? -8.60543  -13.71324 1.23233   0.700 34.94550 ? 202 SO4 A O3  1 
HETATM 1229 O O4  . SO4 C 2 .   ? -9.25566  -12.50453 -0.70491  0.700 32.37613 ? 202 SO4 A O4  1 
HETATM 1230 O O   . HOH D 3 .   ? -7.95233  -12.83594 3.05262   1.000 36.47747 ? 301 HOH A O   1 
HETATM 1231 O O   . HOH D 3 .   ? 7.25548   15.31355  17.04489  1.000 40.64376 ? 302 HOH A O   1 
HETATM 1232 O O   . HOH D 3 .   ? -4.98756  13.49707  13.97844  1.000 41.29226 ? 303 HOH A O   1 
HETATM 1233 O O   . HOH D 3 .   ? -5.91206  -8.87103  4.90091   1.000 37.21040 ? 304 HOH A O   1 
HETATM 1234 O O   . HOH D 3 .   ? -2.32325  3.68128   -16.92503 1.000 35.43294 ? 305 HOH A O   1 
HETATM 1235 O O   . HOH D 3 .   ? -1.03206  14.02521  9.68269   1.000 29.02116 ? 306 HOH A O   1 
HETATM 1236 O O   . HOH D 3 .   ? -9.07516  9.23273   -4.26833  1.000 34.24820 ? 307 HOH A O   1 
HETATM 1237 O O   . HOH D 3 .   ? 11.67273  4.41232   9.65212   1.000 32.64639 ? 308 HOH A O   1 
HETATM 1238 O O   . HOH D 3 .   ? 3.30433   -9.25287  -22.49067 1.000 37.42473 ? 309 HOH A O   1 
HETATM 1239 O O   . HOH D 3 .   ? 1.05100   -13.87378 -17.96062 1.000 36.71127 ? 310 HOH A O   1 
HETATM 1240 O O   . HOH D 3 .   ? -7.84602  10.22435  -1.67442  1.000 32.75944 ? 311 HOH A O   1 
HETATM 1241 O O   . HOH D 3 .   ? 11.59791  -17.94383 5.19745   1.000 29.60132 ? 312 HOH A O   1 
HETATM 1242 O O   . HOH D 3 .   ? 6.01922   3.89135   -17.40415 1.000 30.12704 ? 313 HOH A O   1 
HETATM 1243 O O   . HOH D 3 .   ? 9.75844   -1.88978  5.42454   1.000 19.14102 ? 314 HOH A O   1 
HETATM 1244 O O   . HOH D 3 .   ? -6.40900  -11.64717 -6.27280  1.000 29.87156 ? 315 HOH A O   1 
HETATM 1245 O O   . HOH D 3 .   ? -4.62741  -5.50720  -0.35165  1.000 20.95029 ? 316 HOH A O   1 
HETATM 1246 O O   . HOH D 3 .   ? -7.11057  -2.65267  -17.49561 1.000 38.27667 ? 317 HOH A O   1 
HETATM 1247 O O   . HOH D 3 .   ? 11.82047  -5.22719  -9.65778  1.000 26.81384 ? 318 HOH A O   1 
HETATM 1248 O O   . HOH D 3 .   ? 14.59405  3.96794   -9.15177  1.000 38.69446 ? 319 HOH A O   1 
HETATM 1249 O O   . HOH D 3 .   ? -4.06384  8.96595   -11.42334 1.000 28.85071 ? 320 HOH A O   1 
HETATM 1250 O O   . HOH D 3 .   ? 14.08382  -5.13150  -14.02789 1.000 28.32779 ? 321 HOH A O   1 
HETATM 1251 O O   . HOH D 3 .   ? 11.69511  -16.80973 -7.76030  1.000 38.81197 ? 322 HOH A O   1 
HETATM 1252 O O   . HOH D 3 .   ? 1.48297   11.52268  -4.84248  1.000 32.10944 ? 323 HOH A O   1 
HETATM 1253 O O   . HOH D 3 .   ? 2.15239   -17.60982 7.40535   1.000 23.96881 ? 324 HOH A O   1 
HETATM 1254 O O   . HOH D 3 .   ? -9.21728  -8.48656  6.78714   1.000 30.55568 ? 325 HOH A O   1 
HETATM 1255 O O   . HOH D 3 .   ? -2.48909  -8.40628  -17.59800 1.000 23.45066 ? 326 HOH A O   1 
HETATM 1256 O O   . HOH D 3 .   ? 8.54214   -7.84582  7.26453   1.000 21.60792 ? 327 HOH A O   1 
HETATM 1257 O O   . HOH D 3 .   ? -12.30468 -2.56017  12.03289  1.000 40.39210 ? 328 HOH A O   1 
HETATM 1258 O O   . HOH D 3 .   ? -2.21299  -7.74577  19.37306  1.000 31.34380 ? 329 HOH A O   1 
HETATM 1259 O O   . HOH D 3 .   ? 4.45759   0.56644   16.43121  1.000 29.85474 ? 330 HOH A O   1 
HETATM 1260 O O   . HOH D 3 .   ? 4.00157   -6.62821  12.28693  1.000 33.51775 ? 331 HOH A O   1 
HETATM 1261 O O   . HOH D 3 .   ? -1.36370  -17.42761 -3.04953  1.000 22.81393 ? 332 HOH A O   1 
HETATM 1262 O O   . HOH D 3 .   ? -4.57177  -15.68248 7.55332   1.000 28.37447 ? 333 HOH A O   1 
HETATM 1263 O O   . HOH D 3 .   ? -3.53127  -6.06132  14.29539  1.000 21.35770 ? 334 HOH A O   1 
HETATM 1264 O O   . HOH D 3 .   ? -1.07540  19.39329  1.87560   1.000 26.58669 ? 335 HOH A O   1 
HETATM 1265 O O   . HOH D 3 .   ? -5.13543  -12.88134 -2.29033  1.000 28.52880 ? 336 HOH A O   1 
HETATM 1266 O O   . HOH D 3 .   ? -14.39064 3.04874   -4.38998  1.000 29.57328 ? 337 HOH A O   1 
HETATM 1267 O O   . HOH D 3 .   ? 3.79079   15.08976  18.36017  1.000 31.70748 ? 338 HOH A O   1 
HETATM 1268 O O   . HOH D 3 .   ? 2.68684   -1.37315  15.25307  1.000 23.40350 ? 339 HOH A O   1 
HETATM 1269 O O   . HOH D 3 .   ? -6.33289  -11.25644 6.22026   1.000 35.36684 ? 340 HOH A O   1 
HETATM 1270 O O   . HOH D 3 .   ? -1.04761  -13.47389 11.36196  1.000 24.34765 ? 341 HOH A O   1 
HETATM 1271 O O   . HOH D 3 .   ? -3.96938  -1.72893  -17.68805 1.000 31.64858 ? 342 HOH A O   1 
HETATM 1272 O O   . HOH D 3 .   ? 0.22251   -1.21048  16.47805  1.000 24.70078 ? 343 HOH A O   1 
HETATM 1273 O O   . HOH D 3 .   ? -15.69814 7.10408   5.11244   1.000 33.42934 ? 344 HOH A O   1 
HETATM 1274 O O   . HOH D 3 .   ? 5.48196   -6.56918  10.20122  1.000 28.81459 ? 345 HOH A O   1 
HETATM 1275 O O   . HOH D 3 .   ? -7.47367  19.22480  6.77778   1.000 24.72438 ? 346 HOH A O   1 
HETATM 1276 O O   . HOH D 3 .   ? -1.85070  10.61645  17.64388  1.000 30.46418 ? 347 HOH A O   1 
HETATM 1277 O O   . HOH D 3 .   ? 9.85486   0.92756   -12.75670 1.000 26.88290 ? 348 HOH A O   1 
HETATM 1278 O O   . HOH D 3 .   ? 4.38248   7.32386   -14.42461 1.000 38.65107 ? 349 HOH A O   1 
HETATM 1279 O O   . HOH D 3 .   ? 2.64084   -8.94810  -6.39398  1.000 17.21731 ? 350 HOH A O   1 
HETATM 1280 O O   . HOH D 3 .   ? 12.01144  -10.13959 -0.55965  1.000 31.24572 ? 351 HOH A O   1 
HETATM 1281 O O   . HOH D 3 .   ? -0.19964  18.33498  8.73806   1.000 33.66246 ? 352 HOH A O   1 
HETATM 1282 O O   . HOH D 3 .   ? 10.11056  15.58248  -8.62249  1.000 26.39109 ? 353 HOH A O   1 
HETATM 1283 O O   . HOH D 3 .   ? 13.29169  0.95933   -12.66181 1.000 39.86439 ? 354 HOH A O   1 
HETATM 1284 O O   . HOH D 3 .   ? -10.48900 -6.11791  4.92525   1.000 32.51319 ? 355 HOH A O   1 
HETATM 1285 O O   . HOH D 3 .   ? 12.09542  9.37083   0.28550   1.000 31.51822 ? 356 HOH A O   1 
HETATM 1286 O O   . HOH D 3 .   ? 5.05830   8.24985   17.71872  1.000 26.35426 ? 357 HOH A O   1 
HETATM 1287 O O   . HOH D 3 .   ? 12.49099  -0.29540  -15.18585 1.000 32.88757 ? 358 HOH A O   1 
HETATM 1288 O O   . HOH D 3 .   ? 13.52310  9.84540   -5.69819  1.000 30.16774 ? 359 HOH A O   1 
HETATM 1289 O O   . HOH D 3 .   ? -8.98941  -4.29077  -5.19953  1.000 21.90974 ? 360 HOH A O   1 
HETATM 1290 O O   . HOH D 3 .   ? 0.57461   -14.03672 7.82114   1.000 26.77406 ? 361 HOH A O   1 
HETATM 1291 O O   . HOH D 3 .   ? 11.13855  -8.44835  -7.50590  1.000 29.24801 ? 362 HOH A O   1 
HETATM 1292 O O   . HOH D 3 .   ? 12.98081  -5.31171  -5.40739  1.000 30.67304 ? 363 HOH A O   1 
HETATM 1293 O O   . HOH D 3 .   ? -8.97050  -0.81973  -3.93624  1.000 29.66550 ? 364 HOH A O   1 
HETATM 1294 O O   . HOH D 3 .   ? -1.59163  4.93907   -14.26657 1.000 35.89661 ? 365 HOH A O   1 
HETATM 1295 O O   . HOH D 3 .   ? 14.53015  0.34916   -3.64128  1.000 34.69823 ? 366 HOH A O   1 
HETATM 1296 O O   . HOH D 3 .   ? 6.65036   -4.70373  -18.75297 1.000 30.89868 ? 367 HOH A O   1 
HETATM 1297 O O   . HOH D 3 .   ? -9.24752  -11.15328 -3.26265  1.000 30.09319 ? 368 HOH A O   1 
HETATM 1298 O O   . HOH D 3 .   ? 10.87386  11.50293  6.17410   1.000 34.82975 ? 369 HOH A O   1 
HETATM 1299 O O   . HOH D 3 .   ? -0.39689  -17.95655 -10.32246 1.000 26.07763 ? 370 HOH A O   1 
HETATM 1300 O O   . HOH D 3 .   ? 2.51121   -11.73153 5.30367   1.000 25.81165 ? 371 HOH A O   1 
HETATM 1301 O O   . HOH D 3 .   ? -2.21072  -15.91979 -10.14126 1.000 26.30108 ? 372 HOH A O   1 
HETATM 1302 O O   . HOH D 3 .   ? -3.64941  5.84288   21.52466  1.000 30.40737 ? 373 HOH A O   1 
HETATM 1303 O O   . HOH D 3 .   ? 4.61588   10.47578  -9.53130  1.000 28.23515 ? 374 HOH A O   1 
HETATM 1304 O O   . HOH D 3 .   ? 1.62404   3.93753   21.35202  1.000 35.95126 ? 375 HOH A O   1 
HETATM 1305 O O   . HOH D 3 .   ? -7.54277  13.36127  13.47746  1.000 27.85799 ? 376 HOH A O   1 
HETATM 1306 O O   . HOH D 3 .   ? 6.33525   -17.13271 -10.85084 1.000 24.41194 ? 377 HOH A O   1 
HETATM 1307 O O   . HOH D 3 .   ? 8.60225   -14.22605 -4.49479  1.000 24.82341 ? 378 HOH A O   1 
HETATM 1308 O O   . HOH D 3 .   ? -12.73200 15.18342  0.69123   1.000 28.68664 ? 379 HOH A O   1 
HETATM 1309 O O   . HOH D 3 .   ? 14.37622  4.20903   -2.54668  1.000 38.05656 ? 380 HOH A O   1 
HETATM 1310 O O   . HOH D 3 .   ? 8.80098   1.00841   15.30318  1.000 22.93720 ? 381 HOH A O   1 
HETATM 1311 O O   . HOH D 3 .   ? 12.87560  -3.24148  -7.35161  1.000 27.12196 ? 382 HOH A O   1 
HETATM 1312 O O   . HOH D 3 .   ? 6.34703   -15.85867 -3.94747  1.000 29.98852 ? 383 HOH A O   1 
HETATM 1313 O O   . HOH D 3 .   ? -0.24842  -5.97463  15.28436  1.000 30.56116 ? 384 HOH A O   1 
HETATM 1314 O O   . HOH D 3 .   ? -12.15156 8.39188   13.36046  1.000 41.93203 ? 385 HOH A O   1 
HETATM 1315 O O   . HOH D 3 .   ? -12.52110 -0.99856  8.41936   1.000 34.61130 ? 386 HOH A O   1 
HETATM 1316 O O   . HOH D 3 .   ? 3.42542   11.99920  -11.63770 1.000 34.96247 ? 387 HOH A O   1 
HETATM 1317 O O   . HOH D 3 .   ? -8.09249  -15.07993 -3.83864  1.000 34.07226 ? 388 HOH A O   1 
HETATM 1318 O O   . HOH D 3 .   ? 5.38781   16.48074  9.09840   1.000 41.34504 ? 389 HOH A O   1 
HETATM 1319 O O   . HOH D 3 .   ? -6.48633  -11.30919 3.18913   1.000 32.70169 ? 390 HOH A O   1 
HETATM 1320 O O   . HOH D 3 .   ? -6.63097  11.93683  -11.51290 1.000 37.64224 ? 391 HOH A O   1 
HETATM 1321 O O   . HOH D 3 .   ? 3.01441   -4.66103  15.45591  1.000 35.34105 ? 392 HOH A O   1 
HETATM 1322 O O   . HOH D 3 .   ? 2.76999   15.24452  7.49556   1.000 32.13815 ? 393 HOH A O   1 
HETATM 1323 O O   . HOH D 3 .   ? 11.78352  -19.79608 0.68460   1.000 35.87884 ? 394 HOH A O   1 
HETATM 1324 O O   . HOH D 3 .   ? 12.79789  10.17891  -12.80031 1.000 35.01852 ? 395 HOH A O   1 
HETATM 1325 O O   . HOH D 3 .   ? 9.71413   8.22565   -14.88824 1.000 43.01958 ? 396 HOH A O   1 
HETATM 1326 O O   . HOH D 3 .   ? 15.86273  5.36399   -3.75735  1.000 42.78959 ? 397 HOH A O   1 
HETATM 1327 O O   . HOH D 3 .   ? 7.37126   -8.24809  9.66037   1.000 27.07070 ? 398 HOH A O   1 
HETATM 1328 O O   . HOH D 3 .   ? 11.36617  -10.62716 -2.78961  1.000 31.97071 ? 399 HOH A O   1 
HETATM 1329 O O   . HOH D 3 .   ? -2.24443  17.01257  10.81978  1.000 41.43010 ? 400 HOH A O   1 
HETATM 1330 O O   . HOH D 3 .   ? 10.42367  -16.21083 -5.11961  1.000 36.62757 ? 401 HOH A O   1 
HETATM 1331 O O   . HOH D 3 .   ? 16.28312  7.68196   -5.82113  1.000 39.48501 ? 402 HOH A O   1 
HETATM 1332 O O   . HOH D 3 .   ? 6.60791   -0.00986  16.58363  1.000 35.04873 ? 403 HOH A O   1 
HETATM 1333 O O   . HOH D 3 .   ? -1.13400  13.21369  17.58092  1.000 39.32827 ? 404 HOH A O   1 
HETATM 1334 O O   . HOH D 3 .   ? -6.53889  -10.93141 -3.53989  1.000 28.36619 ? 405 HOH A O   1 
HETATM 1335 O O   . HOH D 3 .   ? 2.60739   -14.88460 8.80524   1.000 34.40183 ? 406 HOH A O   1 
HETATM 1336 O O   . HOH D 3 .   ? 10.57519  -1.13981  14.92416  1.000 25.44548 ? 407 HOH A O   1 
HETATM 1337 O O   . HOH D 3 .   ? 4.81426   -12.08897 7.25323   1.000 31.40443 ? 408 HOH A O   1 
HETATM 1338 O O   . HOH D 3 .   ? 9.87695   -12.81684 -2.54791  1.000 30.00059 ? 409 HOH A O   1 
HETATM 1339 O O   . HOH D 3 .   ? -9.35985  -12.24759 -10.14113 1.000 40.99523 ? 410 HOH A O   1 
HETATM 1340 O O   . HOH D 3 .   ? -11.90566 -5.72922  -6.84196  1.000 34.39861 ? 411 HOH A O   1 
HETATM 1341 O O   . HOH D 3 .   ? 0.81834   15.86810  9.30216   1.000 35.13613 ? 412 HOH A O   1 
HETATM 1342 O O   . HOH D 3 .   ? 13.09003  2.45508   15.16659  1.000 35.52321 ? 413 HOH A O   1 
HETATM 1343 O O   . HOH D 3 .   ? -8.43805  -12.73434 -7.52814  1.000 37.92188 ? 414 HOH A O   1 
HETATM 1344 O O   . HOH D 3 .   ? 8.56246   18.60110  13.89313  1.000 45.06649 ? 415 HOH A O   1 
HETATM 1345 O O   . HOH D 3 .   ? 1.92630   -18.00689 -12.18687 1.000 32.78805 ? 416 HOH A O   1 
HETATM 1346 O O   . HOH D 3 .   ? 13.50850  -0.25775  -6.12744  1.000 33.44541 ? 417 HOH A O   1 
HETATM 1347 O O   . HOH D 3 .   ? 4.93569   -3.42405  16.08880  1.000 35.77962 ? 418 HOH A O   1 
HETATM 1348 O O   . HOH D 3 .   ? -9.70128  9.25424   14.21632  1.000 37.21129 ? 419 HOH A O   1 
HETATM 1349 O O   . HOH D 3 .   ? -11.92567 -5.19494  15.82981  1.000 36.83029 ? 420 HOH A O   1 
HETATM 1350 O O   . HOH D 3 .   ? -10.98618 -11.67232 -5.75603  1.000 41.21926 ? 421 HOH A O   1 
HETATM 1351 O O   . HOH D 3 .   ? 10.16479  3.25136   16.06917  1.000 33.36304 ? 422 HOH A O   1 
HETATM 1352 O O   . HOH D 3 .   ? -4.06246  10.87452  15.71228  1.000 38.96218 ? 423 HOH A O   1 
HETATM 1353 O O   . HOH D 3 .   ? 12.69724  -6.51045  -7.80480  1.000 30.14501 ? 424 HOH A O   1 
HETATM 1354 O O   . HOH D 3 .   ? -15.59835 6.60384   7.77184   1.000 40.57157 ? 425 HOH A O   1 
HETATM 1355 O O   . HOH D 3 .   ? -3.98942  -15.84946 -8.54123  1.000 31.68236 ? 426 HOH A O   1 
HETATM 1356 O O   . HOH D 3 .   ? 9.37626   -10.54461 7.13601   1.000 33.32150 ? 427 HOH A O   1 
HETATM 1357 O O   . HOH D 3 .   ? 4.82783   -8.69077  13.70938  1.000 40.86385 ? 428 HOH A O   1 
HETATM 1358 O O   . HOH D 3 .   ? -18.78522 -1.95886  5.62090   1.000 39.77868 ? 429 HOH A O   1 
# 
